data_7X3V
#
_entry.id   7X3V
#
_cell.length_a   1.00
_cell.length_b   1.00
_cell.length_c   1.00
_cell.angle_alpha   90.00
_cell.angle_beta   90.00
_cell.angle_gamma   90.00
#
_symmetry.space_group_name_H-M   'P 1'
#
loop_
_entity.id
_entity.type
_entity.pdbx_description
1 polymer 'Histone H3'
2 polymer 'Histone H4'
3 polymer 'Histone H2A'
4 polymer 'Histone H2B 1.1'
5 polymer 'DNA (146-MER)'
6 polymer 'DNA (146-MER)'
7 polymer 'ISWI one complex protein 3'
#
loop_
_entity_poly.entity_id
_entity_poly.type
_entity_poly.pdbx_seq_one_letter_code
_entity_poly.pdbx_strand_id
1 'polypeptide(L)'
;MARTKQTARKSTGGKAPRKQLATKAARKSAPATGGVKKPHRYRPGTVALREIRRYQKSTELLIRKLPFQRLVREIAQDFK
TDLRFQSSAVMALQEASEAYLVALFEDTNLCAIHAKRVTIMPKDIQLARRIRGERA
;
A,E
2 'polypeptide(L)'
;MSGRGKGGKGLGKGGAKRHRKVLRDNIQGITKPAIRRLARRGGVKRISGLIYEETRGVLKVFLENVIRDAVTYTEHAKRK
TVTAMDVVYALKRQGRTLYGFGG
;
B,F
3 'polypeptide(L)'
;MSGRGKQGGKTRAKAKTRSSRAGLQFPVGRVHRLLRKGNYAERVGAGAPVYLAAVLEYLTAEILELAGNAARDNKKTRII
PRHLQLAVRNDEELNKLLGRVTIAQGGVLPNIQSVLLPKKTESSKSAKSK
;
C,G
4 'polypeptide(L)'
;MPEPAKSAPAPKKGSKKAVTKTQKKDGKKRRKSRKESYAIYVYKVLKQVHPDTGISSKAMSIMNSFVNDVFERIAGEASR
LAHYNKRSTITSREIQTAVRLLLPGELAKHAVSEGTKAVTKYTSAK
;
D,H
5 'polydeoxyribonucleotide'
;(DC)(DT)(DG)(DG)(DA)(DG)(DA)(DA)(DT)(DC)(DC)(DC)(DG)(DG)(DT)(DG)(DC)(DC)(DG)(DA)
(DG)(DG)(DC)(DC)(DG)(DC)(DT)(DC)(DA)(DA)(DT)(DT)(DG)(DG)(DT)(DC)(DG)(DT)(DA)(DG)
(DA)(DC)(DA)(DG)(DC)(DT)(DC)(DT)(DA)(DG)(DC)(DA)(DC)(DC)(DG)(DC)(DT)(DT)(DA)(DA)
(DA)(DC)(DG)(DC)(DA)(DC)(DG)(DT)(DA)(DC)(DG)(DC)(DG)(DC)(DT)(DG)(DT)(DC)(DC)(DC)
(DC)(DC)(DG)(DC)(DG)(DT)(DT)(DT)(DT)(DA)(DA)(DC)(DC)(DG)(DC)(DC)(DA)(DA)(DG)(DG)
(DG)(DG)(DA)(DT)(DT)(DA)(DC)(DT)(DC)(DC)(DC)(DT)(DA)(DG)(DT)(DC)(DT)(DC)(DC)(DA)
(DG)(DG)(DC)(DA)(DC)(DG)(DT)(DG)(DT)(DC)(DA)(DG)(DA)(DT)(DA)(DT)(DA)(DT)(DA)(DC)
(DA)(DT)(DC)(DC)(DT)(DG)(DA)
;
I
6 'polydeoxyribonucleotide'
;(DT)(DC)(DA)(DG)(DG)(DA)(DT)(DG)(DT)(DA)(DT)(DA)(DT)(DA)(DT)(DC)(DT)(DG)(DA)(DC)
(DA)(DC)(DG)(DT)(DG)(DC)(DC)(DT)(DG)(DG)(DA)(DG)(DA)(DC)(DT)(DA)(DG)(DG)(DG)(DA)
(DG)(DT)(DA)(DA)(DT)(DC)(DC)(DC)(DC)(DT)(DT)(DG)(DG)(DC)(DG)(DG)(DT)(DT)(DA)(DA)
(DA)(DA)(DC)(DG)(DC)(DG)(DG)(DG)(DG)(DG)(DA)(DC)(DA)(DG)(DC)(DG)(DC)(DG)(DT)(DA)
(DC)(DG)(DT)(DG)(DC)(DG)(DT)(DT)(DT)(DA)(DA)(DG)(DC)(DG)(DG)(DT)(DG)(DC)(DT)(DA)
(DG)(DA)(DG)(DC)(DT)(DG)(DT)(DC)(DT)(DA)(DC)(DG)(DA)(DC)(DC)(DA)(DA)(DT)(DT)(DG)
(DA)(DG)(DC)(DG)(DG)(DC)(DC)(DT)(DC)(DG)(DG)(DC)(DA)(DC)(DC)(DG)(DG)(DG)(DA)(DT)
(DT)(DC)(DT)(DC)(DC)(DA)
;
J
7 'polypeptide(L)'
;MVAPKPKPAHEQVEPALIPSNWTSVIPLLTSDFKNQYSVISRLKNPNMKPVPYAGDIIKLMAFINKFSSFFHSDLQNLSF
QDFEVGLDLYPGDPNGSAAGIVKGPEDTSLLLYPDFMAIKDIVYCQDKMNLLFLSLLDLTFTENFDGKSAKKKGPLTTWE
NLKSSSKKVFSNPLYRLRLVAREWGYPREWRQQLPSDQDISKPKTALFEQDEQTPVVDPSHPEILTPNIYTWNANEPLPL
ESNPLYNREMDKNGILALKPMDRVVLLRALTDWCASHSSAIHDEIYKLTHGKKDPVFGIQTQQVPRYTIEGVDNTINQFK
KLCSLIQSRYEIRSKKKHFVKQLKEGKKPDLSRKLEILKEIKAELKNAVKSEKDELLFSLYDKWVPLFEGELPDQPLANP
FSERLYKLRLQEFFLGRVPHIGDFYMPRLHSYGDSLEMSTFTDLRNLQALLSKFKNNEYNAFTLFENDGQSMSAQFKLFY
HDTPSLAHDVARGRNTSGKVYWYELCHDSATLLEFLEFLDYKIVKPQDEKKEGNEKEKEALNNEAHILEQKSTTDNNPSI
NTNPLPKDAKYNTARKKLQILKEFLSDYYFILRQFEQMKVQFADMKPGKRQLRRIQRQTVNYNT
;
U
#
loop_
_chem_comp.id
_chem_comp.type
_chem_comp.name
_chem_comp.formula
DA DNA linking 2'-DEOXYADENOSINE-5'-MONOPHOSPHATE 'C10 H14 N5 O6 P'
DC DNA linking 2'-DEOXYCYTIDINE-5'-MONOPHOSPHATE 'C9 H14 N3 O7 P'
DG DNA linking 2'-DEOXYGUANOSINE-5'-MONOPHOSPHATE 'C10 H14 N5 O7 P'
DT DNA linking THYMIDINE-5'-MONOPHOSPHATE 'C10 H15 N2 O8 P'
#
# COMPACT_ATOMS: atom_id res chain seq x y z
N LYS A 38 51.42 22.55 -7.66
CA LYS A 38 50.25 22.60 -6.79
C LYS A 38 48.99 22.93 -7.57
N PRO A 39 48.20 21.91 -7.88
CA PRO A 39 46.91 22.17 -8.53
C PRO A 39 46.05 23.08 -7.66
N HIS A 40 45.36 24.01 -8.30
CA HIS A 40 44.53 24.95 -7.58
C HIS A 40 43.22 24.30 -7.19
N ARG A 41 42.80 24.48 -5.94
CA ARG A 41 41.53 23.96 -5.48
C ARG A 41 40.81 25.00 -4.64
N TYR A 42 39.50 25.10 -4.84
CA TYR A 42 38.67 25.90 -3.96
C TYR A 42 38.38 25.17 -2.66
N ARG A 43 38.19 25.95 -1.60
CA ARG A 43 37.88 25.39 -0.30
C ARG A 43 36.50 24.74 -0.34
N PRO A 44 36.28 23.72 0.46
CA PRO A 44 34.97 23.06 0.46
C PRO A 44 33.87 24.00 0.92
N GLY A 45 32.98 24.36 0.02
CA GLY A 45 31.91 25.26 0.37
C GLY A 45 31.79 26.42 -0.60
N THR A 46 32.89 26.82 -1.22
CA THR A 46 32.85 27.95 -2.13
C THR A 46 32.07 27.62 -3.39
N VAL A 47 32.35 26.47 -3.99
CA VAL A 47 31.62 26.07 -5.18
C VAL A 47 30.16 25.86 -4.87
N ALA A 48 29.84 25.38 -3.67
CA ALA A 48 28.45 25.23 -3.28
C ALA A 48 27.72 26.56 -3.27
N LEU A 49 28.34 27.61 -2.72
CA LEU A 49 27.71 28.92 -2.75
C LEU A 49 27.59 29.44 -4.17
N ARG A 50 28.62 29.20 -4.99
CA ARG A 50 28.55 29.64 -6.36
C ARG A 50 27.36 29.00 -7.07
N GLU A 51 27.15 27.71 -6.84
CA GLU A 51 26.00 27.03 -7.42
C GLU A 51 24.69 27.57 -6.86
N ILE A 52 24.66 27.88 -5.56
CA ILE A 52 23.43 28.43 -5.00
C ILE A 52 23.03 29.68 -5.75
N ARG A 53 23.99 30.58 -5.97
CA ARG A 53 23.68 31.79 -6.73
C ARG A 53 23.28 31.45 -8.15
N ARG A 54 24.01 30.55 -8.79
CA ARG A 54 23.74 30.24 -10.18
C ARG A 54 22.33 29.70 -10.37
N TYR A 55 21.90 28.82 -9.49
CA TYR A 55 20.58 28.22 -9.66
C TYR A 55 19.47 29.02 -9.04
N GLN A 56 19.76 29.97 -8.16
CA GLN A 56 18.69 30.86 -7.75
C GLN A 56 18.50 31.99 -8.73
N LYS A 57 19.45 32.19 -9.65
CA LYS A 57 19.28 33.20 -10.66
C LYS A 57 18.53 32.70 -11.89
N SER A 58 18.69 31.43 -12.26
CA SER A 58 18.04 30.91 -13.45
C SER A 58 16.61 30.48 -13.14
N THR A 59 15.90 30.00 -14.17
CA THR A 59 14.53 29.55 -14.00
C THR A 59 14.20 28.25 -14.73
N GLU A 60 15.17 27.58 -15.36
CA GLU A 60 14.81 26.40 -16.12
C GLU A 60 14.66 25.20 -15.20
N LEU A 61 14.15 24.11 -15.77
CA LEU A 61 13.90 22.90 -14.99
C LEU A 61 15.20 22.18 -14.69
N LEU A 62 15.28 21.57 -13.52
CA LEU A 62 16.51 20.97 -13.05
C LEU A 62 16.54 19.46 -13.17
N ILE A 63 15.44 18.83 -13.51
CA ILE A 63 15.41 17.39 -13.73
C ILE A 63 15.37 17.13 -15.22
N ARG A 64 16.01 16.04 -15.64
CA ARG A 64 15.97 15.67 -17.05
C ARG A 64 14.54 15.35 -17.46
N LYS A 65 14.21 15.66 -18.71
CA LYS A 65 12.84 15.49 -19.19
C LYS A 65 12.44 14.03 -19.30
N LEU A 66 13.19 13.25 -20.07
CA LEU A 66 12.80 11.87 -20.32
C LEU A 66 12.71 11.02 -19.06
N PRO A 67 13.68 11.04 -18.15
CA PRO A 67 13.51 10.22 -16.94
C PRO A 67 12.28 10.58 -16.15
N PHE A 68 11.96 11.86 -16.05
CA PHE A 68 10.78 12.26 -15.29
C PHE A 68 9.51 11.81 -16.00
N GLN A 69 9.51 11.88 -17.33
CA GLN A 69 8.35 11.41 -18.08
C GLN A 69 8.13 9.92 -17.88
N ARG A 70 9.19 9.13 -17.92
CA ARG A 70 9.04 7.71 -17.64
C ARG A 70 8.57 7.47 -16.22
N LEU A 71 9.04 8.27 -15.27
CA LEU A 71 8.54 8.12 -13.92
C LEU A 71 7.05 8.37 -13.84
N VAL A 72 6.57 9.39 -14.53
CA VAL A 72 5.14 9.68 -14.54
C VAL A 72 4.36 8.51 -15.11
N ARG A 73 4.83 7.94 -16.22
CA ARG A 73 4.10 6.83 -16.82
C ARG A 73 4.12 5.60 -15.92
N GLU A 74 5.25 5.31 -15.29
CA GLU A 74 5.31 4.19 -14.38
C GLU A 74 4.35 4.35 -13.23
N ILE A 75 4.27 5.55 -12.66
CA ILE A 75 3.32 5.74 -11.58
C ILE A 75 1.90 5.57 -12.07
N ALA A 76 1.59 6.10 -13.25
CA ALA A 76 0.23 6.08 -13.73
C ALA A 76 -0.23 4.71 -14.20
N GLN A 77 0.69 3.75 -14.38
CA GLN A 77 0.26 2.38 -14.68
C GLN A 77 -0.75 1.85 -13.70
N ASP A 78 -0.56 2.14 -12.42
CA ASP A 78 -1.38 1.49 -11.39
C ASP A 78 -2.85 1.89 -11.50
N PHE A 79 -3.14 3.06 -12.03
CA PHE A 79 -4.51 3.54 -11.95
C PHE A 79 -5.31 3.15 -13.18
N LYS A 80 -4.76 3.37 -14.37
CA LYS A 80 -5.43 2.92 -15.57
C LYS A 80 -4.39 2.48 -16.57
N THR A 81 -4.73 1.48 -17.35
CA THR A 81 -3.81 0.91 -18.32
C THR A 81 -3.92 1.62 -19.66
N ASP A 82 -2.76 1.76 -20.32
CA ASP A 82 -2.68 2.33 -21.65
C ASP A 82 -3.21 3.77 -21.68
N LEU A 83 -2.78 4.55 -20.69
CA LEU A 83 -3.05 5.98 -20.70
C LEU A 83 -2.12 6.69 -21.65
N ARG A 84 -2.62 7.78 -22.20
CA ARG A 84 -1.84 8.73 -22.97
C ARG A 84 -1.74 10.02 -22.19
N PHE A 85 -0.66 10.75 -22.42
CA PHE A 85 -0.43 12.02 -21.76
C PHE A 85 -0.20 13.09 -22.81
N GLN A 86 -0.87 14.21 -22.68
CA GLN A 86 -0.47 15.37 -23.43
C GLN A 86 0.91 15.80 -22.98
N SER A 87 1.65 16.44 -23.87
CA SER A 87 2.97 16.93 -23.49
C SER A 87 2.88 17.99 -22.41
N SER A 88 1.90 18.89 -22.52
CA SER A 88 1.74 19.90 -21.50
C SER A 88 1.36 19.30 -20.17
N ALA A 89 0.72 18.14 -20.15
CA ALA A 89 0.41 17.51 -18.87
C ALA A 89 1.68 17.14 -18.13
N VAL A 90 2.63 16.52 -18.83
CA VAL A 90 3.89 16.16 -18.20
C VAL A 90 4.65 17.41 -17.79
N MET A 91 4.65 18.44 -18.64
CA MET A 91 5.31 19.68 -18.23
C MET A 91 4.69 20.27 -16.97
N ALA A 92 3.37 20.25 -16.87
CA ALA A 92 2.73 20.78 -15.67
C ALA A 92 3.11 19.97 -14.44
N LEU A 93 3.12 18.64 -14.57
CA LEU A 93 3.54 17.81 -13.46
C LEU A 93 4.95 18.14 -13.03
N GLN A 94 5.84 18.37 -13.99
CA GLN A 94 7.23 18.62 -13.63
C GLN A 94 7.41 19.99 -13.00
N GLU A 95 6.70 20.99 -13.49
CA GLU A 95 6.77 22.31 -12.85
C GLU A 95 6.29 22.24 -11.41
N ALA A 96 5.13 21.62 -11.20
CA ALA A 96 4.61 21.52 -9.85
C ALA A 96 5.55 20.74 -8.95
N SER A 97 6.13 19.65 -9.46
CA SER A 97 6.99 18.80 -8.65
C SER A 97 8.24 19.53 -8.24
N GLU A 98 8.91 20.19 -9.18
CA GLU A 98 10.13 20.91 -8.86
C GLU A 98 9.86 22.04 -7.89
N ALA A 99 8.75 22.76 -8.08
CA ALA A 99 8.41 23.83 -7.15
C ALA A 99 8.22 23.27 -5.75
N TYR A 100 7.54 22.14 -5.65
CA TYR A 100 7.28 21.54 -4.36
C TYR A 100 8.58 21.14 -3.67
N LEU A 101 9.47 20.47 -4.40
CA LEU A 101 10.71 20.03 -3.78
C LEU A 101 11.57 21.21 -3.35
N VAL A 102 11.62 22.26 -4.16
CA VAL A 102 12.42 23.43 -3.80
C VAL A 102 11.91 24.06 -2.51
N ALA A 103 10.60 24.22 -2.40
CA ALA A 103 10.05 24.79 -1.17
C ALA A 103 10.32 23.88 0.03
N LEU A 104 10.21 22.57 -0.17
CA LEU A 104 10.47 21.65 0.91
C LEU A 104 11.91 21.76 1.37
N PHE A 105 12.84 21.94 0.43
CA PHE A 105 14.23 22.09 0.83
C PHE A 105 14.47 23.38 1.59
N GLU A 106 13.75 24.45 1.26
CA GLU A 106 13.87 25.66 2.06
C GLU A 106 13.47 25.41 3.51
N ASP A 107 12.33 24.74 3.71
CA ASP A 107 11.92 24.42 5.08
C ASP A 107 12.93 23.51 5.76
N THR A 108 13.44 22.52 5.02
CA THR A 108 14.43 21.61 5.57
C THR A 108 15.66 22.37 6.04
N ASN A 109 16.10 23.33 5.24
CA ASN A 109 17.25 24.13 5.60
C ASN A 109 17.01 24.91 6.87
N LEU A 110 15.81 25.46 7.02
CA LEU A 110 15.50 26.17 8.26
C LEU A 110 15.60 25.24 9.45
N CYS A 111 15.10 24.02 9.32
CA CYS A 111 15.20 23.07 10.43
C CYS A 111 16.64 22.75 10.77
N ALA A 112 17.46 22.52 9.75
CA ALA A 112 18.87 22.21 9.98
C ALA A 112 19.57 23.36 10.68
N ILE A 113 19.35 24.58 10.23
CA ILE A 113 19.93 25.74 10.90
C ILE A 113 19.44 25.82 12.34
N HIS A 114 18.17 25.51 12.57
CA HIS A 114 17.66 25.55 13.94
C HIS A 114 18.44 24.62 14.83
N ALA A 115 18.73 23.42 14.37
CA ALA A 115 19.46 22.50 15.20
C ALA A 115 20.96 22.78 15.26
N LYS A 116 21.41 23.94 14.78
CA LYS A 116 22.82 24.33 14.79
C LYS A 116 23.67 23.42 13.92
N ARG A 117 23.27 23.29 12.66
CA ARG A 117 24.01 22.52 11.67
C ARG A 117 24.03 23.30 10.38
N VAL A 118 24.80 22.81 9.41
CA VAL A 118 24.70 23.27 8.04
C VAL A 118 24.38 22.16 7.08
N THR A 119 24.54 20.92 7.47
CA THR A 119 24.19 19.77 6.66
C THR A 119 22.73 19.42 6.92
N ILE A 120 21.98 19.24 5.86
CA ILE A 120 20.60 18.79 6.03
C ILE A 120 20.61 17.28 6.12
N MET A 121 19.72 16.73 6.92
CA MET A 121 19.67 15.32 7.24
C MET A 121 18.24 14.83 7.12
N PRO A 122 18.04 13.53 6.95
CA PRO A 122 16.67 13.03 6.74
C PRO A 122 15.71 13.46 7.83
N LYS A 123 16.18 13.53 9.07
CA LYS A 123 15.28 13.93 10.14
C LYS A 123 14.81 15.36 9.97
N ASP A 124 15.59 16.19 9.28
CA ASP A 124 15.13 17.55 9.00
C ASP A 124 13.95 17.54 8.04
N ILE A 125 14.02 16.72 6.99
CA ILE A 125 12.89 16.59 6.10
C ILE A 125 11.68 16.09 6.85
N GLN A 126 11.87 15.08 7.71
CA GLN A 126 10.73 14.52 8.42
C GLN A 126 10.11 15.54 9.35
N LEU A 127 10.91 16.33 10.05
CA LEU A 127 10.36 17.36 10.92
C LEU A 127 9.59 18.39 10.10
N ALA A 128 10.14 18.81 8.97
CA ALA A 128 9.45 19.80 8.15
C ALA A 128 8.10 19.29 7.69
N ARG A 129 8.07 18.04 7.21
CA ARG A 129 6.82 17.52 6.69
C ARG A 129 5.82 17.24 7.80
N ARG A 130 6.31 16.98 9.01
CA ARG A 130 5.39 16.78 10.12
C ARG A 130 4.78 18.10 10.57
N ILE A 131 5.59 19.16 10.64
CA ILE A 131 5.05 20.46 11.00
C ILE A 131 4.05 20.93 9.97
N ARG A 132 4.36 20.72 8.69
CA ARG A 132 3.45 21.16 7.63
C ARG A 132 2.11 20.48 7.74
N GLY A 133 2.10 19.19 8.06
CA GLY A 133 0.86 18.45 8.16
C GLY A 133 0.80 17.35 7.13
N GLU A 134 1.95 16.95 6.59
CA GLU A 134 2.01 15.93 5.57
C GLU A 134 2.31 14.56 6.14
N ARG A 135 2.51 14.44 7.44
CA ARG A 135 2.85 13.18 8.08
C ARG A 135 2.60 13.26 9.58
N LYS B 21 3.87 -3.78 -22.02
CA LYS B 21 5.22 -3.63 -21.51
C LYS B 21 5.20 -3.07 -20.09
N VAL B 22 5.98 -3.65 -19.20
CA VAL B 22 6.00 -3.20 -17.82
C VAL B 22 7.08 -2.15 -17.66
N LEU B 23 6.84 -1.22 -16.74
CA LEU B 23 7.79 -0.19 -16.40
C LEU B 23 8.22 -0.37 -14.95
N ARG B 24 9.50 -0.25 -14.69
CA ARG B 24 10.00 -0.45 -13.35
C ARG B 24 11.29 0.33 -13.16
N ASP B 25 11.58 0.66 -11.90
CA ASP B 25 12.84 1.27 -11.52
C ASP B 25 13.09 2.57 -12.26
N ASN B 26 12.04 3.36 -12.46
CA ASN B 26 12.23 4.64 -13.11
C ASN B 26 12.53 5.75 -12.12
N ILE B 27 12.27 5.53 -10.83
CA ILE B 27 12.60 6.54 -9.85
C ILE B 27 14.10 6.71 -9.74
N GLN B 28 14.87 5.71 -10.17
CA GLN B 28 16.31 5.87 -10.19
C GLN B 28 16.76 6.84 -11.25
N GLY B 29 15.87 7.30 -12.11
CA GLY B 29 16.18 8.34 -13.05
C GLY B 29 16.20 9.73 -12.46
N ILE B 30 15.69 9.88 -11.24
CA ILE B 30 15.86 11.12 -10.50
C ILE B 30 17.23 11.04 -9.87
N THR B 31 18.24 11.55 -10.55
CA THR B 31 19.60 11.25 -10.14
C THR B 31 20.01 12.05 -8.93
N LYS B 32 21.12 11.64 -8.34
CA LYS B 32 21.77 12.41 -7.28
C LYS B 32 22.08 13.85 -7.68
N PRO B 33 22.76 14.12 -8.80
CA PRO B 33 23.02 15.52 -9.15
C PRO B 33 21.78 16.35 -9.38
N ALA B 34 20.70 15.78 -9.90
CA ALA B 34 19.47 16.54 -10.05
C ALA B 34 18.90 16.94 -8.70
N ILE B 35 18.91 16.01 -7.75
CA ILE B 35 18.41 16.33 -6.42
C ILE B 35 19.26 17.42 -5.79
N ARG B 36 20.57 17.36 -5.97
CA ARG B 36 21.36 18.40 -5.33
C ARG B 36 21.26 19.73 -6.05
N ARG B 37 20.91 19.74 -7.33
CA ARG B 37 20.57 21.02 -7.96
C ARG B 37 19.31 21.62 -7.37
N LEU B 38 18.30 20.79 -7.12
CA LEU B 38 17.10 21.32 -6.46
C LEU B 38 17.44 21.84 -5.07
N ALA B 39 18.30 21.11 -4.36
CA ALA B 39 18.71 21.57 -3.04
C ALA B 39 19.46 22.89 -3.13
N ARG B 40 20.30 23.06 -4.14
CA ARG B 40 20.99 24.33 -4.32
C ARG B 40 20.00 25.45 -4.54
N ARG B 41 19.02 25.25 -5.43
CA ARG B 41 18.04 26.31 -5.63
C ARG B 41 17.28 26.58 -4.34
N GLY B 42 17.14 25.58 -3.49
CA GLY B 42 16.57 25.84 -2.20
C GLY B 42 17.47 26.55 -1.22
N GLY B 43 18.70 26.85 -1.60
CA GLY B 43 19.61 27.53 -0.70
C GLY B 43 20.31 26.63 0.28
N VAL B 44 20.51 25.37 -0.05
CA VAL B 44 21.13 24.41 0.84
C VAL B 44 22.61 24.29 0.51
N LYS B 45 23.45 24.39 1.52
CA LYS B 45 24.88 24.48 1.30
C LYS B 45 25.61 23.16 1.45
N ARG B 46 25.19 22.30 2.36
CA ARG B 46 25.79 20.99 2.54
C ARG B 46 24.68 19.96 2.62
N ILE B 47 24.91 18.78 2.06
CA ILE B 47 23.86 17.77 1.93
C ILE B 47 24.37 16.44 2.45
N SER B 48 23.63 15.85 3.38
CA SER B 48 24.00 14.52 3.86
C SER B 48 23.80 13.49 2.78
N GLY B 49 24.43 12.32 2.97
CA GLY B 49 24.37 11.29 1.96
C GLY B 49 23.07 10.51 1.94
N LEU B 50 22.33 10.53 3.02
CA LEU B 50 21.07 9.81 3.10
C LEU B 50 19.89 10.62 2.58
N ILE B 51 20.12 11.86 2.19
CA ILE B 51 19.01 12.70 1.73
C ILE B 51 18.39 12.14 0.48
N TYR B 52 19.23 11.73 -0.47
CA TYR B 52 18.73 11.44 -1.82
C TYR B 52 17.63 10.41 -1.79
N GLU B 53 17.89 9.25 -1.19
CA GLU B 53 16.84 8.24 -1.12
C GLU B 53 15.59 8.80 -0.48
N GLU B 54 15.75 9.47 0.66
CA GLU B 54 14.60 10.08 1.32
C GLU B 54 13.84 10.98 0.36
N THR B 55 14.55 11.85 -0.35
CA THR B 55 13.89 12.77 -1.25
C THR B 55 13.10 12.02 -2.30
N ARG B 56 13.69 10.97 -2.87
CA ARG B 56 12.97 10.20 -3.88
C ARG B 56 11.65 9.74 -3.32
N GLY B 57 11.67 9.18 -2.12
CA GLY B 57 10.43 8.72 -1.53
C GLY B 57 9.39 9.83 -1.47
N VAL B 58 9.81 10.99 -0.99
CA VAL B 58 8.88 12.11 -0.89
C VAL B 58 8.29 12.41 -2.25
N LEU B 59 9.13 12.53 -3.27
CA LEU B 59 8.63 12.84 -4.60
C LEU B 59 7.59 11.83 -5.02
N LYS B 60 7.90 10.55 -4.83
CA LYS B 60 6.97 9.51 -5.25
C LYS B 60 5.61 9.76 -4.66
N VAL B 61 5.56 9.97 -3.34
CA VAL B 61 4.28 10.17 -2.68
C VAL B 61 3.55 11.34 -3.31
N PHE B 62 4.24 12.46 -3.48
CA PHE B 62 3.60 13.63 -4.07
C PHE B 62 2.96 13.27 -5.40
N LEU B 63 3.73 12.66 -6.28
CA LEU B 63 3.17 12.38 -7.59
C LEU B 63 2.00 11.44 -7.47
N GLU B 64 2.12 10.43 -6.63
CA GLU B 64 1.04 9.46 -6.50
C GLU B 64 -0.24 10.15 -6.12
N ASN B 65 -0.17 11.22 -5.34
CA ASN B 65 -1.39 11.90 -4.93
C ASN B 65 -1.99 12.66 -6.09
N VAL B 66 -1.17 13.39 -6.84
CA VAL B 66 -1.73 14.25 -7.87
C VAL B 66 -2.16 13.42 -9.08
N ILE B 67 -1.33 12.48 -9.52
CA ILE B 67 -1.67 11.70 -10.69
C ILE B 67 -2.95 10.92 -10.44
N ARG B 68 -3.07 10.31 -9.28
CA ARG B 68 -4.33 9.64 -8.94
C ARG B 68 -5.50 10.56 -9.23
N ASP B 69 -5.49 11.75 -8.63
CA ASP B 69 -6.60 12.67 -8.83
C ASP B 69 -6.76 13.00 -10.29
N ALA B 70 -5.66 13.25 -10.99
CA ALA B 70 -5.76 13.59 -12.40
C ALA B 70 -6.47 12.50 -13.16
N VAL B 71 -6.10 11.25 -12.93
CA VAL B 71 -6.76 10.18 -13.66
C VAL B 71 -8.23 10.12 -13.31
N THR B 72 -8.56 10.42 -12.06
CA THR B 72 -9.97 10.42 -11.67
C THR B 72 -10.78 11.37 -12.53
N TYR B 73 -10.19 12.51 -12.90
CA TYR B 73 -10.91 13.40 -13.80
C TYR B 73 -10.99 12.81 -15.19
N THR B 74 -9.89 12.26 -15.67
CA THR B 74 -9.84 11.72 -17.02
C THR B 74 -10.84 10.60 -17.20
N GLU B 75 -10.92 9.70 -16.25
CA GLU B 75 -11.91 8.64 -16.31
C GLU B 75 -13.31 9.22 -16.32
N HIS B 76 -13.55 10.26 -15.54
CA HIS B 76 -14.91 10.79 -15.45
C HIS B 76 -15.33 11.41 -16.77
N ALA B 77 -14.41 12.07 -17.45
CA ALA B 77 -14.72 12.59 -18.78
C ALA B 77 -14.76 11.52 -19.83
N LYS B 78 -14.47 10.27 -19.45
CA LYS B 78 -14.48 9.14 -20.37
C LYS B 78 -13.43 9.30 -21.47
N ARG B 79 -12.36 9.99 -21.17
CA ARG B 79 -11.23 10.14 -22.06
C ARG B 79 -10.16 9.11 -21.74
N LYS B 80 -9.24 8.92 -22.67
CA LYS B 80 -8.09 8.07 -22.46
C LYS B 80 -6.80 8.87 -22.45
N THR B 81 -6.89 10.19 -22.46
CA THR B 81 -5.73 11.07 -22.51
C THR B 81 -5.78 11.99 -21.31
N VAL B 82 -4.65 12.14 -20.62
CA VAL B 82 -4.58 13.01 -19.47
C VAL B 82 -4.18 14.38 -19.95
N THR B 83 -5.12 15.32 -19.88
CA THR B 83 -4.87 16.66 -20.38
C THR B 83 -4.21 17.52 -19.31
N ALA B 84 -3.67 18.65 -19.73
CA ALA B 84 -3.07 19.57 -18.76
C ALA B 84 -4.10 20.12 -17.80
N MET B 85 -5.34 20.24 -18.25
CA MET B 85 -6.39 20.72 -17.37
C MET B 85 -6.68 19.75 -16.25
N ASP B 86 -6.58 18.45 -16.52
CA ASP B 86 -6.79 17.49 -15.44
C ASP B 86 -5.75 17.67 -14.36
N VAL B 87 -4.51 17.89 -14.75
CA VAL B 87 -3.44 18.10 -13.78
C VAL B 87 -3.68 19.40 -13.02
N VAL B 88 -4.07 20.45 -13.72
CA VAL B 88 -4.30 21.72 -13.06
C VAL B 88 -5.42 21.59 -12.05
N TYR B 89 -6.49 20.90 -12.42
CA TYR B 89 -7.59 20.68 -11.48
C TYR B 89 -7.15 19.85 -10.29
N ALA B 90 -6.34 18.82 -10.50
CA ALA B 90 -5.86 18.02 -9.37
C ALA B 90 -5.04 18.87 -8.42
N LEU B 91 -4.06 19.59 -8.95
CA LEU B 91 -3.24 20.45 -8.12
C LEU B 91 -4.10 21.43 -7.35
N LYS B 92 -5.02 22.11 -8.03
CA LYS B 92 -5.87 23.07 -7.35
C LYS B 92 -6.73 22.40 -6.30
N ARG B 93 -7.13 21.15 -6.52
CA ARG B 93 -7.87 20.44 -5.49
C ARG B 93 -7.03 20.26 -4.25
N GLN B 94 -5.73 20.03 -4.44
CA GLN B 94 -4.86 19.83 -3.29
C GLN B 94 -4.38 21.13 -2.67
N GLY B 95 -4.79 22.27 -3.19
CA GLY B 95 -4.34 23.53 -2.65
C GLY B 95 -3.00 23.97 -3.17
N ARG B 96 -2.73 23.76 -4.45
CA ARG B 96 -1.43 24.08 -5.04
C ARG B 96 -1.60 24.70 -6.41
N THR B 97 -2.51 25.67 -6.50
CA THR B 97 -2.84 26.33 -7.75
C THR B 97 -1.61 26.62 -8.60
N LEU B 98 -1.71 26.32 -9.88
CA LEU B 98 -0.61 26.49 -10.83
C LEU B 98 -1.04 27.44 -11.94
N TYR B 99 -0.26 28.47 -12.18
CA TYR B 99 -0.54 29.44 -13.22
C TYR B 99 0.30 29.15 -14.46
N GLY B 100 -0.31 29.25 -15.63
CA GLY B 100 0.41 29.16 -16.87
C GLY B 100 0.11 27.96 -17.72
N PHE B 101 -0.98 27.24 -17.47
CA PHE B 101 -1.31 26.09 -18.29
C PHE B 101 -2.78 26.05 -18.64
N GLY B 102 -3.46 27.18 -18.63
CA GLY B 102 -4.88 27.23 -18.93
C GLY B 102 -5.71 26.90 -17.72
N ALA C 13 -51.47 5.19 -4.50
CA ALA C 13 -52.05 6.17 -3.61
C ALA C 13 -51.30 6.22 -2.28
N LYS C 14 -51.12 5.06 -1.66
CA LYS C 14 -50.43 4.98 -0.38
C LYS C 14 -48.98 5.39 -0.55
N ALA C 15 -48.58 6.44 0.15
CA ALA C 15 -47.23 6.96 0.01
C ALA C 15 -46.22 5.98 0.56
N LYS C 16 -45.02 6.02 0.00
CA LYS C 16 -43.93 5.15 0.44
C LYS C 16 -42.64 5.89 0.13
N THR C 17 -41.94 6.33 1.16
CA THR C 17 -40.86 7.29 0.99
C THR C 17 -39.77 6.74 0.10
N ARG C 18 -39.10 7.66 -0.60
CA ARG C 18 -37.94 7.28 -1.40
C ARG C 18 -36.87 6.66 -0.53
N SER C 19 -36.69 7.19 0.68
CA SER C 19 -35.71 6.62 1.59
C SER C 19 -36.05 5.18 1.92
N SER C 20 -37.34 4.88 2.11
CA SER C 20 -37.75 3.51 2.37
C SER C 20 -37.46 2.60 1.17
N ARG C 21 -37.68 3.10 -0.05
CA ARG C 21 -37.45 2.26 -1.23
C ARG C 21 -36.00 1.82 -1.31
N ALA C 22 -35.09 2.67 -0.87
CA ALA C 22 -33.67 2.40 -0.98
C ALA C 22 -33.07 1.77 0.26
N GLY C 23 -33.88 1.52 1.29
CA GLY C 23 -33.36 0.94 2.51
C GLY C 23 -32.38 1.83 3.25
N LEU C 24 -32.74 3.09 3.42
CA LEU C 24 -31.91 4.06 4.13
C LEU C 24 -32.69 4.67 5.27
N GLN C 25 -31.97 5.18 6.27
CA GLN C 25 -32.60 5.92 7.35
C GLN C 25 -32.58 7.41 7.11
N PHE C 26 -31.60 7.91 6.37
CA PHE C 26 -31.54 9.32 6.02
C PHE C 26 -32.60 9.68 4.99
N PRO C 27 -33.00 10.95 4.94
CA PRO C 27 -34.07 11.35 4.03
C PRO C 27 -33.55 11.54 2.62
N VAL C 28 -34.16 10.85 1.67
CA VAL C 28 -33.84 11.12 0.28
C VAL C 28 -34.51 12.39 -0.21
N GLY C 29 -35.74 12.63 0.23
CA GLY C 29 -36.46 13.80 -0.23
C GLY C 29 -35.83 15.09 0.24
N ARG C 30 -35.41 15.13 1.51
CA ARG C 30 -34.78 16.34 2.02
C ARG C 30 -33.45 16.61 1.33
N VAL C 31 -32.68 15.55 1.08
CA VAL C 31 -31.41 15.73 0.40
C VAL C 31 -31.64 16.22 -1.02
N HIS C 32 -32.67 15.70 -1.69
CA HIS C 32 -32.98 16.17 -3.02
C HIS C 32 -33.36 17.64 -3.00
N ARG C 33 -34.13 18.06 -2.00
CA ARG C 33 -34.49 19.47 -1.92
C ARG C 33 -33.27 20.34 -1.67
N LEU C 34 -32.38 19.91 -0.79
CA LEU C 34 -31.19 20.70 -0.51
C LEU C 34 -30.33 20.82 -1.75
N LEU C 35 -30.23 19.74 -2.52
CA LEU C 35 -29.49 19.81 -3.77
C LEU C 35 -30.13 20.81 -4.74
N ARG C 36 -31.45 20.73 -4.92
CA ARG C 36 -32.10 21.64 -5.86
C ARG C 36 -31.99 23.09 -5.41
N LYS C 37 -32.12 23.34 -4.12
CA LYS C 37 -32.13 24.72 -3.63
C LYS C 37 -30.74 25.27 -3.38
N GLY C 38 -29.70 24.45 -3.47
CA GLY C 38 -28.39 24.95 -3.14
C GLY C 38 -27.57 25.52 -4.26
N ASN C 39 -28.11 25.61 -5.47
CA ASN C 39 -27.40 26.20 -6.61
C ASN C 39 -26.13 25.43 -6.95
N TYR C 40 -26.25 24.13 -7.08
CA TYR C 40 -25.09 23.33 -7.45
C TYR C 40 -25.05 23.04 -8.94
N ALA C 41 -26.21 22.86 -9.56
CA ALA C 41 -26.28 22.70 -11.00
C ALA C 41 -27.69 23.05 -11.43
N GLU C 42 -27.88 23.23 -12.73
CA GLU C 42 -29.20 23.58 -13.22
C GLU C 42 -30.21 22.49 -12.93
N ARG C 43 -29.83 21.23 -13.11
CA ARG C 43 -30.74 20.12 -12.90
C ARG C 43 -30.09 19.09 -11.99
N VAL C 44 -30.91 18.23 -11.41
CA VAL C 44 -30.45 17.22 -10.48
C VAL C 44 -31.06 15.88 -10.89
N GLY C 45 -30.22 14.89 -11.11
CA GLY C 45 -30.66 13.58 -11.54
C GLY C 45 -31.56 12.90 -10.54
N ALA C 46 -32.00 11.68 -10.85
CA ALA C 46 -32.91 10.98 -9.95
C ALA C 46 -32.15 10.21 -8.89
N GLY C 47 -31.06 9.54 -9.26
CA GLY C 47 -30.31 8.75 -8.32
C GLY C 47 -29.30 9.51 -7.50
N ALA C 48 -29.10 10.78 -7.78
CA ALA C 48 -28.14 11.55 -7.01
C ALA C 48 -28.52 11.69 -5.54
N PRO C 49 -29.77 12.05 -5.19
CA PRO C 49 -30.11 12.09 -3.76
C PRO C 49 -29.98 10.74 -3.11
N VAL C 50 -30.30 9.67 -3.81
CA VAL C 50 -30.19 8.35 -3.23
C VAL C 50 -28.74 8.03 -2.91
N TYR C 51 -27.86 8.25 -3.88
CA TYR C 51 -26.45 7.97 -3.68
C TYR C 51 -25.88 8.81 -2.56
N LEU C 52 -26.24 10.08 -2.51
CA LEU C 52 -25.67 10.95 -1.49
C LEU C 52 -26.19 10.60 -0.11
N ALA C 53 -27.47 10.27 0.01
CA ALA C 53 -27.99 9.86 1.30
C ALA C 53 -27.34 8.58 1.75
N ALA C 54 -27.09 7.65 0.83
CA ALA C 54 -26.41 6.42 1.22
C ALA C 54 -25.03 6.73 1.76
N VAL C 55 -24.29 7.61 1.09
CA VAL C 55 -22.93 7.93 1.53
C VAL C 55 -22.97 8.58 2.90
N LEU C 56 -23.86 9.55 3.10
CA LEU C 56 -23.93 10.24 4.37
C LEU C 56 -24.30 9.29 5.50
N GLU C 57 -25.27 8.42 5.25
CA GLU C 57 -25.66 7.46 6.27
C GLU C 57 -24.51 6.54 6.62
N TYR C 58 -23.75 6.11 5.62
CA TYR C 58 -22.62 5.25 5.89
C TYR C 58 -21.58 5.93 6.76
N LEU C 59 -21.22 7.17 6.43
CA LEU C 59 -20.20 7.85 7.21
C LEU C 59 -20.67 8.09 8.63
N THR C 60 -21.95 8.44 8.80
CA THR C 60 -22.50 8.61 10.13
C THR C 60 -22.37 7.32 10.92
N ALA C 61 -22.77 6.20 10.33
CA ALA C 61 -22.66 4.94 11.03
C ALA C 61 -21.22 4.63 11.39
N GLU C 62 -20.30 4.93 10.48
CA GLU C 62 -18.90 4.64 10.71
C GLU C 62 -18.39 5.38 11.93
N ILE C 63 -18.68 6.66 12.04
CA ILE C 63 -18.16 7.41 13.16
C ILE C 63 -18.88 7.04 14.45
N LEU C 64 -20.18 6.76 14.36
CA LEU C 64 -20.96 6.46 15.55
C LEU C 64 -20.56 5.13 16.16
N GLU C 65 -20.18 4.15 15.34
CA GLU C 65 -19.73 2.88 15.90
C GLU C 65 -18.47 3.07 16.74
N LEU C 66 -17.49 3.78 16.19
CA LEU C 66 -16.25 4.00 16.90
C LEU C 66 -16.47 4.81 18.17
N ALA C 67 -17.34 5.82 18.09
CA ALA C 67 -17.63 6.61 19.28
C ALA C 67 -18.34 5.77 20.33
N GLY C 68 -19.21 4.86 19.91
CA GLY C 68 -19.85 3.98 20.87
C GLY C 68 -18.85 3.07 21.55
N ASN C 69 -17.89 2.55 20.79
CA ASN C 69 -16.84 1.75 21.41
C ASN C 69 -16.07 2.58 22.43
N ALA C 70 -15.67 3.79 22.05
CA ALA C 70 -14.88 4.62 22.95
C ALA C 70 -15.65 4.94 24.22
N ALA C 71 -16.93 5.27 24.09
CA ALA C 71 -17.74 5.57 25.26
C ALA C 71 -17.92 4.33 26.12
N ARG C 72 -18.02 3.17 25.49
CA ARG C 72 -18.16 1.92 26.22
C ARG C 72 -16.90 1.61 27.03
N ASP C 73 -15.72 1.91 26.48
CA ASP C 73 -14.50 1.63 27.21
C ASP C 73 -14.35 2.48 28.46
N ASN C 74 -14.97 3.65 28.49
CA ASN C 74 -14.91 4.53 29.66
C ASN C 74 -16.07 4.30 30.61
N LYS C 75 -16.78 3.19 30.48
CA LYS C 75 -17.89 2.84 31.35
C LYS C 75 -19.01 3.86 31.29
N LYS C 76 -19.13 4.59 30.19
CA LYS C 76 -20.28 5.45 29.96
C LYS C 76 -21.29 4.78 29.05
N THR C 77 -22.51 5.29 29.08
CA THR C 77 -23.55 4.83 28.18
C THR C 77 -24.11 5.92 27.30
N ARG C 78 -23.73 7.18 27.50
CA ARG C 78 -24.06 8.25 26.58
C ARG C 78 -22.78 8.74 25.93
N ILE C 79 -22.89 9.09 24.67
CA ILE C 79 -21.76 9.60 23.92
C ILE C 79 -21.66 11.10 24.16
N ILE C 80 -20.44 11.59 24.39
CA ILE C 80 -20.20 13.01 24.59
C ILE C 80 -19.09 13.41 23.62
N PRO C 81 -18.81 14.70 23.44
CA PRO C 81 -17.82 15.08 22.43
C PRO C 81 -16.46 14.44 22.63
N ARG C 82 -16.08 14.15 23.86
CA ARG C 82 -14.80 13.48 24.10
C ARG C 82 -14.71 12.19 23.31
N HIS C 83 -15.81 11.44 23.24
CA HIS C 83 -15.77 10.15 22.59
C HIS C 83 -15.74 10.29 21.08
N LEU C 84 -16.44 11.29 20.55
CA LEU C 84 -16.32 11.59 19.13
C LEU C 84 -14.89 11.95 18.78
N GLN C 85 -14.26 12.77 19.60
CA GLN C 85 -12.87 13.15 19.38
C GLN C 85 -11.97 11.94 19.38
N LEU C 86 -12.13 11.05 20.37
CA LEU C 86 -11.29 9.87 20.44
C LEU C 86 -11.49 8.98 19.24
N ALA C 87 -12.75 8.75 18.85
CA ALA C 87 -13.03 7.91 17.70
C ALA C 87 -12.39 8.47 16.44
N VAL C 88 -12.48 9.78 16.24
CA VAL C 88 -11.94 10.37 15.02
C VAL C 88 -10.42 10.31 15.03
N ARG C 89 -9.79 10.77 16.10
CA ARG C 89 -8.34 10.87 16.07
C ARG C 89 -7.65 9.52 16.15
N ASN C 90 -8.32 8.50 16.66
CA ASN C 90 -7.69 7.19 16.73
C ASN C 90 -7.80 6.41 15.45
N ASP C 91 -8.54 6.89 14.45
CA ASP C 91 -8.69 6.21 13.18
C ASP C 91 -7.95 7.02 12.13
N GLU C 92 -7.18 6.33 11.29
CA GLU C 92 -6.32 7.02 10.34
C GLU C 92 -7.13 7.75 9.27
N GLU C 93 -8.09 7.07 8.66
CA GLU C 93 -8.80 7.68 7.55
C GLU C 93 -9.80 8.74 8.01
N LEU C 94 -10.49 8.49 9.12
CA LEU C 94 -11.35 9.55 9.65
C LEU C 94 -10.52 10.76 10.05
N ASN C 95 -9.33 10.54 10.60
CA ASN C 95 -8.47 11.65 10.93
C ASN C 95 -7.99 12.38 9.69
N LYS C 96 -7.82 11.68 8.58
CA LYS C 96 -7.45 12.38 7.36
C LYS C 96 -8.62 13.17 6.81
N LEU C 97 -9.84 12.65 6.96
CA LEU C 97 -11.02 13.32 6.45
C LEU C 97 -11.34 14.58 7.26
N LEU C 98 -11.09 14.55 8.56
CA LEU C 98 -11.34 15.70 9.41
C LEU C 98 -10.05 16.26 9.98
N GLY C 99 -9.04 16.43 9.13
CA GLY C 99 -7.78 16.92 9.63
C GLY C 99 -7.79 18.38 10.01
N ARG C 100 -8.70 19.17 9.45
CA ARG C 100 -8.73 20.60 9.68
C ARG C 100 -9.98 21.03 10.44
N VAL C 101 -10.44 20.20 11.37
CA VAL C 101 -11.68 20.42 12.09
C VAL C 101 -11.40 20.42 13.59
N THR C 102 -11.99 21.38 14.29
CA THR C 102 -11.95 21.43 15.74
C THR C 102 -13.28 20.97 16.29
N ILE C 103 -13.26 19.89 17.07
CA ILE C 103 -14.46 19.40 17.72
C ILE C 103 -14.54 20.06 19.09
N ALA C 104 -15.59 20.83 19.32
CA ALA C 104 -15.69 21.57 20.57
C ALA C 104 -15.76 20.63 21.75
N GLN C 105 -14.99 20.95 22.79
CA GLN C 105 -14.95 20.17 24.03
C GLN C 105 -14.43 18.77 23.79
N GLY C 106 -13.51 18.60 22.85
CA GLY C 106 -13.02 17.28 22.53
C GLY C 106 -11.75 16.89 23.25
N GLY C 107 -10.98 17.87 23.69
CA GLY C 107 -9.71 17.55 24.31
C GLY C 107 -8.69 17.16 23.25
N VAL C 108 -7.70 16.37 23.67
CA VAL C 108 -6.66 15.87 22.79
C VAL C 108 -6.46 14.38 23.06
N LEU C 109 -5.59 13.76 22.29
CA LEU C 109 -5.20 12.38 22.56
C LEU C 109 -4.11 12.34 23.62
N PRO C 110 -4.25 11.54 24.65
CA PRO C 110 -3.16 11.40 25.61
C PRO C 110 -1.91 10.85 24.95
N ASN C 111 -0.86 11.67 24.93
CA ASN C 111 0.34 11.36 24.16
C ASN C 111 1.49 12.20 24.68
N ILE C 112 2.51 11.54 25.23
CA ILE C 112 3.69 12.20 25.77
C ILE C 112 4.90 11.74 24.98
N GLN C 113 5.74 12.68 24.56
CA GLN C 113 6.94 12.34 23.82
C GLN C 113 7.88 11.53 24.69
N SER C 114 8.50 10.50 24.10
CA SER C 114 9.26 9.53 24.87
C SER C 114 10.44 10.15 25.59
N VAL C 115 11.15 11.05 24.91
CA VAL C 115 12.35 11.65 25.50
C VAL C 115 12.02 12.44 26.76
N LEU C 116 10.79 12.90 26.90
CA LEU C 116 10.39 13.64 28.08
C LEU C 116 10.11 12.72 29.26
N LEU C 117 9.92 11.43 29.02
CA LEU C 117 9.62 10.50 30.08
C LEU C 117 10.83 10.32 31.00
N PRO C 118 10.60 9.97 32.26
CA PRO C 118 11.72 9.82 33.20
C PRO C 118 12.40 8.47 33.04
N LYS C 119 13.65 8.42 33.49
CA LYS C 119 14.45 7.21 33.42
C LYS C 119 15.67 7.35 34.32
N SER D 33 -40.13 28.94 14.45
CA SER D 33 -39.75 28.34 13.17
C SER D 33 -39.27 26.90 13.34
N ARG D 34 -39.52 26.08 12.33
CA ARG D 34 -39.20 24.66 12.39
C ARG D 34 -37.80 24.42 11.80
N LYS D 35 -36.80 24.94 12.52
CA LYS D 35 -35.42 24.74 12.11
C LYS D 35 -35.10 23.26 11.97
N GLU D 36 -34.63 22.86 10.79
CA GLU D 36 -34.44 21.46 10.48
C GLU D 36 -33.05 21.00 10.88
N SER D 37 -32.94 19.71 11.18
CA SER D 37 -31.66 19.13 11.53
C SER D 37 -31.73 17.64 11.26
N TYR D 38 -30.58 16.98 11.33
CA TYR D 38 -30.50 15.54 11.15
C TYR D 38 -30.58 14.78 12.45
N ALA D 39 -31.19 15.36 13.47
CA ALA D 39 -31.10 14.76 14.80
C ALA D 39 -31.74 13.37 14.81
N ILE D 40 -32.96 13.25 14.31
CA ILE D 40 -33.66 11.98 14.46
C ILE D 40 -33.03 10.90 13.61
N TYR D 41 -32.45 11.27 12.48
CA TYR D 41 -31.84 10.29 11.60
C TYR D 41 -30.56 9.74 12.22
N VAL D 42 -29.75 10.63 12.77
CA VAL D 42 -28.56 10.21 13.50
C VAL D 42 -28.94 9.32 14.68
N TYR D 43 -30.01 9.67 15.37
CA TYR D 43 -30.46 8.82 16.47
C TYR D 43 -30.84 7.44 15.98
N LYS D 44 -31.52 7.37 14.83
CA LYS D 44 -31.92 6.09 14.26
C LYS D 44 -30.70 5.23 13.94
N VAL D 45 -29.72 5.83 13.28
CA VAL D 45 -28.52 5.08 12.92
C VAL D 45 -27.80 4.61 14.18
N LEU D 46 -27.76 5.45 15.20
CA LEU D 46 -27.14 5.06 16.45
C LEU D 46 -27.83 3.84 17.03
N LYS D 47 -29.16 3.85 17.08
CA LYS D 47 -29.86 2.70 17.62
C LYS D 47 -29.60 1.46 16.81
N GLN D 48 -29.38 1.59 15.51
CA GLN D 48 -28.99 0.40 14.74
C GLN D 48 -27.61 -0.08 15.16
N VAL D 49 -26.67 0.81 15.39
CA VAL D 49 -25.29 0.39 15.59
C VAL D 49 -25.06 -0.11 17.02
N HIS D 50 -25.37 0.74 18.00
CA HIS D 50 -25.30 0.36 19.41
C HIS D 50 -26.69 0.50 20.01
N PRO D 51 -27.47 -0.58 20.09
CA PRO D 51 -28.90 -0.43 20.36
C PRO D 51 -29.21 0.17 21.71
N ASP D 52 -28.24 0.22 22.62
CA ASP D 52 -28.49 0.64 23.99
C ASP D 52 -27.47 1.68 24.44
N THR D 53 -27.17 2.65 23.58
CA THR D 53 -26.30 3.76 23.92
C THR D 53 -27.03 5.05 23.58
N GLY D 54 -26.93 6.03 24.46
CA GLY D 54 -27.50 7.34 24.23
C GLY D 54 -26.48 8.30 23.66
N ILE D 55 -26.90 9.55 23.51
CA ILE D 55 -26.02 10.57 22.97
C ILE D 55 -26.36 11.91 23.59
N SER D 56 -25.33 12.68 23.93
CA SER D 56 -25.52 13.98 24.54
C SER D 56 -26.17 14.94 23.56
N SER D 57 -26.60 16.09 24.05
CA SER D 57 -27.15 17.09 23.15
C SER D 57 -26.03 17.80 22.39
N LYS D 58 -24.92 18.08 23.06
CA LYS D 58 -23.79 18.68 22.36
C LYS D 58 -23.21 17.73 21.34
N ALA D 59 -23.18 16.42 21.65
CA ALA D 59 -22.69 15.46 20.67
C ALA D 59 -23.62 15.36 19.48
N MET D 60 -24.93 15.43 19.71
CA MET D 60 -25.85 15.51 18.58
C MET D 60 -25.58 16.74 17.73
N SER D 61 -25.29 17.87 18.39
CA SER D 61 -24.98 19.06 17.62
C SER D 61 -23.73 18.87 16.77
N ILE D 62 -22.71 18.25 17.34
CA ILE D 62 -21.49 17.99 16.58
C ILE D 62 -21.76 17.10 15.40
N MET D 63 -22.54 16.04 15.59
CA MET D 63 -22.79 15.11 14.49
C MET D 63 -23.62 15.76 13.41
N ASN D 64 -24.54 16.64 13.78
CA ASN D 64 -25.26 17.43 12.80
C ASN D 64 -24.31 18.28 11.98
N SER D 65 -23.37 18.96 12.64
CA SER D 65 -22.39 19.75 11.92
C SER D 65 -21.59 18.91 10.96
N PHE D 66 -21.20 17.71 11.39
CA PHE D 66 -20.41 16.84 10.53
C PHE D 66 -21.18 16.45 9.29
N VAL D 67 -22.46 16.10 9.44
CA VAL D 67 -23.25 15.73 8.27
C VAL D 67 -23.34 16.90 7.30
N ASN D 68 -23.61 18.09 7.82
CA ASN D 68 -23.72 19.25 6.94
C ASN D 68 -22.41 19.52 6.22
N ASP D 69 -21.29 19.40 6.93
CA ASP D 69 -20.00 19.66 6.32
C ASP D 69 -19.72 18.71 5.18
N VAL D 70 -19.94 17.42 5.39
CA VAL D 70 -19.63 16.47 4.33
C VAL D 70 -20.60 16.63 3.16
N PHE D 71 -21.87 16.93 3.43
CA PHE D 71 -22.79 17.20 2.35
C PHE D 71 -22.27 18.35 1.49
N GLU D 72 -21.85 19.43 2.14
CA GLU D 72 -21.37 20.59 1.39
C GLU D 72 -20.17 20.23 0.53
N ARG D 73 -19.22 19.48 1.10
CA ARG D 73 -18.02 19.15 0.34
C ARG D 73 -18.35 18.34 -0.89
N ILE D 74 -19.13 17.26 -0.71
CA ILE D 74 -19.44 16.39 -1.84
C ILE D 74 -20.24 17.12 -2.90
N ALA D 75 -21.24 17.89 -2.48
CA ALA D 75 -22.05 18.61 -3.46
C ALA D 75 -21.21 19.63 -4.23
N GLY D 76 -20.31 20.33 -3.54
CA GLY D 76 -19.48 21.29 -4.25
C GLY D 76 -18.54 20.63 -5.25
N GLU D 77 -17.93 19.51 -4.87
CA GLU D 77 -17.05 18.84 -5.82
C GLU D 77 -17.83 18.31 -7.02
N ALA D 78 -19.01 17.75 -6.78
CA ALA D 78 -19.82 17.28 -7.89
C ALA D 78 -20.20 18.43 -8.81
N SER D 79 -20.50 19.59 -8.24
CA SER D 79 -20.79 20.76 -9.04
C SER D 79 -19.62 21.13 -9.91
N ARG D 80 -18.41 21.10 -9.36
CA ARG D 80 -17.24 21.44 -10.16
C ARG D 80 -17.04 20.44 -11.27
N LEU D 81 -17.28 19.16 -11.00
CA LEU D 81 -17.19 18.15 -12.05
C LEU D 81 -18.18 18.42 -13.15
N ALA D 82 -19.41 18.79 -12.81
CA ALA D 82 -20.40 19.06 -13.83
C ALA D 82 -20.01 20.26 -14.67
N HIS D 83 -19.54 21.32 -14.03
CA HIS D 83 -19.17 22.51 -14.80
C HIS D 83 -17.97 22.23 -15.68
N TYR D 84 -17.02 21.43 -15.19
CA TYR D 84 -15.84 21.10 -15.97
C TYR D 84 -16.22 20.44 -17.30
N ASN D 85 -17.13 19.49 -17.26
CA ASN D 85 -17.49 18.73 -18.45
C ASN D 85 -18.64 19.35 -19.22
N LYS D 86 -18.94 20.62 -18.98
CA LYS D 86 -19.97 21.32 -19.73
C LYS D 86 -21.28 20.54 -19.72
N ARG D 87 -21.70 20.14 -18.53
CA ARG D 87 -22.96 19.44 -18.32
C ARG D 87 -23.79 20.18 -17.29
N SER D 88 -25.10 20.06 -17.40
CA SER D 88 -26.01 20.82 -16.56
C SER D 88 -26.78 19.94 -15.59
N THR D 89 -26.30 18.74 -15.32
CA THR D 89 -26.99 17.80 -14.47
C THR D 89 -26.01 17.19 -13.50
N ILE D 90 -26.43 16.99 -12.26
CA ILE D 90 -25.69 16.18 -11.30
C ILE D 90 -26.36 14.83 -11.26
N THR D 91 -25.64 13.82 -11.71
CA THR D 91 -26.11 12.46 -11.72
C THR D 91 -25.38 11.68 -10.64
N SER D 92 -25.63 10.39 -10.55
CA SER D 92 -24.91 9.60 -9.57
C SER D 92 -23.46 9.38 -9.98
N ARG D 93 -23.13 9.54 -11.26
CA ARG D 93 -21.73 9.50 -11.65
C ARG D 93 -20.95 10.63 -11.01
N GLU D 94 -21.51 11.83 -10.98
CA GLU D 94 -20.84 12.96 -10.36
C GLU D 94 -20.65 12.71 -8.87
N ILE D 95 -21.68 12.21 -8.19
CA ILE D 95 -21.55 11.93 -6.77
C ILE D 95 -20.49 10.87 -6.53
N GLN D 96 -20.45 9.84 -7.38
CA GLN D 96 -19.45 8.80 -7.19
C GLN D 96 -18.05 9.35 -7.35
N THR D 97 -17.83 10.15 -8.38
CA THR D 97 -16.50 10.70 -8.58
C THR D 97 -16.13 11.65 -7.47
N ALA D 98 -17.07 12.44 -6.99
CA ALA D 98 -16.77 13.35 -5.89
C ALA D 98 -16.40 12.57 -4.64
N VAL D 99 -17.07 11.45 -4.40
CA VAL D 99 -16.74 10.64 -3.25
C VAL D 99 -15.35 10.06 -3.41
N ARG D 100 -15.00 9.61 -4.62
CA ARG D 100 -13.67 9.08 -4.85
C ARG D 100 -12.61 10.14 -4.63
N LEU D 101 -12.89 11.37 -5.03
CA LEU D 101 -11.91 12.45 -4.86
C LEU D 101 -11.81 12.91 -3.42
N LEU D 102 -12.88 12.79 -2.64
CA LEU D 102 -12.87 13.38 -1.30
C LEU D 102 -12.57 12.39 -0.19
N LEU D 103 -12.92 11.18 -0.35
CA LEU D 103 -12.69 10.33 0.80
C LEU D 103 -11.42 9.51 0.65
N PRO D 104 -10.74 9.18 1.75
CA PRO D 104 -9.43 8.54 1.68
C PRO D 104 -9.53 7.03 1.61
N GLY D 105 -9.09 6.46 0.49
CA GLY D 105 -8.89 5.03 0.37
C GLY D 105 -10.06 4.12 0.71
N GLU D 106 -9.93 3.38 1.81
CA GLU D 106 -10.92 2.37 2.15
C GLU D 106 -12.28 3.01 2.39
N LEU D 107 -12.29 4.19 2.99
CA LEU D 107 -13.57 4.89 3.16
C LEU D 107 -14.23 5.10 1.81
N ALA D 108 -13.45 5.48 0.81
CA ALA D 108 -14.02 5.70 -0.51
C ALA D 108 -14.55 4.41 -1.10
N LYS D 109 -13.79 3.32 -0.98
CA LYS D 109 -14.26 2.06 -1.54
C LYS D 109 -15.58 1.63 -0.91
N HIS D 110 -15.66 1.72 0.41
CA HIS D 110 -16.89 1.30 1.08
C HIS D 110 -18.05 2.22 0.76
N ALA D 111 -17.81 3.52 0.72
CA ALA D 111 -18.90 4.44 0.46
C ALA D 111 -19.45 4.26 -0.94
N VAL D 112 -18.57 4.02 -1.91
CA VAL D 112 -19.03 3.76 -3.26
C VAL D 112 -19.83 2.47 -3.30
N SER D 113 -19.38 1.45 -2.57
CA SER D 113 -20.15 0.22 -2.47
C SER D 113 -21.57 0.51 -1.99
N GLU D 114 -21.70 1.25 -0.89
CA GLU D 114 -23.02 1.53 -0.34
C GLU D 114 -23.88 2.33 -1.31
N GLY D 115 -23.30 3.34 -1.95
CA GLY D 115 -24.08 4.15 -2.85
C GLY D 115 -24.60 3.37 -4.04
N THR D 116 -23.74 2.54 -4.62
CA THR D 116 -24.18 1.70 -5.73
C THR D 116 -25.28 0.76 -5.29
N LYS D 117 -25.11 0.13 -4.13
CA LYS D 117 -26.14 -0.74 -3.60
C LYS D 117 -27.48 -0.01 -3.47
N ALA D 118 -27.45 1.20 -2.92
CA ALA D 118 -28.69 1.91 -2.69
C ALA D 118 -29.37 2.28 -3.98
N VAL D 119 -28.61 2.75 -4.97
CA VAL D 119 -29.23 3.11 -6.23
C VAL D 119 -29.82 1.88 -6.90
N THR D 120 -29.12 0.75 -6.82
CA THR D 120 -29.65 -0.47 -7.41
C THR D 120 -30.97 -0.87 -6.76
N LYS D 121 -31.00 -0.88 -5.43
CA LYS D 121 -32.25 -1.20 -4.73
C LYS D 121 -33.36 -0.25 -5.13
N TYR D 122 -33.03 1.03 -5.24
CA TYR D 122 -34.06 2.03 -5.53
C TYR D 122 -34.65 1.81 -6.92
N THR D 123 -33.80 1.60 -7.91
CA THR D 123 -34.30 1.48 -9.28
C THR D 123 -34.99 0.15 -9.52
N SER D 124 -34.44 -0.95 -9.00
CA SER D 124 -35.02 -2.26 -9.27
C SER D 124 -36.37 -2.44 -8.58
N ALA D 125 -36.74 -1.56 -7.66
CA ALA D 125 -38.00 -1.66 -6.95
C ALA D 125 -38.84 -0.41 -7.15
N ARG E 41 9.48 16.94 49.06
CA ARG E 41 9.64 17.70 47.83
C ARG E 41 9.94 16.80 46.65
N TYR E 42 9.08 16.83 45.64
CA TYR E 42 9.30 16.04 44.45
C TYR E 42 10.47 16.61 43.65
N ARG E 43 11.14 15.74 42.90
CA ARG E 43 12.18 16.19 42.00
C ARG E 43 11.58 17.05 40.91
N PRO E 44 12.25 18.14 40.50
CA PRO E 44 11.70 19.00 39.45
C PRO E 44 11.41 18.25 38.18
N GLY E 45 10.13 18.13 37.83
CA GLY E 45 9.75 17.35 36.67
C GLY E 45 8.65 16.36 36.93
N THR E 46 8.55 15.83 38.15
CA THR E 46 7.49 14.87 38.43
C THR E 46 6.12 15.53 38.40
N VAL E 47 5.97 16.67 39.08
CA VAL E 47 4.73 17.40 39.00
C VAL E 47 4.44 17.81 37.57
N ALA E 48 5.47 18.05 36.78
CA ALA E 48 5.26 18.43 35.38
C ALA E 48 4.56 17.32 34.61
N LEU E 49 5.08 16.10 34.69
CA LEU E 49 4.41 14.99 34.01
C LEU E 49 3.02 14.74 34.58
N ARG E 50 2.87 14.90 35.89
CA ARG E 50 1.57 14.64 36.49
C ARG E 50 0.54 15.63 35.97
N GLU E 51 0.93 16.90 35.83
CA GLU E 51 0.05 17.89 35.23
C GLU E 51 -0.20 17.60 33.76
N ILE E 52 0.81 17.14 33.05
CA ILE E 52 0.60 16.82 31.64
C ILE E 52 -0.50 15.77 31.50
N ARG E 53 -0.42 14.72 32.30
CA ARG E 53 -1.47 13.71 32.26
C ARG E 53 -2.81 14.27 32.68
N ARG E 54 -2.83 15.09 33.73
CA ARG E 54 -4.09 15.69 34.16
C ARG E 54 -4.76 16.46 33.04
N TYR E 55 -4.03 17.39 32.43
CA TYR E 55 -4.67 18.26 31.46
C TYR E 55 -4.84 17.61 30.10
N GLN E 56 -4.20 16.49 29.85
CA GLN E 56 -4.53 15.75 28.65
C GLN E 56 -5.68 14.78 28.86
N LYS E 57 -6.04 14.53 30.10
CA LYS E 57 -7.17 13.66 30.38
C LYS E 57 -8.50 14.39 30.36
N SER E 58 -8.50 15.70 30.58
CA SER E 58 -9.74 16.46 30.66
C SER E 58 -10.00 17.19 29.37
N THR E 59 -11.13 17.90 29.32
CA THR E 59 -11.51 18.65 28.15
C THR E 59 -12.01 20.05 28.45
N GLU E 60 -12.00 20.49 29.70
CA GLU E 60 -12.53 21.81 30.01
C GLU E 60 -11.58 22.89 29.52
N LEU E 61 -12.09 24.10 29.42
CA LEU E 61 -11.28 25.23 28.97
C LEU E 61 -10.26 25.59 30.03
N LEU E 62 -9.13 26.14 29.57
CA LEU E 62 -7.99 26.39 30.44
C LEU E 62 -7.71 27.86 30.67
N ILE E 63 -8.54 28.75 30.15
CA ILE E 63 -8.38 30.19 30.41
C ILE E 63 -9.60 30.66 31.19
N ARG E 64 -9.39 31.65 32.03
CA ARG E 64 -10.51 32.27 32.72
C ARG E 64 -11.42 32.94 31.70
N LYS E 65 -12.72 32.94 31.97
CA LYS E 65 -13.65 33.35 30.93
C LYS E 65 -13.82 34.86 30.87
N LEU E 66 -13.95 35.53 32.01
CA LEU E 66 -14.06 37.00 31.98
C LEU E 66 -12.85 37.67 31.37
N PRO E 67 -11.61 37.32 31.71
CA PRO E 67 -10.48 37.97 31.06
C PRO E 67 -10.50 37.81 29.56
N PHE E 68 -10.88 36.63 29.09
CA PHE E 68 -10.88 36.40 27.67
C PHE E 68 -11.98 37.20 26.99
N GLN E 69 -13.13 37.29 27.64
CA GLN E 69 -14.21 38.10 27.08
C GLN E 69 -13.81 39.57 26.97
N ARG E 70 -13.15 40.09 28.01
CA ARG E 70 -12.68 41.46 27.92
C ARG E 70 -11.66 41.62 26.81
N LEU E 71 -10.78 40.65 26.64
CA LEU E 71 -9.81 40.72 25.54
C LEU E 71 -10.51 40.77 24.20
N VAL E 72 -11.54 39.94 24.03
CA VAL E 72 -12.26 39.92 22.75
C VAL E 72 -12.92 41.26 22.48
N ARG E 73 -13.62 41.80 23.48
CA ARG E 73 -14.28 43.09 23.25
C ARG E 73 -13.26 44.17 22.94
N GLU E 74 -12.14 44.17 23.66
CA GLU E 74 -11.11 45.17 23.40
C GLU E 74 -10.59 45.08 21.98
N ILE E 75 -10.30 43.88 21.50
CA ILE E 75 -9.81 43.74 20.13
C ILE E 75 -10.86 44.21 19.14
N ALA E 76 -12.12 43.81 19.33
CA ALA E 76 -13.14 44.21 18.39
C ALA E 76 -13.41 45.70 18.41
N GLN E 77 -13.02 46.39 19.49
CA GLN E 77 -13.26 47.82 19.58
C GLN E 77 -12.64 48.59 18.42
N ASP E 78 -11.63 48.05 17.76
CA ASP E 78 -10.91 48.74 16.71
C ASP E 78 -11.45 48.45 15.31
N PHE E 79 -12.55 47.72 15.20
CA PHE E 79 -13.22 47.53 13.92
C PHE E 79 -14.60 48.14 13.87
N LYS E 80 -15.34 48.10 14.97
CA LYS E 80 -16.63 48.75 15.05
C LYS E 80 -16.90 49.08 16.50
N THR E 81 -17.37 50.28 16.77
CA THR E 81 -17.62 50.70 18.14
C THR E 81 -19.01 50.29 18.57
N ASP E 82 -19.16 50.09 19.87
CA ASP E 82 -20.44 49.72 20.47
C ASP E 82 -20.98 48.45 19.80
N LEU E 83 -20.19 47.39 19.89
CA LEU E 83 -20.58 46.10 19.36
C LEU E 83 -21.11 45.24 20.49
N ARG E 84 -22.12 44.44 20.18
CA ARG E 84 -22.66 43.48 21.11
C ARG E 84 -22.29 42.07 20.66
N PHE E 85 -22.12 41.17 21.61
CA PHE E 85 -21.73 39.81 21.32
C PHE E 85 -22.73 38.85 21.91
N GLN E 86 -23.12 37.84 21.16
CA GLN E 86 -23.79 36.72 21.78
C GLN E 86 -22.82 36.00 22.68
N SER E 87 -23.32 35.42 23.77
CA SER E 87 -22.43 34.70 24.66
C SER E 87 -21.80 33.51 23.96
N SER E 88 -22.59 32.80 23.16
CA SER E 88 -22.05 31.66 22.44
C SER E 88 -21.01 32.08 21.42
N ALA E 89 -21.07 33.32 20.93
CA ALA E 89 -20.03 33.80 20.05
C ALA E 89 -18.69 33.88 20.76
N VAL E 90 -18.67 34.41 21.97
CA VAL E 90 -17.42 34.48 22.71
C VAL E 90 -16.96 33.08 23.10
N MET E 91 -17.90 32.19 23.40
CA MET E 91 -17.47 30.84 23.75
C MET E 91 -16.86 30.14 22.55
N ALA E 92 -17.41 30.38 21.35
CA ALA E 92 -16.82 29.81 20.14
C ALA E 92 -15.42 30.36 19.90
N LEU E 93 -15.25 31.66 20.10
CA LEU E 93 -13.92 32.23 19.95
C LEU E 93 -12.94 31.58 20.91
N GLN E 94 -13.36 31.35 22.15
CA GLN E 94 -12.44 30.76 23.12
C GLN E 94 -12.10 29.32 22.76
N GLU E 95 -13.08 28.54 22.33
CA GLU E 95 -12.78 27.17 21.90
C GLU E 95 -11.76 27.16 20.78
N ALA E 96 -11.99 27.97 19.74
CA ALA E 96 -11.06 28.00 18.62
C ALA E 96 -9.67 28.44 19.06
N SER E 97 -9.59 29.48 19.89
CA SER E 97 -8.30 30.00 20.31
C SER E 97 -7.51 28.96 21.08
N GLU E 98 -8.17 28.27 22.01
CA GLU E 98 -7.44 27.32 22.82
C GLU E 98 -6.99 26.12 22.00
N ALA E 99 -7.83 25.66 21.07
CA ALA E 99 -7.38 24.60 20.18
C ALA E 99 -6.15 25.02 19.41
N TYR E 100 -6.15 26.25 18.90
CA TYR E 100 -5.04 26.73 18.11
C TYR E 100 -3.77 26.76 18.92
N LEU E 101 -3.85 27.29 20.14
CA LEU E 101 -2.64 27.37 20.97
C LEU E 101 -2.13 26.00 21.36
N VAL E 102 -3.01 25.05 21.65
CA VAL E 102 -2.51 23.72 22.00
C VAL E 102 -1.77 23.10 20.83
N ALA E 103 -2.32 23.20 19.62
CA ALA E 103 -1.61 22.64 18.47
C ALA E 103 -0.28 23.35 18.25
N LEU E 104 -0.26 24.66 18.43
CA LEU E 104 1.00 25.38 18.28
C LEU E 104 2.03 24.91 19.29
N PHE E 105 1.61 24.59 20.50
CA PHE E 105 2.59 24.12 21.49
C PHE E 105 3.08 22.73 21.16
N GLU E 106 2.24 21.90 20.55
CA GLU E 106 2.73 20.61 20.10
C GLU E 106 3.85 20.77 19.08
N ASP E 107 3.63 21.63 18.09
CA ASP E 107 4.67 21.86 17.10
C ASP E 107 5.91 22.48 17.73
N THR E 108 5.72 23.38 18.69
CA THR E 108 6.84 23.96 19.41
C THR E 108 7.65 22.91 20.12
N ASN E 109 6.98 21.96 20.76
CA ASN E 109 7.68 20.91 21.48
C ASN E 109 8.50 20.08 20.53
N LEU E 110 7.95 19.76 19.36
CA LEU E 110 8.74 19.02 18.37
C LEU E 110 9.97 19.80 17.97
N CYS E 111 9.82 21.10 17.71
CA CYS E 111 10.97 21.89 17.30
C CYS E 111 12.01 21.98 18.40
N ALA E 112 11.59 21.94 19.66
CA ALA E 112 12.56 21.94 20.75
C ALA E 112 13.32 20.62 20.82
N ILE E 113 12.60 19.51 20.78
CA ILE E 113 13.24 18.21 20.80
C ILE E 113 14.20 18.06 19.64
N HIS E 114 13.91 18.72 18.52
CA HIS E 114 14.79 18.63 17.37
C HIS E 114 16.16 19.19 17.69
N ALA E 115 16.21 20.30 18.41
CA ALA E 115 17.46 20.92 18.81
C ALA E 115 18.01 20.36 20.09
N LYS E 116 17.53 19.19 20.52
CA LYS E 116 18.07 18.45 21.65
C LYS E 116 17.86 19.17 22.98
N ARG E 117 16.82 19.98 23.09
CA ARG E 117 16.43 20.60 24.34
C ARG E 117 15.18 19.95 24.89
N VAL E 118 14.72 20.44 26.03
CA VAL E 118 13.39 20.09 26.53
C VAL E 118 12.64 21.36 26.89
N THR E 119 13.37 22.46 27.01
CA THR E 119 12.77 23.75 27.28
C THR E 119 12.35 24.39 25.96
N ILE E 120 11.10 24.77 25.85
CA ILE E 120 10.65 25.45 24.65
C ILE E 120 10.98 26.93 24.78
N MET E 121 11.43 27.53 23.71
CA MET E 121 11.93 28.89 23.69
C MET E 121 11.28 29.63 22.55
N PRO E 122 11.28 30.96 22.56
CA PRO E 122 10.62 31.70 21.49
C PRO E 122 11.08 31.30 20.10
N LYS E 123 12.33 30.87 19.95
CA LYS E 123 12.81 30.41 18.66
C LYS E 123 11.95 29.26 18.14
N ASP E 124 11.51 28.38 19.03
CA ASP E 124 10.72 27.23 18.60
C ASP E 124 9.37 27.66 18.07
N ILE E 125 8.71 28.60 18.75
CA ILE E 125 7.44 29.10 18.25
C ILE E 125 7.63 29.76 16.90
N GLN E 126 8.68 30.55 16.76
CA GLN E 126 8.92 31.25 15.51
C GLN E 126 9.19 30.27 14.38
N LEU E 127 9.98 29.23 14.64
CA LEU E 127 10.22 28.23 13.59
C LEU E 127 8.95 27.50 13.22
N ALA E 128 8.15 27.10 14.22
CA ALA E 128 6.91 26.42 13.91
C ALA E 128 6.02 27.27 13.04
N ARG E 129 5.84 28.53 13.41
CA ARG E 129 4.96 29.38 12.63
C ARG E 129 5.55 29.75 11.28
N ARG E 130 6.87 29.73 11.14
CA ARG E 130 7.46 30.00 9.84
C ARG E 130 7.25 28.83 8.90
N ILE E 131 7.37 27.61 9.40
CA ILE E 131 7.13 26.45 8.56
C ILE E 131 5.66 26.28 8.22
N ARG E 132 4.78 26.51 9.21
CA ARG E 132 3.35 26.38 8.95
C ARG E 132 2.88 27.28 7.84
N GLY E 133 3.59 28.37 7.57
CA GLY E 133 3.16 29.34 6.59
C GLY E 133 2.52 30.57 7.17
N GLU E 134 2.56 30.74 8.49
CA GLU E 134 1.93 31.86 9.15
C GLU E 134 2.80 33.10 9.21
N ARG E 135 4.09 32.97 8.91
CA ARG E 135 5.01 34.10 8.92
C ARG E 135 6.03 33.96 7.79
N ARG F 18 -25.82 55.02 29.00
CA ARG F 18 -24.91 55.34 27.91
C ARG F 18 -23.46 55.23 28.34
N HIS F 19 -23.00 54.01 28.59
CA HIS F 19 -21.65 53.75 29.07
C HIS F 19 -20.87 52.97 28.02
N ARG F 20 -19.95 53.63 27.34
CA ARG F 20 -19.07 53.01 26.36
C ARG F 20 -17.63 53.31 26.75
N LYS F 21 -17.08 52.48 27.63
CA LYS F 21 -15.70 52.66 28.09
C LYS F 21 -14.72 52.09 27.08
N VAL F 22 -13.49 52.57 27.15
CA VAL F 22 -12.41 52.09 26.29
C VAL F 22 -11.49 51.25 27.16
N LEU F 23 -11.42 49.95 26.87
CA LEU F 23 -10.54 49.08 27.63
C LEU F 23 -9.09 49.32 27.24
N ARG F 24 -8.19 48.85 28.10
CA ARG F 24 -6.76 49.00 27.84
C ARG F 24 -6.01 47.90 28.57
N ASP F 25 -5.19 47.17 27.82
CA ASP F 25 -4.26 46.20 28.39
C ASP F 25 -5.01 45.08 29.12
N ASN F 26 -5.92 44.44 28.40
CA ASN F 26 -6.54 43.23 28.88
C ASN F 26 -5.80 41.98 28.42
N ILE F 27 -4.80 42.14 27.57
CA ILE F 27 -4.01 41.01 27.14
C ILE F 27 -3.26 40.39 28.29
N GLN F 28 -2.99 41.17 29.34
CA GLN F 28 -2.34 40.64 30.51
C GLN F 28 -3.25 39.76 31.33
N GLY F 29 -4.55 39.73 31.01
CA GLY F 29 -5.44 38.82 31.68
C GLY F 29 -5.31 37.40 31.25
N ILE F 30 -4.50 37.15 30.23
CA ILE F 30 -4.15 35.78 29.83
C ILE F 30 -2.93 35.43 30.66
N THR F 31 -3.17 35.01 31.89
CA THR F 31 -2.13 34.96 32.89
C THR F 31 -1.11 33.87 32.56
N LYS F 32 0.05 33.99 33.20
CA LYS F 32 1.08 32.97 33.03
C LYS F 32 0.61 31.57 33.41
N PRO F 33 -0.12 31.35 34.52
CA PRO F 33 -0.61 30.00 34.80
C PRO F 33 -1.47 29.43 33.69
N ALA F 34 -2.28 30.26 33.04
CA ALA F 34 -3.11 29.77 31.96
C ALA F 34 -2.25 29.28 30.81
N ILE F 35 -1.19 30.02 30.49
CA ILE F 35 -0.31 29.59 29.41
C ILE F 35 0.40 28.30 29.77
N ARG F 36 0.78 28.13 31.04
CA ARG F 36 1.39 26.86 31.42
C ARG F 36 0.40 25.71 31.28
N ARG F 37 -0.87 25.94 31.63
CA ARG F 37 -1.85 24.88 31.43
C ARG F 37 -2.02 24.54 29.96
N LEU F 38 -2.07 25.56 29.10
CA LEU F 38 -2.20 25.29 27.67
C LEU F 38 -0.99 24.52 27.15
N ALA F 39 0.20 24.83 27.65
CA ALA F 39 1.38 24.09 27.24
C ALA F 39 1.35 22.66 27.78
N ARG F 40 0.88 22.49 29.00
CA ARG F 40 0.83 21.16 29.60
C ARG F 40 -0.11 20.27 28.82
N ARG F 41 -1.23 20.80 28.34
CA ARG F 41 -2.08 19.98 27.49
C ARG F 41 -1.40 19.64 26.18
N GLY F 42 -0.45 20.45 25.75
CA GLY F 42 0.30 20.16 24.55
C GLY F 42 1.48 19.24 24.70
N GLY F 43 1.79 18.81 25.91
CA GLY F 43 2.90 17.90 26.14
C GLY F 43 4.21 18.52 26.54
N VAL F 44 4.22 19.77 26.96
CA VAL F 44 5.45 20.49 27.23
C VAL F 44 5.86 20.26 28.68
N LYS F 45 7.14 19.94 28.88
CA LYS F 45 7.65 19.67 30.22
C LYS F 45 8.25 20.89 30.87
N ARG F 46 8.96 21.71 30.12
CA ARG F 46 9.70 22.83 30.66
C ARG F 46 9.47 24.02 29.76
N ILE F 47 9.30 25.20 30.35
CA ILE F 47 8.88 26.38 29.63
C ILE F 47 9.81 27.54 29.95
N SER F 48 10.36 28.16 28.92
CA SER F 48 11.21 29.32 29.12
C SER F 48 10.38 30.50 29.60
N GLY F 49 11.05 31.44 30.26
CA GLY F 49 10.33 32.57 30.80
C GLY F 49 9.93 33.59 29.77
N LEU F 50 10.53 33.56 28.60
CA LEU F 50 10.20 34.48 27.53
C LEU F 50 9.05 33.99 26.67
N ILE F 51 8.54 32.81 26.98
CA ILE F 51 7.46 32.22 26.18
C ILE F 51 6.19 33.02 26.32
N TYR F 52 5.93 33.58 27.50
CA TYR F 52 4.62 34.12 27.78
C TYR F 52 4.29 35.31 26.89
N GLU F 53 5.24 36.23 26.72
CA GLU F 53 4.98 37.38 25.87
C GLU F 53 4.80 36.95 24.42
N GLU F 54 5.62 36.01 23.96
CA GLU F 54 5.45 35.50 22.60
C GLU F 54 4.07 34.93 22.41
N THR F 55 3.61 34.14 23.36
CA THR F 55 2.31 33.51 23.24
C THR F 55 1.20 34.54 23.24
N ARG F 56 1.31 35.58 24.07
CA ARG F 56 0.29 36.62 24.04
C ARG F 56 0.26 37.32 22.70
N GLY F 57 1.41 37.58 22.11
CA GLY F 57 1.42 38.16 20.77
C GLY F 57 0.76 37.25 19.74
N VAL F 58 1.05 35.96 19.80
CA VAL F 58 0.46 35.01 18.86
C VAL F 58 -1.05 34.99 19.00
N LEU F 59 -1.53 34.92 20.24
CA LEU F 59 -2.97 34.90 20.47
C LEU F 59 -3.62 36.18 19.99
N LYS F 60 -2.97 37.31 20.21
CA LYS F 60 -3.51 38.58 19.74
C LYS F 60 -3.66 38.57 18.23
N VAL F 61 -2.65 38.10 17.52
CA VAL F 61 -2.75 38.07 16.06
C VAL F 61 -3.88 37.16 15.60
N PHE F 62 -4.00 35.98 16.20
CA PHE F 62 -5.05 35.06 15.80
C PHE F 62 -6.42 35.67 16.03
N LEU F 63 -6.63 36.28 17.20
CA LEU F 63 -7.93 36.86 17.47
C LEU F 63 -8.23 38.03 16.57
N GLU F 64 -7.23 38.86 16.26
CA GLU F 64 -7.49 39.96 15.35
C GLU F 64 -7.92 39.43 13.98
N ASN F 65 -7.24 38.42 13.47
CA ASN F 65 -7.60 37.90 12.17
C ASN F 65 -9.00 37.34 12.16
N VAL F 66 -9.40 36.64 13.22
CA VAL F 66 -10.74 36.04 13.18
C VAL F 66 -11.81 37.09 13.42
N ILE F 67 -11.59 38.02 14.35
CA ILE F 67 -12.61 38.98 14.68
C ILE F 67 -12.83 39.96 13.54
N ARG F 68 -11.80 40.28 12.76
CA ARG F 68 -12.04 41.17 11.63
C ARG F 68 -13.06 40.57 10.69
N ASP F 69 -12.94 39.28 10.41
CA ASP F 69 -13.86 38.62 9.51
C ASP F 69 -15.24 38.48 10.14
N ALA F 70 -15.29 38.19 11.44
CA ALA F 70 -16.58 38.09 12.11
C ALA F 70 -17.32 39.40 12.05
N VAL F 71 -16.63 40.51 12.29
CA VAL F 71 -17.30 41.79 12.25
C VAL F 71 -17.64 42.19 10.82
N THR F 72 -16.86 41.76 9.83
CA THR F 72 -17.25 42.00 8.46
C THR F 72 -18.56 41.31 8.13
N TYR F 73 -18.70 40.04 8.54
CA TYR F 73 -19.96 39.33 8.33
C TYR F 73 -21.10 40.01 9.06
N THR F 74 -20.84 40.50 10.27
CA THR F 74 -21.89 41.19 11.01
C THR F 74 -22.34 42.46 10.31
N GLU F 75 -21.39 43.26 9.86
CA GLU F 75 -21.72 44.50 9.18
C GLU F 75 -22.49 44.23 7.91
N HIS F 76 -22.13 43.17 7.18
CA HIS F 76 -22.82 42.92 5.93
C HIS F 76 -24.28 42.57 6.14
N ALA F 77 -24.63 42.00 7.28
CA ALA F 77 -26.01 41.66 7.58
C ALA F 77 -26.74 42.78 8.28
N LYS F 78 -26.09 43.94 8.42
CA LYS F 78 -26.71 45.12 8.99
C LYS F 78 -27.07 44.93 10.46
N ARG F 79 -26.37 44.02 11.14
CA ARG F 79 -26.63 43.75 12.54
C ARG F 79 -25.67 44.52 13.42
N LYS F 80 -25.97 44.50 14.72
CA LYS F 80 -25.11 45.11 15.72
C LYS F 80 -24.57 44.11 16.72
N THR F 81 -25.02 42.87 16.70
CA THR F 81 -24.47 41.82 17.54
C THR F 81 -23.65 40.87 16.68
N VAL F 82 -22.53 40.41 17.22
CA VAL F 82 -21.74 39.38 16.57
C VAL F 82 -22.27 38.04 17.01
N THR F 83 -22.74 37.24 16.07
CA THR F 83 -23.42 35.99 16.41
C THR F 83 -22.42 34.83 16.40
N ALA F 84 -22.89 33.66 16.79
CA ALA F 84 -22.03 32.49 16.73
C ALA F 84 -21.77 32.06 15.29
N MET F 85 -22.74 32.26 14.41
CA MET F 85 -22.54 31.94 13.01
C MET F 85 -21.46 32.81 12.38
N ASP F 86 -21.35 34.06 12.79
CA ASP F 86 -20.31 34.90 12.23
C ASP F 86 -18.94 34.35 12.56
N VAL F 87 -18.75 33.92 13.80
CA VAL F 87 -17.48 33.33 14.19
C VAL F 87 -17.24 32.04 13.43
N VAL F 88 -18.28 31.22 13.29
CA VAL F 88 -18.10 29.95 12.58
C VAL F 88 -17.70 30.19 11.14
N TYR F 89 -18.35 31.15 10.48
CA TYR F 89 -18.02 31.44 9.09
C TYR F 89 -16.63 32.01 8.94
N ALA F 90 -16.21 32.89 9.85
CA ALA F 90 -14.85 33.40 9.80
C ALA F 90 -13.85 32.27 9.91
N LEU F 91 -14.04 31.39 10.89
CA LEU F 91 -13.12 30.29 11.07
C LEU F 91 -13.09 29.38 9.86
N LYS F 92 -14.25 29.09 9.28
CA LYS F 92 -14.27 28.25 8.09
C LYS F 92 -13.55 28.93 6.96
N ARG F 93 -13.71 30.24 6.83
CA ARG F 93 -13.04 31.00 5.79
C ARG F 93 -11.54 30.98 5.96
N GLN F 94 -11.05 30.76 7.17
CA GLN F 94 -9.63 30.63 7.41
C GLN F 94 -9.16 29.18 7.44
N GLY F 95 -10.01 28.25 7.06
CA GLY F 95 -9.64 26.85 7.08
C GLY F 95 -9.46 26.27 8.46
N ARG F 96 -10.33 26.64 9.40
CA ARG F 96 -10.30 26.13 10.76
C ARG F 96 -11.70 25.75 11.21
N THR F 97 -12.38 24.97 10.39
CA THR F 97 -13.75 24.55 10.66
C THR F 97 -13.95 24.16 12.11
N LEU F 98 -15.10 24.53 12.66
CA LEU F 98 -15.42 24.27 14.06
C LEU F 98 -16.76 23.56 14.12
N TYR F 99 -16.85 22.54 14.96
CA TYR F 99 -18.08 21.76 15.13
C TYR F 99 -18.64 21.97 16.52
N GLY F 100 -19.95 22.15 16.60
CA GLY F 100 -20.57 22.18 17.90
C GLY F 100 -21.32 23.46 18.20
N PHE F 101 -21.42 24.34 17.21
CA PHE F 101 -22.06 25.63 17.40
C PHE F 101 -23.09 25.93 16.32
N GLY F 102 -23.50 24.93 15.55
CA GLY F 102 -24.37 25.16 14.42
C GLY F 102 -23.59 25.27 13.14
N GLY F 103 -24.31 25.64 12.08
CA GLY F 103 -23.70 25.80 10.78
C GLY F 103 -23.39 24.48 10.12
N ALA G 13 -30.81 53.97 -30.66
CA ALA G 13 -29.74 54.97 -30.59
C ALA G 13 -28.37 54.31 -30.72
N LYS G 14 -27.34 55.14 -30.79
CA LYS G 14 -25.98 54.61 -30.90
C LYS G 14 -25.58 53.95 -29.59
N ALA G 15 -24.96 52.77 -29.70
CA ALA G 15 -24.70 51.94 -28.54
C ALA G 15 -23.35 52.27 -27.92
N LYS G 16 -23.34 52.39 -26.59
CA LYS G 16 -22.12 52.55 -25.82
C LYS G 16 -21.96 51.34 -24.92
N THR G 17 -20.80 50.69 -25.01
CA THR G 17 -20.57 49.52 -24.18
C THR G 17 -20.61 49.90 -22.70
N ARG G 18 -21.11 48.99 -21.88
CA ARG G 18 -21.19 49.26 -20.45
C ARG G 18 -19.84 49.56 -19.85
N SER G 19 -18.78 48.95 -20.39
CA SER G 19 -17.46 49.20 -19.83
C SER G 19 -16.98 50.61 -20.13
N SER G 20 -17.47 51.22 -21.20
CA SER G 20 -17.10 52.60 -21.47
C SER G 20 -17.87 53.58 -20.60
N ARG G 21 -19.10 53.25 -20.23
CA ARG G 21 -19.83 54.12 -19.32
C ARG G 21 -19.10 54.28 -18.01
N ALA G 22 -18.58 53.18 -17.47
CA ALA G 22 -17.87 53.19 -16.20
C ALA G 22 -16.41 53.58 -16.35
N GLY G 23 -15.93 53.83 -17.56
CA GLY G 23 -14.55 54.19 -17.73
C GLY G 23 -13.59 53.08 -17.41
N LEU G 24 -13.87 51.87 -17.87
CA LEU G 24 -13.04 50.71 -17.61
C LEU G 24 -12.44 50.19 -18.91
N GLN G 25 -11.47 49.29 -18.75
CA GLN G 25 -10.92 48.55 -19.89
C GLN G 25 -11.43 47.13 -19.96
N PHE G 26 -11.72 46.53 -18.82
CA PHE G 26 -12.23 45.17 -18.77
C PHE G 26 -13.69 45.13 -19.21
N PRO G 27 -14.19 43.98 -19.62
CA PRO G 27 -15.55 43.93 -20.16
C PRO G 27 -16.60 43.78 -19.09
N VAL G 28 -17.49 44.75 -18.95
CA VAL G 28 -18.59 44.57 -18.02
C VAL G 28 -19.54 43.50 -18.54
N GLY G 29 -19.77 43.47 -19.84
CA GLY G 29 -20.71 42.52 -20.40
C GLY G 29 -20.25 41.08 -20.26
N ARG G 30 -18.98 40.81 -20.56
CA ARG G 30 -18.47 39.46 -20.42
C ARG G 30 -18.50 39.01 -18.98
N VAL G 31 -18.14 39.89 -18.06
CA VAL G 31 -18.18 39.53 -16.64
C VAL G 31 -19.59 39.22 -16.22
N HIS G 32 -20.56 40.02 -16.66
CA HIS G 32 -21.95 39.76 -16.31
C HIS G 32 -22.39 38.41 -16.85
N ARG G 33 -22.00 38.08 -18.08
CA ARG G 33 -22.36 36.78 -18.62
C ARG G 33 -21.71 35.65 -17.84
N LEU G 34 -20.45 35.80 -17.46
CA LEU G 34 -19.80 34.74 -16.69
C LEU G 34 -20.46 34.56 -15.35
N LEU G 35 -20.85 35.66 -14.70
CA LEU G 35 -21.58 35.55 -13.45
C LEU G 35 -22.89 34.80 -13.64
N ARG G 36 -23.64 35.12 -14.69
CA ARG G 36 -24.92 34.45 -14.90
C ARG G 36 -24.74 32.97 -15.16
N LYS G 37 -23.77 32.60 -15.98
CA LYS G 37 -23.60 31.18 -16.31
C LYS G 37 -22.78 30.43 -15.28
N GLY G 38 -22.28 31.08 -14.25
CA GLY G 38 -21.54 30.33 -13.25
C GLY G 38 -22.35 29.74 -12.14
N ASN G 39 -23.66 29.99 -12.08
CA ASN G 39 -24.51 29.48 -11.02
C ASN G 39 -24.06 29.97 -9.65
N TYR G 40 -23.65 31.22 -9.57
CA TYR G 40 -23.27 31.76 -8.28
C TYR G 40 -24.48 32.15 -7.46
N ALA G 41 -25.54 32.60 -8.12
CA ALA G 41 -26.79 32.91 -7.44
C ALA G 41 -27.88 32.94 -8.49
N GLU G 42 -29.12 33.02 -8.02
CA GLU G 42 -30.24 33.00 -8.94
C GLU G 42 -30.28 34.25 -9.80
N ARG G 43 -29.95 35.40 -9.23
CA ARG G 43 -30.06 36.68 -9.91
C ARG G 43 -28.78 37.46 -9.74
N VAL G 44 -28.48 38.32 -10.70
CA VAL G 44 -27.28 39.13 -10.67
C VAL G 44 -27.67 40.59 -10.88
N GLY G 45 -27.32 41.43 -9.94
CA GLY G 45 -27.70 42.83 -10.01
C GLY G 45 -26.97 43.57 -11.09
N ALA G 46 -27.40 44.80 -11.32
CA ALA G 46 -26.84 45.60 -12.40
C ALA G 46 -25.44 46.09 -12.07
N GLY G 47 -25.18 46.41 -10.81
CA GLY G 47 -23.89 46.94 -10.44
C GLY G 47 -22.82 45.93 -10.12
N ALA G 48 -23.19 44.67 -9.96
CA ALA G 48 -22.19 43.66 -9.62
C ALA G 48 -21.13 43.49 -10.69
N PRO G 49 -21.46 43.28 -11.97
CA PRO G 49 -20.39 43.14 -12.95
C PRO G 49 -19.55 44.38 -13.10
N VAL G 50 -20.14 45.56 -12.98
CA VAL G 50 -19.36 46.78 -13.05
C VAL G 50 -18.35 46.83 -11.91
N TYR G 51 -18.81 46.54 -10.70
CA TYR G 51 -17.97 46.70 -9.55
C TYR G 51 -16.83 45.69 -9.61
N LEU G 52 -17.16 44.46 -10.02
CA LEU G 52 -16.17 43.39 -10.08
C LEU G 52 -15.17 43.63 -11.21
N ALA G 53 -15.63 44.18 -12.34
CA ALA G 53 -14.69 44.50 -13.41
C ALA G 53 -13.72 45.58 -12.96
N ALA G 54 -14.22 46.59 -12.24
CA ALA G 54 -13.30 47.59 -11.73
C ALA G 54 -12.25 46.98 -10.83
N VAL G 55 -12.67 46.06 -9.95
CA VAL G 55 -11.70 45.45 -9.04
C VAL G 55 -10.68 44.63 -9.79
N LEU G 56 -11.12 43.83 -10.76
CA LEU G 56 -10.18 43.02 -11.52
C LEU G 56 -9.20 43.90 -12.28
N GLU G 57 -9.67 45.00 -12.85
CA GLU G 57 -8.77 45.88 -13.59
C GLU G 57 -7.75 46.51 -12.65
N TYR G 58 -8.18 46.89 -11.45
CA TYR G 58 -7.23 47.46 -10.49
C TYR G 58 -6.13 46.47 -10.15
N LEU G 59 -6.51 45.23 -9.86
CA LEU G 59 -5.49 44.24 -9.49
C LEU G 59 -4.55 43.96 -10.65
N THR G 60 -5.07 43.88 -11.86
CA THR G 60 -4.21 43.66 -13.01
C THR G 60 -3.22 44.80 -13.18
N ALA G 61 -3.69 46.03 -12.98
CA ALA G 61 -2.79 47.16 -13.07
C ALA G 61 -1.68 47.06 -12.04
N GLU G 62 -2.01 46.64 -10.82
CA GLU G 62 -0.97 46.48 -9.81
C GLU G 62 0.10 45.50 -10.26
N ILE G 63 -0.32 44.29 -10.65
CA ILE G 63 0.64 43.28 -11.06
C ILE G 63 1.50 43.80 -12.19
N LEU G 64 0.86 44.37 -13.22
CA LEU G 64 1.60 44.77 -14.40
C LEU G 64 2.55 45.92 -14.12
N GLU G 65 2.18 46.85 -13.25
CA GLU G 65 3.11 47.91 -12.91
C GLU G 65 4.35 47.35 -12.26
N LEU G 66 4.16 46.51 -11.24
CA LEU G 66 5.32 45.98 -10.55
C LEU G 66 6.19 45.12 -11.46
N ALA G 67 5.56 44.33 -12.32
CA ALA G 67 6.32 43.47 -13.22
C ALA G 67 7.02 44.29 -14.28
N GLY G 68 6.44 45.39 -14.74
CA GLY G 68 7.11 46.24 -15.68
C GLY G 68 8.33 46.89 -15.09
N ASN G 69 8.24 47.33 -13.84
CA ASN G 69 9.42 47.83 -13.16
C ASN G 69 10.49 46.76 -13.03
N ALA G 70 10.09 45.55 -12.65
CA ALA G 70 11.06 44.47 -12.52
C ALA G 70 11.74 44.18 -13.86
N ALA G 71 10.98 44.19 -14.94
CA ALA G 71 11.56 43.95 -16.25
C ALA G 71 12.51 45.09 -16.63
N ARG G 72 12.16 46.32 -16.28
CA ARG G 72 13.03 47.44 -16.61
C ARG G 72 14.33 47.38 -15.83
N ASP G 73 14.31 46.85 -14.62
CA ASP G 73 15.54 46.66 -13.88
C ASP G 73 16.44 45.57 -14.47
N ASN G 74 16.03 44.91 -15.55
CA ASN G 74 16.87 43.94 -16.24
C ASN G 74 17.24 44.39 -17.65
N LYS G 75 16.87 45.60 -18.03
CA LYS G 75 17.05 46.08 -19.39
C LYS G 75 16.37 45.16 -20.40
N LYS G 76 15.16 44.72 -20.07
CA LYS G 76 14.28 44.03 -21.01
C LYS G 76 13.03 44.87 -21.25
N THR G 77 12.37 44.60 -22.37
CA THR G 77 11.13 45.28 -22.70
C THR G 77 9.96 44.34 -22.91
N ARG G 78 10.17 43.03 -22.89
CA ARG G 78 9.09 42.07 -22.74
C ARG G 78 9.09 41.56 -21.31
N ILE G 79 7.92 41.58 -20.71
CA ILE G 79 7.71 40.96 -19.41
C ILE G 79 7.64 39.45 -19.61
N ILE G 80 8.37 38.71 -18.77
CA ILE G 80 8.39 37.26 -18.86
C ILE G 80 8.05 36.72 -17.48
N PRO G 81 7.67 35.45 -17.37
CA PRO G 81 7.20 34.93 -16.08
C PRO G 81 8.13 35.21 -14.93
N ARG G 82 9.43 35.27 -15.18
CA ARG G 82 10.37 35.59 -14.11
C ARG G 82 10.06 36.95 -13.51
N HIS G 83 9.69 37.91 -14.35
CA HIS G 83 9.41 39.25 -13.85
C HIS G 83 8.12 39.28 -13.04
N LEU G 84 7.11 38.51 -13.46
CA LEU G 84 5.91 38.41 -12.66
C LEU G 84 6.20 37.79 -11.31
N GLN G 85 7.04 36.76 -11.28
CA GLN G 85 7.42 36.13 -10.03
C GLN G 85 8.13 37.11 -9.11
N LEU G 86 9.08 37.86 -9.65
CA LEU G 86 9.78 38.84 -8.82
C LEU G 86 8.83 39.91 -8.32
N ALA G 87 7.92 40.36 -9.17
CA ALA G 87 6.98 41.38 -8.74
C ALA G 87 6.11 40.89 -7.60
N VAL G 88 5.60 39.67 -7.72
CA VAL G 88 4.68 39.17 -6.71
C VAL G 88 5.41 38.91 -5.40
N ARG G 89 6.55 38.22 -5.47
CA ARG G 89 7.21 37.81 -4.23
C ARG G 89 7.91 38.94 -3.51
N ASN G 90 8.06 40.11 -4.12
CA ASN G 90 8.68 41.24 -3.46
C ASN G 90 7.69 42.21 -2.85
N ASP G 91 6.40 42.02 -3.07
CA ASP G 91 5.38 42.88 -2.48
C ASP G 91 4.63 42.05 -1.44
N GLU G 92 4.51 42.59 -0.23
CA GLU G 92 3.96 41.79 0.85
C GLU G 92 2.51 41.44 0.62
N GLU G 93 1.71 42.37 0.12
CA GLU G 93 0.29 42.11 0.01
C GLU G 93 -0.04 41.23 -1.18
N LEU G 94 0.62 41.43 -2.31
CA LEU G 94 0.43 40.51 -3.43
C LEU G 94 0.95 39.12 -3.07
N ASN G 95 2.06 39.04 -2.35
CA ASN G 95 2.56 37.74 -1.93
C ASN G 95 1.61 37.06 -0.96
N LYS G 96 0.92 37.84 -0.12
CA LYS G 96 -0.09 37.25 0.74
C LYS G 96 -1.29 36.79 -0.05
N LEU G 97 -1.64 37.53 -1.10
CA LEU G 97 -2.79 37.15 -1.92
C LEU G 97 -2.52 35.86 -2.69
N LEU G 98 -1.29 35.67 -3.15
CA LEU G 98 -0.92 34.54 -3.99
C LEU G 98 0.04 33.60 -3.27
N GLY G 99 -0.23 33.32 -1.99
CA GLY G 99 0.70 32.52 -1.22
C GLY G 99 0.70 31.06 -1.59
N ARG G 100 -0.41 30.57 -2.13
CA ARG G 100 -0.56 29.16 -2.46
C ARG G 100 -0.54 28.92 -3.97
N VAL G 101 0.15 29.78 -4.70
CA VAL G 101 0.14 29.78 -6.15
C VAL G 101 1.54 29.57 -6.66
N THR G 102 1.68 28.72 -7.67
CA THR G 102 2.95 28.48 -8.33
C THR G 102 2.91 29.12 -9.70
N ILE G 103 3.94 29.90 -10.03
CA ILE G 103 4.03 30.56 -11.32
C ILE G 103 5.03 29.80 -12.17
N ALA G 104 4.56 29.23 -13.26
CA ALA G 104 5.41 28.39 -14.10
C ALA G 104 6.56 29.21 -14.66
N GLN G 105 7.75 28.61 -14.65
CA GLN G 105 8.97 29.26 -15.13
C GLN G 105 9.35 30.48 -14.31
N GLY G 106 8.89 30.56 -13.07
CA GLY G 106 9.17 31.73 -12.27
C GLY G 106 10.53 31.72 -11.60
N GLY G 107 10.91 30.60 -11.00
CA GLY G 107 12.15 30.57 -10.25
C GLY G 107 11.90 30.88 -8.80
N VAL G 108 12.87 31.51 -8.13
CA VAL G 108 12.74 31.90 -6.73
C VAL G 108 13.36 33.28 -6.54
N LEU G 109 13.19 33.81 -5.35
CA LEU G 109 13.90 35.03 -4.98
C LEU G 109 15.28 34.70 -4.46
N PRO G 110 16.32 35.31 -5.00
CA PRO G 110 17.67 35.10 -4.47
C PRO G 110 17.76 35.42 -2.98
N ASN G 111 18.09 34.40 -2.19
CA ASN G 111 18.13 34.54 -0.74
C ASN G 111 18.99 33.43 -0.14
N ILE G 112 20.14 33.79 0.41
CA ILE G 112 21.05 32.83 1.04
C ILE G 112 21.14 33.18 2.51
N GLN G 113 20.90 32.19 3.37
CA GLN G 113 20.80 32.43 4.80
C GLN G 113 22.16 32.86 5.36
N SER G 114 22.11 33.69 6.41
CA SER G 114 23.30 34.39 6.87
C SER G 114 24.38 33.44 7.35
N VAL G 115 23.99 32.43 8.13
CA VAL G 115 24.97 31.56 8.77
C VAL G 115 25.63 30.63 7.76
N LEU G 116 25.19 30.69 6.51
CA LEU G 116 25.84 29.93 5.46
C LEU G 116 26.97 30.70 4.79
N LEU G 117 27.00 32.01 4.96
CA LEU G 117 28.00 32.83 4.30
C LEU G 117 29.35 32.70 4.99
N PRO G 118 30.45 32.84 4.24
CA PRO G 118 31.78 32.70 4.84
C PRO G 118 32.03 33.79 5.89
N LYS G 119 32.79 33.43 6.91
CA LYS G 119 33.16 34.38 7.95
C LYS G 119 34.63 34.21 8.33
N SER H 33 -12.64 25.89 -33.07
CA SER H 33 -13.71 26.79 -32.57
C SER H 33 -13.09 28.04 -31.95
N ARG H 34 -13.89 28.81 -31.20
CA ARG H 34 -13.38 30.03 -30.52
C ARG H 34 -13.05 29.74 -29.06
N LYS H 35 -12.09 30.48 -28.51
CA LYS H 35 -11.67 30.33 -27.12
C LYS H 35 -11.46 31.72 -26.54
N GLU H 36 -12.37 32.14 -25.68
CA GLU H 36 -12.31 33.49 -25.13
C GLU H 36 -11.20 33.59 -24.09
N SER H 37 -10.67 34.80 -23.94
CA SER H 37 -9.55 35.05 -23.06
C SER H 37 -9.60 36.51 -22.62
N TYR H 38 -8.68 36.87 -21.72
CA TYR H 38 -8.56 38.22 -21.22
C TYR H 38 -7.38 38.95 -21.83
N ALA H 39 -6.81 38.43 -22.91
CA ALA H 39 -5.53 38.93 -23.38
C ALA H 39 -5.59 40.40 -23.75
N ILE H 40 -6.55 40.78 -24.58
CA ILE H 40 -6.52 42.14 -25.12
C ILE H 40 -6.75 43.16 -24.02
N TYR H 41 -7.51 42.81 -23.00
CA TYR H 41 -7.76 43.72 -21.89
C TYR H 41 -6.50 43.92 -21.07
N VAL H 42 -5.78 42.83 -20.79
CA VAL H 42 -4.50 42.93 -20.11
C VAL H 42 -3.53 43.78 -20.90
N TYR H 43 -3.55 43.63 -22.23
CA TYR H 43 -2.63 44.40 -23.04
C TYR H 43 -2.98 45.88 -23.02
N LYS H 44 -4.27 46.18 -23.01
CA LYS H 44 -4.73 47.57 -22.89
C LYS H 44 -4.25 48.19 -21.59
N VAL H 45 -4.47 47.48 -20.48
CA VAL H 45 -4.04 48.00 -19.18
C VAL H 45 -2.53 48.20 -19.18
N LEU H 46 -1.79 47.25 -19.73
CA LEU H 46 -0.35 47.38 -19.80
C LEU H 46 0.03 48.64 -20.54
N LYS H 47 -0.58 48.88 -21.70
CA LYS H 47 -0.24 50.07 -22.46
C LYS H 47 -0.60 51.34 -21.70
N GLN H 48 -1.56 51.25 -20.77
CA GLN H 48 -1.82 52.39 -19.91
C GLN H 48 -0.78 52.59 -18.83
N VAL H 49 -0.17 51.51 -18.33
CA VAL H 49 0.75 51.63 -17.21
C VAL H 49 2.19 51.80 -17.67
N HIS H 50 2.69 50.91 -18.52
CA HIS H 50 4.02 51.04 -19.11
C HIS H 50 3.86 51.11 -20.62
N PRO H 51 3.80 52.32 -21.19
CA PRO H 51 3.45 52.44 -22.62
C PRO H 51 4.43 51.79 -23.56
N ASP H 52 5.65 51.51 -23.14
CA ASP H 52 6.68 51.02 -24.06
C ASP H 52 7.16 49.62 -23.69
N THR H 53 6.35 48.84 -23.01
CA THR H 53 6.71 47.50 -22.58
C THR H 53 5.78 46.49 -23.21
N GLY H 54 6.33 45.36 -23.64
CA GLY H 54 5.54 44.26 -24.17
C GLY H 54 5.35 43.17 -23.14
N ILE H 55 4.95 42.00 -23.62
CA ILE H 55 4.71 40.88 -22.73
C ILE H 55 4.80 39.60 -23.53
N SER H 56 5.38 38.57 -22.93
CA SER H 56 5.56 37.31 -23.61
C SER H 56 4.23 36.59 -23.77
N SER H 57 4.27 35.47 -24.48
CA SER H 57 3.10 34.62 -24.56
C SER H 57 2.85 33.93 -23.23
N LYS H 58 3.90 33.36 -22.64
CA LYS H 58 3.71 32.63 -21.40
C LYS H 58 3.34 33.56 -20.27
N ALA H 59 3.90 34.76 -20.26
CA ALA H 59 3.48 35.75 -19.26
C ALA H 59 2.02 36.13 -19.43
N MET H 60 1.55 36.24 -20.67
CA MET H 60 0.14 36.52 -20.86
C MET H 60 -0.72 35.37 -20.40
N SER H 61 -0.26 34.14 -20.58
CA SER H 61 -0.99 33.00 -20.05
C SER H 61 -1.09 33.08 -18.54
N ILE H 62 0.00 33.45 -17.88
CA ILE H 62 -0.02 33.58 -16.44
C ILE H 62 -1.00 34.65 -16.00
N MET H 63 -1.01 35.80 -16.67
CA MET H 63 -1.92 36.85 -16.25
C MET H 63 -3.37 36.48 -16.52
N ASN H 64 -3.63 35.76 -17.59
CA ASN H 64 -4.98 35.26 -17.83
C ASN H 64 -5.43 34.33 -16.72
N SER H 65 -4.56 33.42 -16.30
CA SER H 65 -4.90 32.55 -15.19
C SER H 65 -5.13 33.34 -13.92
N PHE H 66 -4.35 34.37 -13.69
CA PHE H 66 -4.50 35.16 -12.48
C PHE H 66 -5.85 35.86 -12.44
N VAL H 67 -6.27 36.43 -13.56
CA VAL H 67 -7.57 37.08 -13.61
C VAL H 67 -8.67 36.07 -13.37
N ASN H 68 -8.59 34.90 -14.01
CA ASN H 68 -9.63 33.90 -13.80
C ASN H 68 -9.69 33.47 -12.34
N ASP H 69 -8.54 33.26 -11.72
CA ASP H 69 -8.50 32.78 -10.35
C ASP H 69 -9.11 33.79 -9.38
N VAL H 70 -8.75 35.06 -9.53
CA VAL H 70 -9.31 36.07 -8.63
C VAL H 70 -10.81 36.23 -8.87
N PHE H 71 -11.24 36.23 -10.12
CA PHE H 71 -12.66 36.27 -10.42
C PHE H 71 -13.39 35.17 -9.69
N GLU H 72 -12.88 33.94 -9.80
CA GLU H 72 -13.57 32.81 -9.18
C GLU H 72 -13.62 32.96 -7.67
N ARG H 73 -12.53 33.38 -7.04
CA ARG H 73 -12.54 33.55 -5.60
C ARG H 73 -13.60 34.55 -5.16
N ILE H 74 -13.61 35.72 -5.79
CA ILE H 74 -14.54 36.75 -5.36
C ILE H 74 -15.97 36.32 -5.62
N ALA H 75 -16.23 35.70 -6.77
CA ALA H 75 -17.59 35.28 -7.06
C ALA H 75 -18.07 34.21 -6.10
N GLY H 76 -17.20 33.27 -5.73
CA GLY H 76 -17.60 32.27 -4.76
C GLY H 76 -17.90 32.86 -3.40
N GLU H 77 -17.05 33.78 -2.93
CA GLU H 77 -17.31 34.41 -1.65
C GLU H 77 -18.61 35.19 -1.68
N ALA H 78 -18.90 35.87 -2.79
CA ALA H 78 -20.15 36.60 -2.89
C ALA H 78 -21.34 35.65 -2.88
N SER H 79 -21.19 34.49 -3.53
CA SER H 79 -22.26 33.50 -3.50
C SER H 79 -22.55 33.04 -2.08
N ARG H 80 -21.51 32.75 -1.31
CA ARG H 80 -21.76 32.38 0.09
C ARG H 80 -22.40 33.52 0.86
N LEU H 81 -21.96 34.75 0.64
CA LEU H 81 -22.54 35.85 1.37
C LEU H 81 -24.03 35.96 1.10
N ALA H 82 -24.43 35.81 -0.16
CA ALA H 82 -25.85 35.84 -0.47
C ALA H 82 -26.58 34.69 0.20
N HIS H 83 -26.01 33.49 0.17
CA HIS H 83 -26.69 32.34 0.76
C HIS H 83 -26.86 32.49 2.26
N TYR H 84 -25.87 33.02 2.96
CA TYR H 84 -25.97 33.16 4.41
C TYR H 84 -27.13 34.04 4.80
N ASN H 85 -27.36 35.13 4.07
CA ASN H 85 -28.38 36.09 4.42
C ASN H 85 -29.70 35.80 3.75
N LYS H 86 -29.88 34.59 3.22
CA LYS H 86 -31.15 34.19 2.63
C LYS H 86 -31.57 35.13 1.50
N ARG H 87 -30.60 35.55 0.71
CA ARG H 87 -30.83 36.42 -0.42
C ARG H 87 -30.63 35.61 -1.70
N SER H 88 -31.31 36.03 -2.76
CA SER H 88 -31.20 35.34 -4.03
C SER H 88 -30.62 36.23 -5.12
N THR H 89 -29.91 37.28 -4.73
CA THR H 89 -29.35 38.24 -5.65
C THR H 89 -27.94 38.57 -5.22
N ILE H 90 -27.05 38.71 -6.18
CA ILE H 90 -25.69 39.18 -5.94
C ILE H 90 -25.63 40.64 -6.36
N THR H 91 -25.41 41.52 -5.41
CA THR H 91 -25.39 42.94 -5.68
C THR H 91 -23.99 43.50 -5.42
N SER H 92 -23.88 44.82 -5.46
CA SER H 92 -22.59 45.44 -5.20
C SER H 92 -22.19 45.31 -3.75
N ARG H 93 -23.16 45.19 -2.85
CA ARG H 93 -22.83 44.95 -1.45
C ARG H 93 -22.11 43.62 -1.28
N GLU H 94 -22.59 42.59 -1.96
CA GLU H 94 -21.94 41.28 -1.87
C GLU H 94 -20.51 41.35 -2.40
N ILE H 95 -20.31 42.00 -3.54
CA ILE H 95 -18.98 42.07 -4.10
C ILE H 95 -18.07 42.88 -3.20
N GLN H 96 -18.57 43.98 -2.65
CA GLN H 96 -17.74 44.79 -1.77
C GLN H 96 -17.32 44.02 -0.55
N THR H 97 -18.25 43.30 0.06
CA THR H 97 -17.90 42.53 1.24
C THR H 97 -16.92 41.41 0.90
N ALA H 98 -17.13 40.74 -0.24
CA ALA H 98 -16.20 39.69 -0.65
C ALA H 98 -14.80 40.25 -0.87
N VAL H 99 -14.71 41.44 -1.47
CA VAL H 99 -13.41 42.06 -1.66
C VAL H 99 -12.76 42.37 -0.32
N ARG H 100 -13.54 42.88 0.63
CA ARG H 100 -12.99 43.16 1.95
C ARG H 100 -12.50 41.88 2.61
N LEU H 101 -13.18 40.77 2.37
CA LEU H 101 -12.77 39.52 2.99
C LEU H 101 -11.50 38.98 2.36
N LEU H 102 -11.40 39.00 1.04
CA LEU H 102 -10.25 38.36 0.40
C LEU H 102 -9.03 39.25 0.31
N LEU H 103 -9.18 40.46 0.00
CA LEU H 103 -7.92 41.14 -0.22
C LEU H 103 -7.33 41.67 1.08
N PRO H 104 -6.01 41.75 1.17
CA PRO H 104 -5.38 42.24 2.40
C PRO H 104 -5.18 43.75 2.44
N GLY H 105 -5.63 44.38 3.50
CA GLY H 105 -5.26 45.75 3.81
C GLY H 105 -5.40 46.81 2.74
N GLU H 106 -4.27 47.35 2.30
CA GLU H 106 -4.31 48.43 1.33
C GLU H 106 -4.88 47.99 0.00
N LEU H 107 -4.66 46.73 -0.38
CA LEU H 107 -5.31 46.23 -1.58
C LEU H 107 -6.81 46.35 -1.46
N ALA H 108 -7.36 45.92 -0.33
CA ALA H 108 -8.81 46.01 -0.15
C ALA H 108 -9.28 47.45 -0.16
N LYS H 109 -8.55 48.34 0.52
CA LYS H 109 -8.99 49.74 0.56
C LYS H 109 -9.05 50.33 -0.84
N HIS H 110 -7.95 50.22 -1.58
CA HIS H 110 -7.92 50.80 -2.91
C HIS H 110 -8.92 50.11 -3.84
N ALA H 111 -9.10 48.81 -3.70
CA ALA H 111 -10.03 48.11 -4.58
C ALA H 111 -11.45 48.57 -4.35
N VAL H 112 -11.85 48.74 -3.08
CA VAL H 112 -13.17 49.27 -2.81
C VAL H 112 -13.30 50.68 -3.37
N SER H 113 -12.26 51.49 -3.25
CA SER H 113 -12.31 52.83 -3.81
C SER H 113 -12.59 52.80 -5.30
N GLU H 114 -11.80 52.02 -6.04
CA GLU H 114 -12.00 51.95 -7.49
C GLU H 114 -13.36 51.38 -7.86
N GLY H 115 -13.82 50.35 -7.15
CA GLY H 115 -15.10 49.77 -7.46
C GLY H 115 -16.24 50.76 -7.25
N THR H 116 -16.20 51.48 -6.12
CA THR H 116 -17.22 52.48 -5.88
C THR H 116 -17.18 53.57 -6.92
N LYS H 117 -15.98 54.01 -7.29
CA LYS H 117 -15.86 55.01 -8.34
C LYS H 117 -16.53 54.55 -9.61
N ALA H 118 -16.27 53.31 -10.02
CA ALA H 118 -16.84 52.82 -11.26
C ALA H 118 -18.36 52.73 -11.18
N VAL H 119 -18.89 52.24 -10.05
CA VAL H 119 -20.34 52.14 -9.94
C VAL H 119 -20.99 53.52 -9.97
N THR H 120 -20.39 54.49 -9.29
CA THR H 120 -20.95 55.84 -9.31
C THR H 120 -20.89 56.44 -10.71
N LYS H 121 -19.77 56.30 -11.40
CA LYS H 121 -19.68 56.75 -12.78
C LYS H 121 -20.72 56.08 -13.66
N TYR H 122 -21.00 54.81 -13.41
CA TYR H 122 -21.95 54.09 -14.25
C TYR H 122 -23.36 54.56 -14.00
N THR H 123 -23.74 54.76 -12.74
CA THR H 123 -25.10 55.18 -12.43
C THR H 123 -25.35 56.64 -12.79
N SER H 124 -24.39 57.51 -12.50
CA SER H 124 -24.60 58.93 -12.73
C SER H 124 -24.84 59.24 -14.19
N ALA H 125 -24.29 58.42 -15.08
CA ALA H 125 -24.44 58.61 -16.51
C ALA H 125 -25.90 58.47 -16.95
N ALA K 9 2.69 -68.95 22.04
CA ALA K 9 3.22 -70.22 22.49
C ALA K 9 3.36 -70.26 24.01
N HIS K 10 4.29 -69.46 24.53
CA HIS K 10 4.48 -69.39 25.98
C HIS K 10 3.23 -68.85 26.67
N GLU K 11 2.75 -67.69 26.22
CA GLU K 11 1.49 -67.13 26.66
C GLU K 11 0.75 -66.51 25.49
N GLN K 12 0.74 -67.21 24.34
CA GLN K 12 0.42 -66.61 23.05
C GLN K 12 1.38 -65.45 22.76
N VAL K 13 2.64 -65.84 22.54
CA VAL K 13 3.82 -64.97 22.47
C VAL K 13 3.52 -63.69 21.69
N GLU K 14 4.02 -62.56 22.20
CA GLU K 14 3.79 -61.23 21.65
C GLU K 14 4.02 -61.21 20.15
N PRO K 15 2.95 -61.10 19.33
CA PRO K 15 3.12 -61.16 17.87
C PRO K 15 4.05 -60.08 17.37
N ALA K 16 5.23 -60.49 16.89
CA ALA K 16 6.30 -59.54 16.57
C ALA K 16 5.84 -58.52 15.56
N LEU K 17 5.79 -57.26 15.99
CA LEU K 17 5.41 -56.14 15.13
C LEU K 17 6.60 -55.87 14.21
N ILE K 18 6.73 -56.71 13.20
CA ILE K 18 7.95 -56.74 12.38
C ILE K 18 8.11 -55.42 11.64
N PRO K 19 9.29 -54.81 11.65
CA PRO K 19 9.45 -53.52 10.99
C PRO K 19 9.18 -53.56 9.50
N SER K 20 9.47 -54.68 8.84
CA SER K 20 9.35 -54.76 7.39
C SER K 20 7.93 -54.42 6.93
N ASN K 21 6.94 -55.07 7.54
CA ASN K 21 5.55 -54.74 7.24
C ASN K 21 5.05 -53.56 8.07
N TRP K 22 5.42 -53.52 9.35
CA TRP K 22 4.93 -52.51 10.27
C TRP K 22 6.01 -51.46 10.48
N THR K 23 6.18 -50.61 9.48
CA THR K 23 7.15 -49.52 9.53
C THR K 23 6.59 -48.40 10.40
N SER K 24 7.23 -47.23 10.30
CA SER K 24 6.63 -45.99 10.80
C SER K 24 5.65 -45.45 9.76
N VAL K 25 5.32 -44.17 9.86
CA VAL K 25 4.47 -43.50 8.88
C VAL K 25 5.21 -43.38 7.55
N ILE K 26 6.46 -43.78 7.51
CA ILE K 26 7.30 -43.51 6.35
C ILE K 26 7.64 -44.78 5.57
N PRO K 27 6.97 -45.04 4.46
CA PRO K 27 7.46 -46.05 3.52
C PRO K 27 8.40 -45.46 2.48
N LEU K 28 8.82 -46.28 1.54
CA LEU K 28 9.82 -45.94 0.54
C LEU K 28 9.29 -46.25 -0.86
N LEU K 29 10.12 -45.96 -1.87
CA LEU K 29 9.75 -46.21 -3.25
C LEU K 29 10.70 -47.14 -3.98
N THR K 30 11.96 -47.24 -3.55
CA THR K 30 12.89 -48.26 -4.00
C THR K 30 13.24 -48.04 -5.47
N SER K 31 12.61 -47.03 -6.09
CA SER K 31 12.99 -46.47 -7.38
C SER K 31 13.12 -47.50 -8.49
N ASP K 32 12.60 -48.71 -8.30
CA ASP K 32 12.74 -49.73 -9.33
C ASP K 32 11.45 -50.51 -9.53
N PHE K 33 10.31 -49.98 -9.09
CA PHE K 33 9.06 -50.71 -9.24
C PHE K 33 8.75 -50.94 -10.72
N LYS K 34 9.01 -49.93 -11.55
CA LYS K 34 8.70 -50.01 -12.97
C LYS K 34 9.93 -50.45 -13.77
N ASN K 35 10.38 -51.67 -13.48
CA ASN K 35 11.36 -52.34 -14.31
C ASN K 35 10.79 -52.76 -15.65
N GLN K 36 9.47 -52.72 -15.81
CA GLN K 36 8.80 -53.11 -17.04
C GLN K 36 8.35 -51.87 -17.80
N TYR K 37 8.31 -52.00 -19.12
CA TYR K 37 8.02 -50.86 -19.98
C TYR K 37 6.68 -50.23 -19.66
N SER K 38 6.69 -48.91 -19.46
CA SER K 38 5.48 -48.16 -19.18
C SER K 38 5.52 -46.80 -19.88
N VAL K 39 6.20 -46.73 -21.02
CA VAL K 39 6.45 -45.46 -21.71
C VAL K 39 5.22 -44.91 -22.40
N ILE K 40 4.15 -45.69 -22.50
CA ILE K 40 2.99 -45.30 -23.31
C ILE K 40 2.38 -44.04 -22.72
N SER K 41 2.27 -43.00 -23.55
CA SER K 41 1.65 -41.73 -23.16
C SER K 41 0.12 -41.84 -23.32
N ARG K 42 -0.46 -42.68 -22.48
CA ARG K 42 -1.89 -42.96 -22.55
C ARG K 42 -2.73 -42.04 -21.68
N LEU K 43 -2.18 -41.50 -20.60
CA LEU K 43 -2.92 -40.64 -19.69
C LEU K 43 -3.17 -39.26 -20.27
N LYS K 44 -2.74 -38.99 -21.51
CA LYS K 44 -2.80 -37.65 -22.08
C LYS K 44 -4.25 -37.21 -22.20
N ASN K 45 -4.45 -35.89 -22.22
CA ASN K 45 -5.78 -35.28 -22.36
C ASN K 45 -5.62 -33.84 -22.84
N PRO K 46 -6.71 -33.13 -23.14
CA PRO K 46 -6.58 -31.70 -23.45
C PRO K 46 -5.92 -30.88 -22.35
N ASN K 47 -6.19 -31.21 -21.08
CA ASN K 47 -5.57 -30.50 -19.95
C ASN K 47 -4.27 -31.14 -19.52
N MET K 48 -3.39 -31.41 -20.48
CA MET K 48 -2.02 -31.82 -20.20
C MET K 48 -1.10 -30.77 -20.80
N LYS K 49 0.01 -30.51 -20.10
CA LYS K 49 0.99 -29.56 -20.60
C LYS K 49 2.40 -30.09 -20.35
N PRO K 50 3.28 -30.08 -21.35
CA PRO K 50 4.67 -30.46 -21.12
C PRO K 50 5.47 -29.24 -20.67
N VAL K 51 6.12 -29.36 -19.52
CA VAL K 51 6.77 -28.22 -18.87
C VAL K 51 8.23 -28.53 -18.59
N PRO K 52 9.14 -28.17 -19.50
CA PRO K 52 10.55 -28.56 -19.32
C PRO K 52 11.17 -28.04 -18.04
N TYR K 53 10.79 -26.86 -17.59
CA TYR K 53 11.42 -26.24 -16.44
C TYR K 53 10.81 -26.73 -15.13
N ALA K 54 9.99 -27.78 -15.16
CA ALA K 54 9.19 -28.10 -13.98
C ALA K 54 10.07 -28.61 -12.85
N GLY K 55 10.76 -29.73 -13.08
CA GLY K 55 11.53 -30.33 -12.01
C GLY K 55 12.52 -29.37 -11.40
N ASP K 56 13.02 -28.44 -12.19
CA ASP K 56 13.93 -27.43 -11.68
C ASP K 56 13.24 -26.56 -10.63
N ILE K 57 12.06 -26.05 -10.95
CA ILE K 57 11.35 -25.26 -9.96
C ILE K 57 10.93 -26.11 -8.76
N ILE K 58 10.61 -27.39 -8.98
CA ILE K 58 10.29 -28.26 -7.86
C ILE K 58 11.50 -28.34 -6.92
N LYS K 59 12.69 -28.47 -7.51
CA LYS K 59 13.91 -28.51 -6.72
C LYS K 59 14.10 -27.23 -5.92
N LEU K 60 13.86 -26.09 -6.57
CA LEU K 60 13.93 -24.80 -5.87
C LEU K 60 12.98 -24.77 -4.68
N MET K 61 11.71 -25.14 -4.92
CA MET K 61 10.71 -25.03 -3.87
C MET K 61 11.01 -25.99 -2.71
N ALA K 62 11.42 -27.21 -3.03
CA ALA K 62 11.79 -28.15 -1.96
C ALA K 62 12.96 -27.61 -1.16
N PHE K 63 13.99 -27.09 -1.85
CA PHE K 63 15.16 -26.58 -1.15
C PHE K 63 14.79 -25.43 -0.24
N ILE K 64 13.98 -24.51 -0.72
CA ILE K 64 13.57 -23.39 0.14
C ILE K 64 12.64 -23.87 1.24
N ASN K 65 12.00 -25.02 1.05
CA ASN K 65 11.17 -25.57 2.12
C ASN K 65 12.03 -26.14 3.25
N LYS K 66 13.05 -26.91 2.89
CA LYS K 66 13.87 -27.56 3.90
C LYS K 66 14.75 -26.59 4.68
N PHE K 67 14.85 -25.34 4.24
CA PHE K 67 15.82 -24.39 4.77
C PHE K 67 15.13 -23.12 5.22
N SER K 68 14.05 -23.28 5.98
CA SER K 68 13.21 -22.14 6.31
C SER K 68 13.95 -21.07 7.09
N SER K 69 14.72 -21.48 8.10
CA SER K 69 15.35 -20.52 8.98
C SER K 69 16.36 -19.64 8.25
N PHE K 70 16.81 -20.07 7.08
CA PHE K 70 17.83 -19.34 6.35
C PHE K 70 17.27 -18.22 5.50
N PHE K 71 15.96 -18.21 5.28
CA PHE K 71 15.34 -17.41 4.23
C PHE K 71 14.31 -16.47 4.83
N HIS K 72 14.04 -15.40 4.09
CA HIS K 72 13.08 -14.40 4.51
C HIS K 72 11.68 -15.02 4.64
N SER K 73 10.82 -14.33 5.38
CA SER K 73 9.45 -14.80 5.52
C SER K 73 8.70 -14.69 4.20
N ASP K 74 9.00 -13.66 3.41
CA ASP K 74 8.31 -13.47 2.14
C ASP K 74 8.67 -14.54 1.13
N LEU K 75 9.82 -15.19 1.28
CA LEU K 75 10.20 -16.27 0.38
C LEU K 75 9.54 -17.59 0.77
N GLN K 76 9.01 -17.70 1.99
CA GLN K 76 8.49 -18.98 2.44
C GLN K 76 7.08 -19.26 1.91
N ASN K 77 6.34 -18.25 1.48
CA ASN K 77 4.98 -18.44 1.00
C ASN K 77 4.89 -18.41 -0.51
N LEU K 78 5.99 -18.73 -1.21
CA LEU K 78 5.99 -18.70 -2.65
C LEU K 78 5.17 -19.84 -3.22
N SER K 79 4.66 -19.64 -4.42
CA SER K 79 3.92 -20.65 -5.14
C SER K 79 4.51 -20.80 -6.52
N PHE K 80 4.02 -21.78 -7.28
CA PHE K 80 4.62 -22.09 -8.56
C PHE K 80 4.36 -20.98 -9.57
N GLN K 81 3.16 -20.39 -9.54
CA GLN K 81 2.89 -19.22 -10.36
C GLN K 81 3.83 -18.07 -10.03
N ASP K 82 4.24 -17.95 -8.77
CA ASP K 82 5.17 -16.89 -8.42
C ASP K 82 6.48 -17.07 -9.18
N PHE K 83 6.97 -18.30 -9.27
CA PHE K 83 8.20 -18.51 -10.02
C PHE K 83 7.98 -18.24 -11.50
N GLU K 84 6.88 -18.77 -12.05
CA GLU K 84 6.64 -18.58 -13.48
C GLU K 84 6.57 -17.10 -13.84
N VAL K 85 5.72 -16.35 -13.14
CA VAL K 85 5.53 -14.94 -13.47
C VAL K 85 6.80 -14.16 -13.22
N GLY K 86 7.46 -14.39 -12.07
CA GLY K 86 8.68 -13.67 -11.79
C GLY K 86 9.75 -13.89 -12.85
N LEU K 87 9.96 -15.15 -13.22
CA LEU K 87 10.94 -15.49 -14.24
C LEU K 87 10.41 -15.37 -15.66
N ASP K 88 9.13 -15.04 -15.83
CA ASP K 88 8.53 -14.89 -17.15
C ASP K 88 8.64 -16.18 -17.96
N LEU K 89 8.06 -17.23 -17.40
CA LEU K 89 8.08 -18.57 -17.99
C LEU K 89 6.67 -18.97 -18.40
N TYR K 90 6.57 -19.61 -19.57
CA TYR K 90 5.30 -20.08 -20.07
C TYR K 90 5.38 -21.58 -20.33
N PRO K 91 4.39 -22.36 -19.92
CA PRO K 91 4.43 -23.80 -20.15
C PRO K 91 4.21 -24.15 -21.62
N GLY K 92 4.53 -25.39 -21.95
CA GLY K 92 4.09 -25.96 -23.21
C GLY K 92 5.15 -26.40 -24.21
N ASP K 93 6.20 -25.63 -24.39
CA ASP K 93 7.16 -25.90 -25.46
C ASP K 93 8.23 -26.87 -24.97
N PRO K 94 8.33 -28.08 -25.53
CA PRO K 94 9.36 -29.01 -25.07
C PRO K 94 10.77 -28.61 -25.47
N ASN K 95 10.95 -27.46 -26.12
CA ASN K 95 12.28 -26.93 -26.41
C ASN K 95 12.63 -25.76 -25.50
N GLY K 96 11.91 -25.61 -24.39
CA GLY K 96 12.12 -24.48 -23.50
C GLY K 96 10.82 -23.86 -23.06
N SER K 97 10.63 -22.58 -23.36
CA SER K 97 9.41 -21.85 -23.00
C SER K 97 8.60 -21.56 -24.25
N ALA K 98 7.29 -21.80 -24.16
CA ALA K 98 6.37 -21.46 -25.24
C ALA K 98 6.03 -19.99 -25.10
N ALA K 99 6.76 -19.13 -25.83
CA ALA K 99 6.59 -17.70 -25.68
C ALA K 99 5.14 -17.29 -25.84
N GLY K 100 4.54 -16.80 -24.76
CA GLY K 100 3.12 -16.46 -24.73
C GLY K 100 2.24 -17.68 -24.60
N ILE K 101 1.04 -17.50 -24.05
CA ILE K 101 0.03 -18.56 -24.02
C ILE K 101 -1.24 -18.05 -24.69
N VAL K 102 -1.82 -18.90 -25.55
CA VAL K 102 -3.07 -18.57 -26.21
C VAL K 102 -4.19 -18.43 -25.17
N LYS K 103 -5.22 -17.68 -25.55
CA LYS K 103 -6.35 -17.42 -24.67
C LYS K 103 -7.64 -17.86 -25.33
N GLY K 104 -8.55 -18.42 -24.53
CA GLY K 104 -9.87 -18.75 -25.02
C GLY K 104 -9.85 -19.88 -26.02
N PRO K 105 -10.97 -20.09 -26.73
CA PRO K 105 -11.04 -21.19 -27.69
C PRO K 105 -10.03 -21.03 -28.82
N GLU K 106 -10.10 -19.90 -29.51
CA GLU K 106 -9.16 -19.57 -30.57
C GLU K 106 -8.54 -18.22 -30.25
N ASP K 107 -7.32 -18.02 -30.72
CA ASP K 107 -6.57 -16.82 -30.33
C ASP K 107 -5.46 -16.59 -31.34
N THR K 108 -5.53 -15.47 -32.06
CA THR K 108 -4.41 -15.06 -32.89
C THR K 108 -3.27 -14.49 -32.05
N SER K 109 -3.59 -13.89 -30.91
CA SER K 109 -2.59 -13.32 -30.01
C SER K 109 -2.30 -14.32 -28.89
N LEU K 110 -1.47 -13.89 -27.94
CA LEU K 110 -1.11 -14.73 -26.82
C LEU K 110 -1.20 -13.90 -25.56
N LEU K 111 -1.35 -14.56 -24.41
CA LEU K 111 -1.76 -13.84 -23.20
C LEU K 111 -0.68 -12.88 -22.72
N LEU K 112 0.56 -13.33 -22.54
CA LEU K 112 1.64 -12.40 -22.20
C LEU K 112 1.36 -11.62 -20.93
N TYR K 113 1.62 -12.21 -19.75
CA TYR K 113 1.17 -11.77 -18.43
C TYR K 113 0.94 -10.27 -18.28
N PRO K 114 1.82 -9.39 -18.79
CA PRO K 114 1.48 -7.96 -18.79
C PRO K 114 0.10 -7.65 -19.34
N ASP K 115 -0.41 -8.44 -20.28
CA ASP K 115 -1.73 -8.21 -20.86
C ASP K 115 -2.83 -8.92 -20.09
N PHE K 116 -2.52 -9.54 -18.97
CA PHE K 116 -3.43 -10.48 -18.35
C PHE K 116 -3.66 -10.21 -16.87
N MET K 117 -2.67 -9.65 -16.19
CA MET K 117 -2.75 -9.52 -14.74
C MET K 117 -2.26 -8.15 -14.31
N ALA K 118 -2.65 -7.76 -13.11
CA ALA K 118 -2.26 -6.48 -12.55
C ALA K 118 -0.75 -6.40 -12.49
N ILE K 119 -0.21 -5.21 -12.75
CA ILE K 119 1.20 -5.09 -13.05
C ILE K 119 2.04 -4.97 -11.80
N LYS K 120 1.50 -4.39 -10.72
CA LYS K 120 2.25 -4.37 -9.47
C LYS K 120 2.50 -5.77 -8.96
N ASP K 121 1.62 -6.72 -9.29
CA ASP K 121 1.87 -8.10 -8.91
C ASP K 121 3.05 -8.67 -9.67
N ILE K 122 3.14 -8.41 -10.97
CA ILE K 122 4.31 -8.87 -11.72
C ILE K 122 5.57 -8.28 -11.14
N VAL K 123 5.54 -6.98 -10.83
CA VAL K 123 6.70 -6.33 -10.24
C VAL K 123 7.06 -7.00 -8.92
N TYR K 124 6.06 -7.33 -8.11
CA TYR K 124 6.34 -7.87 -6.78
C TYR K 124 6.91 -9.28 -6.88
N CYS K 125 6.41 -10.06 -7.83
CA CYS K 125 6.99 -11.39 -8.06
C CYS K 125 8.44 -11.28 -8.51
N GLN K 126 8.73 -10.35 -9.43
CA GLN K 126 10.11 -10.18 -9.88
C GLN K 126 11.01 -9.76 -8.73
N ASP K 127 10.49 -8.89 -7.86
CA ASP K 127 11.26 -8.48 -6.69
C ASP K 127 11.53 -9.66 -5.78
N LYS K 128 10.53 -10.52 -5.57
CA LYS K 128 10.77 -11.73 -4.80
C LYS K 128 11.86 -12.57 -5.42
N MET K 129 11.91 -12.63 -6.75
CA MET K 129 12.89 -13.53 -7.34
C MET K 129 14.30 -12.97 -7.25
N ASN K 130 14.45 -11.65 -7.40
CA ASN K 130 15.75 -11.04 -7.09
C ASN K 130 16.12 -11.23 -5.63
N LEU K 131 15.14 -11.13 -4.73
CA LEU K 131 15.44 -11.34 -3.31
C LEU K 131 15.96 -12.74 -3.08
N LEU K 132 15.33 -13.74 -3.69
CA LEU K 132 15.78 -15.11 -3.55
C LEU K 132 17.18 -15.29 -4.12
N PHE K 133 17.43 -14.71 -5.29
CA PHE K 133 18.75 -14.84 -5.90
C PHE K 133 19.82 -14.25 -4.99
N LEU K 134 19.55 -13.06 -4.44
CA LEU K 134 20.52 -12.41 -3.57
C LEU K 134 20.70 -13.21 -2.28
N SER K 135 19.63 -13.76 -1.73
CA SER K 135 19.76 -14.53 -0.49
C SER K 135 20.61 -15.77 -0.72
N LEU K 136 20.41 -16.46 -1.84
CA LEU K 136 21.25 -17.61 -2.14
C LEU K 136 22.71 -17.20 -2.32
N LEU K 137 22.95 -16.11 -3.04
CA LEU K 137 24.34 -15.68 -3.21
C LEU K 137 24.98 -15.31 -1.89
N ASP K 138 24.23 -14.64 -1.01
CA ASP K 138 24.75 -14.30 0.30
C ASP K 138 25.09 -15.54 1.11
N LEU K 139 24.13 -16.47 1.23
CA LEU K 139 24.38 -17.69 1.98
C LEU K 139 25.51 -18.50 1.40
N THR K 140 25.75 -18.40 0.10
CA THR K 140 26.82 -19.17 -0.51
C THR K 140 28.18 -18.53 -0.27
N PHE K 141 28.29 -17.22 -0.44
CA PHE K 141 29.59 -16.58 -0.38
C PHE K 141 29.89 -15.86 0.91
N THR K 142 28.88 -15.28 1.57
CA THR K 142 29.20 -14.62 2.82
C THR K 142 29.47 -15.72 3.84
N GLU K 143 30.58 -16.43 3.63
CA GLU K 143 30.99 -17.53 4.47
C GLU K 143 32.48 -17.46 4.80
N ASN K 144 33.19 -16.43 4.36
CA ASN K 144 34.45 -16.07 5.00
C ASN K 144 34.23 -15.94 6.50
N PHE K 145 33.16 -15.26 6.89
CA PHE K 145 32.54 -15.43 8.19
C PHE K 145 31.51 -16.55 8.00
N ASP K 146 31.88 -17.78 8.37
CA ASP K 146 31.13 -18.96 7.97
C ASP K 146 29.90 -19.12 8.85
N GLY K 147 28.73 -18.88 8.26
CA GLY K 147 27.47 -19.11 8.94
C GLY K 147 27.17 -18.06 9.99
N LYS K 148 27.86 -18.13 11.12
CA LYS K 148 27.63 -17.22 12.23
C LYS K 148 28.56 -16.02 12.09
N SER K 149 27.97 -14.83 12.04
CA SER K 149 28.72 -13.62 11.77
C SER K 149 28.04 -12.47 12.52
N ALA K 150 28.37 -11.23 12.14
CA ALA K 150 27.75 -10.07 12.78
C ALA K 150 26.25 -10.03 12.53
N LYS K 151 25.83 -10.39 11.32
CA LYS K 151 24.41 -10.54 11.00
C LYS K 151 23.99 -12.00 11.11
N LYS K 152 24.10 -12.53 12.32
CA LYS K 152 23.87 -13.95 12.54
C LYS K 152 22.37 -14.27 12.53
N LYS K 153 21.64 -13.72 13.50
CA LYS K 153 20.23 -14.09 13.65
C LYS K 153 19.40 -13.50 12.53
N GLY K 154 18.33 -14.21 12.17
CA GLY K 154 17.48 -13.84 11.07
C GLY K 154 18.07 -14.29 9.75
N PRO K 155 17.30 -14.13 8.67
CA PRO K 155 17.85 -14.41 7.35
C PRO K 155 18.99 -13.45 7.03
N LEU K 156 19.92 -13.92 6.20
CA LEU K 156 21.08 -13.09 5.87
C LEU K 156 20.69 -11.89 5.00
N THR K 157 19.61 -12.00 4.24
CA THR K 157 19.20 -10.95 3.32
C THR K 157 17.73 -10.61 3.51
N THR K 158 17.43 -9.31 3.50
CA THR K 158 16.07 -8.82 3.65
C THR K 158 15.79 -7.80 2.56
N TRP K 159 14.56 -7.25 2.57
CA TRP K 159 14.13 -6.34 1.52
C TRP K 159 15.03 -5.11 1.44
N GLU K 160 15.20 -4.42 2.57
CA GLU K 160 16.04 -3.23 2.58
C GLU K 160 17.48 -3.54 2.23
N ASN K 161 17.92 -4.78 2.42
CA ASN K 161 19.20 -5.19 1.87
C ASN K 161 19.17 -5.17 0.35
N LEU K 162 18.09 -5.67 -0.24
CA LEU K 162 17.98 -5.69 -1.70
C LEU K 162 17.73 -4.29 -2.24
N LYS K 163 16.81 -3.55 -1.63
CA LYS K 163 16.47 -2.20 -2.06
C LYS K 163 17.49 -1.17 -1.57
N SER K 164 18.64 -1.62 -1.09
CA SER K 164 19.64 -0.73 -0.51
C SER K 164 20.23 0.19 -1.56
N SER K 165 21.03 1.15 -1.10
CA SER K 165 21.66 2.15 -1.95
C SER K 165 23.00 1.68 -2.50
N SER K 166 23.39 0.43 -2.24
CA SER K 166 24.60 -0.11 -2.85
C SER K 166 24.50 -0.09 -4.37
N LYS K 167 23.29 -0.29 -4.90
CA LYS K 167 22.93 -0.01 -6.28
C LYS K 167 23.53 -1.00 -7.27
N LYS K 168 24.49 -1.79 -6.81
CA LYS K 168 25.04 -2.90 -7.59
C LYS K 168 25.29 -4.08 -6.67
N VAL K 169 24.32 -4.36 -5.80
CA VAL K 169 24.44 -5.32 -4.72
C VAL K 169 24.93 -6.68 -5.20
N PHE K 170 24.73 -6.97 -6.49
CA PHE K 170 25.09 -8.27 -7.02
C PHE K 170 26.50 -8.34 -7.58
N SER K 171 27.18 -7.20 -7.71
CA SER K 171 28.45 -7.18 -8.45
C SER K 171 29.52 -8.00 -7.76
N ASN K 172 29.78 -7.74 -6.49
CA ASN K 172 30.88 -8.42 -5.81
C ASN K 172 30.64 -9.92 -5.69
N PRO K 173 29.46 -10.39 -5.26
CA PRO K 173 29.21 -11.84 -5.34
C PRO K 173 29.30 -12.37 -6.74
N LEU K 174 28.94 -11.58 -7.75
CA LEU K 174 29.08 -12.04 -9.13
C LEU K 174 30.54 -12.29 -9.47
N TYR K 175 31.42 -11.39 -9.06
CA TYR K 175 32.85 -11.60 -9.30
C TYR K 175 33.35 -12.84 -8.58
N ARG K 176 32.99 -12.97 -7.30
CA ARG K 176 33.36 -14.15 -6.54
C ARG K 176 32.88 -15.42 -7.22
N LEU K 177 31.69 -15.38 -7.80
CA LEU K 177 31.08 -16.55 -8.43
C LEU K 177 31.78 -16.88 -9.73
N ARG K 178 32.04 -15.88 -10.57
CA ARG K 178 32.74 -16.19 -11.81
C ARG K 178 34.15 -16.67 -11.53
N LEU K 179 34.69 -16.35 -10.36
CA LEU K 179 35.97 -16.94 -9.96
C LEU K 179 35.81 -18.42 -9.63
N VAL K 180 35.00 -18.73 -8.62
CA VAL K 180 34.96 -20.11 -8.11
C VAL K 180 34.14 -21.07 -8.96
N ALA K 181 33.40 -20.57 -9.95
CA ALA K 181 32.50 -21.43 -10.70
C ALA K 181 33.25 -22.31 -11.70
N ARG K 182 34.35 -21.82 -12.26
CA ARG K 182 35.05 -22.58 -13.30
C ARG K 182 35.45 -23.96 -12.81
N GLU K 183 35.70 -24.11 -11.51
CA GLU K 183 36.00 -25.41 -10.94
C GLU K 183 34.86 -25.97 -10.10
N TRP K 184 33.92 -25.14 -9.63
CA TRP K 184 32.78 -25.71 -8.92
C TRP K 184 31.87 -26.52 -9.82
N GLY K 185 32.05 -26.45 -11.13
CA GLY K 185 31.30 -27.30 -12.04
C GLY K 185 30.20 -26.54 -12.76
N TYR K 186 30.00 -26.85 -14.05
CA TYR K 186 28.93 -26.18 -14.77
C TYR K 186 27.83 -27.15 -15.16
N PRO K 187 26.60 -26.67 -15.28
CA PRO K 187 25.49 -27.55 -15.66
C PRO K 187 25.70 -28.13 -17.05
N ARG K 188 25.12 -29.31 -17.26
CA ARG K 188 25.25 -29.97 -18.55
C ARG K 188 24.74 -29.07 -19.67
N GLU K 189 23.81 -28.17 -19.37
CA GLU K 189 23.37 -27.20 -20.37
C GLU K 189 24.42 -26.13 -20.59
N TRP K 190 25.26 -25.88 -19.59
CA TRP K 190 26.34 -24.90 -19.68
C TRP K 190 27.71 -25.54 -19.83
N ARG K 191 27.77 -26.80 -20.25
CA ARG K 191 29.02 -27.41 -20.65
C ARG K 191 29.24 -27.18 -22.14
N GLN K 192 30.51 -27.08 -22.53
CA GLN K 192 30.87 -26.96 -23.94
C GLN K 192 30.72 -28.34 -24.56
N GLN K 193 29.51 -28.66 -24.98
CA GLN K 193 29.25 -29.99 -25.53
C GLN K 193 29.99 -30.18 -26.84
N LEU K 194 30.51 -31.39 -27.01
CA LEU K 194 31.55 -31.62 -28.00
C LEU K 194 31.02 -31.45 -29.42
N PRO K 195 31.68 -30.63 -30.25
CA PRO K 195 31.42 -30.73 -31.70
C PRO K 195 32.06 -31.96 -32.28
N SER K 196 33.31 -32.24 -31.91
CA SER K 196 34.02 -33.43 -32.37
C SER K 196 33.44 -34.64 -31.66
N ASP K 197 32.78 -35.52 -32.42
CA ASP K 197 32.12 -36.67 -31.80
C ASP K 197 33.14 -37.77 -31.55
N GLN K 198 34.21 -37.43 -30.83
CA GLN K 198 35.27 -38.39 -30.53
C GLN K 198 35.82 -38.32 -29.11
N ASP K 199 35.74 -37.19 -28.42
CA ASP K 199 36.28 -37.06 -27.06
C ASP K 199 35.23 -37.33 -26.00
N ILE K 200 34.52 -38.45 -26.11
CA ILE K 200 33.49 -38.79 -25.13
C ILE K 200 34.15 -39.13 -23.80
N SER K 201 33.34 -39.16 -22.74
CA SER K 201 33.85 -39.31 -21.37
C SER K 201 34.82 -40.47 -21.22
N LYS K 202 34.40 -41.68 -21.61
CA LYS K 202 35.29 -42.83 -21.51
C LYS K 202 36.50 -42.72 -22.44
N PRO K 203 36.36 -42.36 -23.74
CA PRO K 203 37.57 -42.09 -24.55
C PRO K 203 38.26 -40.81 -24.14
N LYS K 204 39.29 -40.40 -24.88
CA LYS K 204 40.07 -39.21 -24.54
C LYS K 204 40.36 -38.41 -25.81
N THR K 205 41.09 -37.31 -25.65
CA THR K 205 41.15 -36.31 -26.71
C THR K 205 42.17 -36.65 -27.79
N ALA K 206 43.45 -36.66 -27.45
CA ALA K 206 44.51 -36.76 -28.45
C ALA K 206 45.50 -37.84 -28.07
N LEU K 207 46.06 -38.47 -29.10
CA LEU K 207 46.94 -39.62 -28.93
C LEU K 207 48.27 -39.15 -28.36
N PHE K 208 48.35 -39.03 -27.03
CA PHE K 208 49.62 -38.67 -26.41
C PHE K 208 50.61 -39.82 -26.47
N GLU K 209 50.13 -41.05 -26.42
CA GLU K 209 51.01 -42.21 -26.58
C GLU K 209 51.44 -42.28 -28.04
N GLN K 210 52.65 -41.77 -28.31
CA GLN K 210 53.19 -41.85 -29.66
C GLN K 210 53.27 -43.30 -30.12
N ASP K 211 53.73 -44.19 -29.24
CA ASP K 211 53.79 -45.62 -29.53
C ASP K 211 53.94 -46.37 -28.22
N GLU K 212 53.47 -47.61 -28.20
CA GLU K 212 53.62 -48.44 -27.02
C GLU K 212 55.07 -48.89 -26.88
N GLN K 213 55.57 -48.87 -25.65
CA GLN K 213 56.98 -49.17 -25.38
C GLN K 213 57.18 -50.67 -25.23
N THR K 214 56.98 -51.37 -26.35
CA THR K 214 57.23 -52.81 -26.38
C THR K 214 58.70 -53.14 -26.13
N PRO K 215 59.69 -52.50 -26.80
CA PRO K 215 61.10 -52.84 -26.47
C PRO K 215 61.54 -52.23 -25.15
N VAL K 216 61.21 -52.92 -24.05
CA VAL K 216 61.56 -52.45 -22.73
C VAL K 216 63.07 -52.59 -22.51
N VAL K 217 63.67 -51.59 -21.86
CA VAL K 217 65.10 -51.64 -21.59
C VAL K 217 65.44 -52.70 -20.55
N ASP K 218 64.47 -53.07 -19.70
CA ASP K 218 64.68 -54.09 -18.67
C ASP K 218 63.78 -55.28 -18.95
N PRO K 219 64.30 -56.36 -19.55
CA PRO K 219 63.45 -57.53 -19.82
C PRO K 219 62.90 -58.18 -18.57
N SER K 220 63.52 -57.97 -17.40
CA SER K 220 63.07 -58.60 -16.17
C SER K 220 61.70 -58.09 -15.72
N HIS K 221 61.28 -56.92 -16.19
CA HIS K 221 60.00 -56.32 -15.81
C HIS K 221 59.23 -55.94 -17.07
N PRO K 222 58.63 -56.92 -17.75
CA PRO K 222 57.83 -56.60 -18.94
C PRO K 222 56.63 -55.72 -18.66
N GLU K 223 56.09 -55.77 -17.45
CA GLU K 223 54.88 -55.01 -17.13
C GLU K 223 55.15 -53.51 -17.15
N ILE K 224 54.19 -52.76 -17.68
CA ILE K 224 54.30 -51.31 -17.78
C ILE K 224 52.95 -50.69 -17.40
N LEU K 225 53.00 -49.58 -16.67
CA LEU K 225 51.80 -48.89 -16.23
C LEU K 225 51.33 -47.82 -17.20
N THR K 226 51.99 -47.67 -18.35
CA THR K 226 51.64 -46.67 -19.35
C THR K 226 51.46 -47.38 -20.69
N PRO K 227 50.38 -48.14 -20.86
CA PRO K 227 50.15 -48.84 -22.13
C PRO K 227 49.93 -47.87 -23.26
N ASN K 228 48.92 -47.02 -23.11
CA ASN K 228 48.57 -46.04 -24.13
C ASN K 228 47.81 -44.91 -23.42
N ILE K 229 48.51 -43.81 -23.16
CA ILE K 229 47.96 -42.66 -22.46
C ILE K 229 47.65 -41.57 -23.44
N TYR K 230 46.66 -40.75 -23.11
CA TYR K 230 46.14 -39.72 -23.98
C TYR K 230 46.21 -38.36 -23.27
N THR K 231 45.76 -37.34 -23.99
CA THR K 231 45.35 -36.11 -23.36
C THR K 231 43.94 -36.29 -22.80
N TRP K 232 43.65 -35.61 -21.70
CA TRP K 232 42.39 -35.83 -21.01
C TRP K 232 41.30 -34.95 -21.59
N ASN K 233 40.13 -35.54 -21.83
CA ASN K 233 39.01 -34.85 -22.47
C ASN K 233 38.05 -34.23 -21.46
N ALA K 234 38.58 -33.51 -20.48
CA ALA K 234 37.74 -32.90 -19.46
C ALA K 234 36.78 -31.89 -20.08
N ASN K 235 35.52 -31.97 -19.69
CA ASN K 235 34.48 -31.13 -20.29
C ASN K 235 34.66 -29.67 -19.90
N GLU K 236 34.37 -28.78 -20.85
CA GLU K 236 34.64 -27.37 -20.72
C GLU K 236 33.34 -26.59 -20.50
N PRO K 237 33.41 -25.40 -19.94
CA PRO K 237 32.28 -24.48 -19.97
C PRO K 237 32.20 -23.76 -21.32
N LEU K 238 31.27 -22.81 -21.39
CA LEU K 238 31.14 -21.95 -22.55
C LEU K 238 32.25 -20.90 -22.56
N PRO K 239 32.44 -20.22 -23.69
CA PRO K 239 33.29 -19.03 -23.68
C PRO K 239 32.76 -17.99 -22.71
N LEU K 240 33.65 -17.10 -22.26
CA LEU K 240 33.26 -16.13 -21.25
C LEU K 240 32.14 -15.23 -21.77
N GLU K 241 32.23 -14.82 -23.03
CA GLU K 241 31.18 -13.99 -23.62
C GLU K 241 29.86 -14.75 -23.71
N SER K 242 29.91 -16.03 -24.05
CA SER K 242 28.71 -16.84 -24.14
C SER K 242 28.39 -17.56 -22.85
N ASN K 243 29.17 -17.35 -21.80
CA ASN K 243 28.82 -17.77 -20.46
C ASN K 243 27.90 -16.73 -19.86
N PRO K 244 26.59 -16.99 -19.77
CA PRO K 244 25.65 -15.94 -19.35
C PRO K 244 25.93 -15.41 -17.96
N LEU K 245 26.68 -16.15 -17.14
CA LEU K 245 27.09 -15.64 -15.84
C LEU K 245 27.99 -14.41 -15.99
N TYR K 246 28.55 -14.20 -17.18
CA TYR K 246 29.40 -13.04 -17.47
C TYR K 246 28.64 -11.93 -18.18
N ASN K 247 27.38 -11.71 -17.85
CA ASN K 247 26.56 -10.68 -18.46
C ASN K 247 26.46 -9.52 -17.47
N ARG K 248 27.05 -8.38 -17.82
CA ARG K 248 27.31 -7.33 -16.82
C ARG K 248 26.02 -6.79 -16.20
N GLU K 249 24.91 -6.88 -16.90
CA GLU K 249 23.66 -6.29 -16.42
C GLU K 249 23.26 -6.81 -15.06
N MET K 250 23.72 -8.01 -14.70
CA MET K 250 23.38 -8.60 -13.41
C MET K 250 23.84 -7.73 -12.24
N ASP K 251 24.80 -6.83 -12.45
CA ASP K 251 25.29 -6.02 -11.34
C ASP K 251 24.16 -5.16 -10.78
N LYS K 252 23.50 -4.39 -11.64
CA LYS K 252 22.43 -3.51 -11.22
C LYS K 252 21.06 -4.13 -11.40
N ASN K 253 20.80 -4.68 -12.59
CA ASN K 253 19.48 -5.20 -12.90
C ASN K 253 19.15 -6.43 -12.07
N GLY K 254 20.12 -7.31 -11.86
CA GLY K 254 19.89 -8.51 -11.07
C GLY K 254 19.69 -9.74 -11.93
N ILE K 255 18.90 -10.70 -11.46
CA ILE K 255 18.67 -11.91 -12.23
C ILE K 255 17.82 -11.65 -13.47
N LEU K 256 17.06 -10.56 -13.50
CA LEU K 256 16.15 -10.35 -14.62
C LEU K 256 16.90 -9.82 -15.83
N ALA K 257 18.03 -10.42 -16.15
CA ALA K 257 18.86 -9.93 -17.24
C ALA K 257 19.39 -11.07 -18.09
N LEU K 258 18.82 -12.26 -17.97
CA LEU K 258 19.20 -13.41 -18.75
C LEU K 258 18.02 -13.88 -19.59
N LYS K 259 18.24 -14.94 -20.34
CA LYS K 259 17.14 -15.67 -20.92
C LYS K 259 16.34 -16.35 -19.82
N PRO K 260 15.01 -16.43 -19.96
CA PRO K 260 14.23 -17.11 -18.92
C PRO K 260 14.73 -18.51 -18.61
N MET K 261 15.04 -19.31 -19.64
CA MET K 261 15.63 -20.61 -19.37
C MET K 261 17.02 -20.47 -18.75
N ASP K 262 17.76 -19.42 -19.12
CA ASP K 262 19.02 -19.18 -18.44
C ASP K 262 18.79 -18.75 -17.00
N ARG K 263 17.72 -18.02 -16.73
CA ARG K 263 17.34 -17.74 -15.35
C ARG K 263 17.18 -19.04 -14.58
N VAL K 264 16.44 -19.99 -15.16
CA VAL K 264 16.18 -21.24 -14.48
C VAL K 264 17.47 -22.00 -14.24
N VAL K 265 18.32 -22.09 -15.26
CA VAL K 265 19.55 -22.85 -15.14
C VAL K 265 20.44 -22.23 -14.09
N LEU K 266 20.54 -20.90 -14.07
CA LEU K 266 21.40 -20.25 -13.10
C LEU K 266 20.90 -20.46 -11.69
N LEU K 267 19.57 -20.39 -11.48
CA LEU K 267 19.05 -20.65 -10.15
C LEU K 267 19.33 -22.09 -9.72
N ARG K 268 19.19 -23.04 -10.63
CA ARG K 268 19.46 -24.43 -10.25
C ARG K 268 20.92 -24.62 -9.87
N ALA K 269 21.83 -24.10 -10.70
CA ALA K 269 23.25 -24.25 -10.40
C ALA K 269 23.61 -23.57 -9.10
N LEU K 270 23.00 -22.41 -8.83
CA LEU K 270 23.25 -21.72 -7.58
C LEU K 270 22.76 -22.54 -6.40
N THR K 271 21.62 -23.23 -6.55
CA THR K 271 21.17 -24.09 -5.46
C THR K 271 22.15 -25.22 -5.21
N ASP K 272 22.67 -25.83 -6.28
CA ASP K 272 23.66 -26.89 -6.11
C ASP K 272 24.90 -26.38 -5.39
N TRP K 273 25.43 -25.24 -5.85
CA TRP K 273 26.64 -24.70 -5.26
C TRP K 273 26.41 -24.26 -3.82
N CYS K 274 25.23 -23.75 -3.51
CA CYS K 274 24.91 -23.42 -2.13
C CYS K 274 24.88 -24.68 -1.28
N ALA K 275 24.22 -25.72 -1.76
CA ALA K 275 24.13 -26.95 -0.98
C ALA K 275 25.50 -27.59 -0.79
N SER K 276 26.44 -27.33 -1.69
CA SER K 276 27.75 -27.95 -1.56
C SER K 276 28.74 -27.11 -0.76
N HIS K 277 28.78 -25.80 -0.98
CA HIS K 277 29.85 -24.98 -0.41
C HIS K 277 29.39 -23.95 0.59
N SER K 278 28.10 -23.79 0.83
CA SER K 278 27.67 -22.97 1.95
C SER K 278 27.91 -23.79 3.21
N SER K 279 29.10 -23.68 3.78
CA SER K 279 29.51 -24.60 4.83
C SER K 279 28.54 -24.60 6.00
N ALA K 280 27.80 -23.51 6.19
CA ALA K 280 26.70 -23.51 7.14
C ALA K 280 25.74 -24.64 6.82
N ILE K 281 25.05 -24.52 5.68
CA ILE K 281 24.12 -25.57 5.31
C ILE K 281 24.86 -26.83 4.92
N HIS K 282 26.11 -26.71 4.45
CA HIS K 282 26.86 -27.89 4.04
C HIS K 282 27.04 -28.84 5.21
N ASP K 283 27.46 -28.31 6.36
CA ASP K 283 27.54 -29.18 7.52
C ASP K 283 26.17 -29.46 8.12
N GLU K 284 25.22 -28.53 7.98
CA GLU K 284 23.93 -28.74 8.62
C GLU K 284 23.20 -29.93 7.99
N ILE K 285 23.27 -30.07 6.67
CA ILE K 285 22.57 -31.17 6.01
C ILE K 285 23.16 -32.51 6.43
N TYR K 286 24.50 -32.64 6.36
CA TYR K 286 25.13 -33.91 6.68
C TYR K 286 24.99 -34.23 8.16
N LYS K 287 24.96 -33.21 9.01
CA LYS K 287 24.51 -33.41 10.39
C LYS K 287 23.14 -34.01 10.43
N LEU K 288 22.22 -33.47 9.64
CA LEU K 288 20.82 -33.80 9.78
C LEU K 288 20.49 -35.19 9.24
N THR K 289 21.27 -35.69 8.29
CA THR K 289 20.94 -36.95 7.63
C THR K 289 21.66 -38.16 8.20
N HIS K 290 22.98 -38.08 8.43
CA HIS K 290 23.75 -39.18 8.98
C HIS K 290 24.19 -38.89 10.40
N GLY K 291 23.26 -38.45 11.23
CA GLY K 291 23.45 -38.50 12.66
C GLY K 291 23.48 -39.93 13.14
N LYS K 292 23.40 -40.14 14.45
CA LYS K 292 23.64 -41.46 15.04
C LYS K 292 22.39 -42.34 14.96
N LYS K 293 21.93 -42.54 13.73
CA LYS K 293 20.74 -43.35 13.49
C LYS K 293 20.69 -43.75 12.02
N ASP K 294 20.08 -44.89 11.78
CA ASP K 294 19.70 -45.38 10.47
C ASP K 294 18.18 -45.31 10.33
N PRO K 295 17.65 -45.30 9.11
CA PRO K 295 16.19 -45.31 8.95
C PRO K 295 15.57 -46.52 9.63
N VAL K 296 14.38 -46.32 10.20
CA VAL K 296 13.73 -47.36 10.97
C VAL K 296 13.47 -48.61 10.13
N PHE K 297 13.56 -48.50 8.80
CA PHE K 297 13.55 -49.66 7.92
C PHE K 297 14.89 -49.91 7.22
N GLY K 298 15.67 -48.87 6.97
CA GLY K 298 16.93 -49.00 6.26
C GLY K 298 17.12 -47.85 5.28
N ILE K 299 18.39 -47.60 4.94
CA ILE K 299 18.73 -46.40 4.18
C ILE K 299 18.05 -46.44 2.81
N GLN K 300 17.29 -45.40 2.50
CA GLN K 300 16.74 -45.23 1.17
C GLN K 300 16.57 -43.74 0.91
N THR K 301 16.94 -43.30 -0.29
CA THR K 301 17.02 -41.86 -0.55
C THR K 301 15.66 -41.20 -0.49
N GLN K 302 14.68 -41.74 -1.22
CA GLN K 302 13.37 -41.10 -1.36
C GLN K 302 12.32 -41.91 -0.61
N GLN K 303 11.52 -41.22 0.20
CA GLN K 303 10.52 -41.86 1.03
C GLN K 303 9.32 -40.94 1.16
N VAL K 304 8.21 -41.51 1.58
CA VAL K 304 6.93 -40.81 1.58
C VAL K 304 6.17 -41.13 2.86
N PRO K 305 5.07 -40.43 3.18
CA PRO K 305 4.16 -40.92 4.21
C PRO K 305 3.40 -42.15 3.74
N ARG K 306 2.87 -42.92 4.69
CA ARG K 306 2.16 -44.14 4.31
C ARG K 306 0.88 -43.83 3.55
N TYR K 307 0.05 -42.94 4.10
CA TYR K 307 -1.23 -42.68 3.46
C TYR K 307 -1.07 -42.07 2.08
N THR K 308 0.13 -41.58 1.75
CA THR K 308 0.41 -41.16 0.39
C THR K 308 0.58 -42.37 -0.53
N ILE K 309 1.26 -43.41 -0.06
CA ILE K 309 1.70 -44.47 -0.96
C ILE K 309 0.66 -45.57 -1.12
N GLU K 310 -0.25 -45.73 -0.16
CA GLU K 310 -1.33 -46.70 -0.26
C GLU K 310 -2.69 -46.03 -0.29
N GLY K 311 -2.92 -45.08 0.59
CA GLY K 311 -4.19 -44.37 0.68
C GLY K 311 -4.87 -44.58 2.01
N VAL K 312 -5.89 -43.75 2.24
CA VAL K 312 -6.53 -43.72 3.56
C VAL K 312 -7.18 -45.06 3.88
N ASP K 313 -7.99 -45.60 2.97
CA ASP K 313 -8.81 -46.76 3.33
C ASP K 313 -7.93 -47.99 3.57
N ASN K 314 -7.00 -48.27 2.66
CA ASN K 314 -6.14 -49.43 2.85
C ASN K 314 -5.25 -49.29 4.07
N THR K 315 -4.69 -48.09 4.31
CA THR K 315 -3.80 -47.94 5.46
C THR K 315 -4.57 -48.06 6.76
N ILE K 316 -5.79 -47.51 6.81
CA ILE K 316 -6.55 -47.61 8.04
C ILE K 316 -7.05 -49.02 8.26
N ASN K 317 -7.40 -49.75 7.19
CA ASN K 317 -7.75 -51.16 7.33
C ASN K 317 -6.59 -51.97 7.89
N GLN K 318 -5.41 -51.83 7.28
CA GLN K 318 -4.27 -52.62 7.70
C GLN K 318 -3.81 -52.21 9.10
N PHE K 319 -3.98 -50.94 9.46
CA PHE K 319 -3.59 -50.51 10.80
C PHE K 319 -4.68 -50.81 11.82
N LYS K 320 -5.91 -51.08 11.39
CA LYS K 320 -6.91 -51.68 12.29
C LYS K 320 -6.55 -53.12 12.60
N LYS K 321 -6.15 -53.90 11.58
CA LYS K 321 -5.66 -55.25 11.84
C LYS K 321 -4.44 -55.21 12.76
N LEU K 322 -3.50 -54.32 12.46
CA LEU K 322 -2.33 -54.13 13.31
C LEU K 322 -2.75 -53.73 14.72
N CYS K 323 -3.75 -52.86 14.83
CA CYS K 323 -4.19 -52.36 16.13
C CYS K 323 -4.75 -53.48 16.99
N SER K 324 -5.65 -54.30 16.43
CA SER K 324 -6.18 -55.43 17.18
C SER K 324 -5.08 -56.40 17.59
N LEU K 325 -4.17 -56.72 16.65
CA LEU K 325 -3.11 -57.65 16.95
C LEU K 325 -2.23 -57.14 18.08
N ILE K 326 -1.86 -55.86 18.03
CA ILE K 326 -0.93 -55.34 19.03
C ILE K 326 -1.64 -55.10 20.36
N GLN K 327 -2.95 -54.88 20.37
CA GLN K 327 -3.68 -54.80 21.64
C GLN K 327 -3.67 -56.15 22.34
N SER K 328 -3.99 -57.22 21.61
CA SER K 328 -3.86 -58.55 22.18
C SER K 328 -2.41 -58.81 22.59
N ARG K 329 -1.45 -58.28 21.83
CA ARG K 329 -0.04 -58.41 22.16
C ARG K 329 0.28 -57.76 23.49
N TYR K 330 -0.28 -56.57 23.75
CA TYR K 330 -0.08 -55.93 25.05
C TYR K 330 -0.64 -56.80 26.17
N GLU K 331 -1.86 -57.30 25.98
CA GLU K 331 -2.47 -58.13 27.02
C GLU K 331 -1.58 -59.34 27.32
N ILE K 332 -1.01 -59.95 26.28
CA ILE K 332 -0.05 -61.02 26.49
C ILE K 332 1.18 -60.49 27.24
N ARG K 333 1.66 -59.32 26.86
CA ARG K 333 2.90 -58.78 27.41
C ARG K 333 2.80 -58.66 28.92
N SER K 334 1.69 -58.11 29.41
CA SER K 334 1.52 -57.98 30.85
C SER K 334 1.54 -59.34 31.53
N LYS K 335 0.53 -60.16 31.24
CA LYS K 335 0.31 -61.45 31.92
C LYS K 335 1.23 -62.52 31.33
N LYS K 336 2.52 -62.25 31.41
CA LYS K 336 3.58 -63.13 30.93
C LYS K 336 4.48 -63.48 32.09
N LYS K 337 4.83 -64.76 32.22
CA LYS K 337 5.48 -65.28 33.43
C LYS K 337 6.71 -64.47 33.81
N HIS K 338 7.71 -64.42 32.93
CA HIS K 338 8.91 -63.64 33.22
C HIS K 338 8.57 -62.16 33.33
N PHE K 339 7.71 -61.66 32.45
CA PHE K 339 7.31 -60.26 32.51
C PHE K 339 6.61 -59.95 33.83
N VAL K 340 5.71 -60.84 34.27
CA VAL K 340 5.01 -60.62 35.54
C VAL K 340 6.01 -60.64 36.70
N LYS K 341 6.92 -61.61 36.72
CA LYS K 341 7.86 -61.70 37.83
C LYS K 341 8.83 -60.53 37.85
N GLN K 342 9.09 -59.90 36.71
CA GLN K 342 9.90 -58.70 36.69
C GLN K 342 9.08 -57.41 36.83
N LEU K 343 7.74 -57.51 36.82
CA LEU K 343 6.91 -56.33 36.99
C LEU K 343 6.84 -55.87 38.44
N LYS K 344 6.89 -56.80 39.39
CA LYS K 344 6.72 -56.43 40.80
C LYS K 344 7.86 -55.57 41.32
N GLU K 345 9.01 -55.59 40.67
CA GLU K 345 10.15 -54.78 41.09
C GLU K 345 10.25 -53.45 40.36
N GLY K 346 9.29 -53.14 39.49
CA GLY K 346 9.31 -51.88 38.77
C GLY K 346 10.31 -51.84 37.64
N LYS K 347 10.09 -52.68 36.62
CA LYS K 347 11.05 -52.78 35.52
C LYS K 347 11.17 -51.45 34.78
N LYS K 348 10.07 -51.02 34.13
CA LYS K 348 10.06 -49.74 33.43
C LYS K 348 8.76 -49.01 33.74
N PRO K 349 8.80 -47.68 33.85
CA PRO K 349 7.55 -46.93 34.07
C PRO K 349 6.55 -47.09 32.94
N ASP K 350 7.02 -47.24 31.70
CA ASP K 350 6.10 -47.52 30.60
C ASP K 350 5.49 -48.91 30.74
N LEU K 351 6.29 -49.89 31.18
CA LEU K 351 5.81 -51.26 31.35
C LEU K 351 4.79 -51.40 32.48
N SER K 352 4.40 -50.32 33.14
CA SER K 352 3.36 -50.37 34.14
C SER K 352 2.17 -49.49 33.78
N ARG K 353 2.41 -48.22 33.41
CA ARG K 353 1.33 -47.35 32.99
C ARG K 353 0.67 -47.88 31.72
N LYS K 354 1.49 -48.29 30.75
CA LYS K 354 0.95 -48.87 29.53
C LYS K 354 0.08 -50.08 29.86
N LEU K 355 0.59 -51.00 30.66
CA LEU K 355 -0.15 -52.22 30.95
C LEU K 355 -1.44 -51.94 31.72
N GLU K 356 -1.41 -51.05 32.71
CA GLU K 356 -2.61 -50.79 33.51
C GLU K 356 -3.68 -50.10 32.68
N ILE K 357 -3.31 -49.05 31.93
CA ILE K 357 -4.31 -48.39 31.11
C ILE K 357 -4.77 -49.30 29.98
N LEU K 358 -3.89 -50.18 29.50
CA LEU K 358 -4.29 -51.10 28.45
C LEU K 358 -5.24 -52.17 28.97
N LYS K 359 -5.10 -52.57 30.24
CA LYS K 359 -6.09 -53.48 30.82
C LYS K 359 -7.43 -52.80 31.00
N GLU K 360 -7.42 -51.59 31.55
CA GLU K 360 -8.71 -50.91 31.74
C GLU K 360 -9.38 -50.64 30.40
N ILE K 361 -8.60 -50.32 29.37
CA ILE K 361 -9.24 -50.13 28.07
C ILE K 361 -9.55 -51.45 27.39
N LYS K 362 -8.90 -52.56 27.78
CA LYS K 362 -9.37 -53.86 27.33
C LYS K 362 -10.77 -54.11 27.87
N ALA K 363 -10.99 -53.74 29.13
CA ALA K 363 -12.34 -53.82 29.70
C ALA K 363 -13.31 -52.90 28.97
N GLU K 364 -12.88 -51.67 28.69
CA GLU K 364 -13.76 -50.67 28.06
C GLU K 364 -13.87 -50.82 26.55
N LEU K 365 -13.08 -51.70 25.94
CA LEU K 365 -13.01 -51.89 24.51
C LEU K 365 -13.54 -53.25 24.05
N LYS K 366 -13.39 -54.29 24.86
CA LYS K 366 -14.19 -55.48 24.64
C LYS K 366 -15.66 -55.19 24.86
N ASN K 367 -15.97 -54.18 25.68
CA ASN K 367 -17.33 -53.63 25.71
C ASN K 367 -17.69 -53.03 24.35
N ALA K 368 -16.73 -52.40 23.68
CA ALA K 368 -16.99 -51.80 22.38
C ALA K 368 -17.42 -52.85 21.37
N VAL K 369 -18.33 -52.47 20.49
CA VAL K 369 -18.88 -53.37 19.49
C VAL K 369 -17.98 -53.40 18.27
N LYS K 370 -18.17 -54.42 17.43
CA LYS K 370 -17.39 -54.54 16.21
C LYS K 370 -17.66 -53.39 15.23
N SER K 371 -18.82 -52.75 15.36
CA SER K 371 -19.06 -51.52 14.60
C SER K 371 -18.26 -50.35 15.17
N GLU K 372 -17.99 -50.38 16.48
CA GLU K 372 -17.14 -49.38 17.13
C GLU K 372 -15.67 -49.73 17.05
N LYS K 373 -15.33 -50.93 16.61
CA LYS K 373 -13.92 -51.33 16.53
C LYS K 373 -13.15 -50.41 15.59
N ASP K 374 -13.74 -50.07 14.44
CA ASP K 374 -13.10 -49.14 13.53
C ASP K 374 -12.98 -47.74 14.12
N GLU K 375 -14.04 -47.25 14.75
CA GLU K 375 -14.07 -45.86 15.21
C GLU K 375 -13.17 -45.65 16.43
N LEU K 376 -12.96 -46.69 17.23
CA LEU K 376 -12.15 -46.52 18.43
C LEU K 376 -10.70 -46.16 18.09
N LEU K 377 -10.19 -46.60 16.94
CA LEU K 377 -8.83 -46.22 16.55
C LEU K 377 -8.70 -44.71 16.36
N PHE K 378 -9.58 -44.15 15.52
CA PHE K 378 -9.53 -42.72 15.25
C PHE K 378 -9.98 -41.89 16.43
N SER K 379 -10.71 -42.48 17.39
CA SER K 379 -11.08 -41.72 18.58
C SER K 379 -9.97 -41.74 19.62
N LEU K 380 -9.28 -42.87 19.77
CA LEU K 380 -8.30 -43.09 20.82
C LEU K 380 -6.87 -42.93 20.34
N TYR K 381 -6.66 -42.42 19.12
CA TYR K 381 -5.31 -42.09 18.69
C TYR K 381 -4.63 -41.10 19.65
N ASP K 382 -5.42 -40.29 20.36
CA ASP K 382 -4.84 -39.30 21.27
C ASP K 382 -4.08 -39.97 22.42
N LYS K 383 -4.72 -40.88 23.13
CA LYS K 383 -4.04 -41.63 24.18
C LYS K 383 -3.24 -42.79 23.63
N TRP K 384 -3.38 -43.09 22.35
CA TRP K 384 -2.64 -44.19 21.74
C TRP K 384 -1.20 -43.82 21.47
N VAL K 385 -0.90 -42.51 21.39
CA VAL K 385 0.47 -42.06 21.17
C VAL K 385 1.39 -42.44 22.32
N PRO K 386 1.06 -42.18 23.60
CA PRO K 386 1.98 -42.54 24.68
C PRO K 386 2.19 -44.04 24.82
N LEU K 387 1.34 -44.85 24.21
CA LEU K 387 1.51 -46.30 24.29
C LEU K 387 2.81 -46.73 23.64
N PHE K 388 3.08 -46.24 22.43
CA PHE K 388 4.19 -46.72 21.62
C PHE K 388 5.50 -46.15 22.15
N GLU K 389 5.98 -46.76 23.25
CA GLU K 389 7.32 -46.48 23.76
C GLU K 389 8.22 -47.70 23.67
N GLY K 390 7.82 -48.82 24.28
CA GLY K 390 8.53 -50.07 24.08
C GLY K 390 8.44 -50.56 22.65
N GLU K 391 7.31 -50.30 22.00
CA GLU K 391 7.18 -50.50 20.56
C GLU K 391 7.87 -49.34 19.87
N LEU K 392 7.65 -49.20 18.57
CA LEU K 392 8.39 -48.23 17.77
C LEU K 392 8.24 -46.82 18.37
N PRO K 393 9.28 -45.99 18.29
CA PRO K 393 9.19 -44.63 18.86
C PRO K 393 8.12 -43.76 18.20
N ASP K 394 7.58 -44.17 17.03
CA ASP K 394 6.49 -43.47 16.39
C ASP K 394 5.40 -44.46 15.98
N GLN K 395 4.20 -43.94 15.82
CA GLN K 395 3.08 -44.74 15.36
C GLN K 395 3.29 -45.14 13.90
N PRO K 396 2.82 -46.33 13.51
CA PRO K 396 2.82 -46.67 12.08
C PRO K 396 2.00 -45.70 11.26
N LEU K 397 1.00 -45.07 11.88
CA LEU K 397 0.30 -43.92 11.33
C LEU K 397 0.64 -42.75 12.27
N ALA K 398 1.76 -42.09 12.00
CA ALA K 398 2.19 -40.96 12.82
C ALA K 398 2.43 -39.74 11.95
N ASN K 399 2.99 -38.67 12.53
CA ASN K 399 3.26 -37.45 11.79
C ASN K 399 4.64 -37.53 11.18
N PRO K 400 4.79 -37.62 9.86
CA PRO K 400 6.13 -37.56 9.27
C PRO K 400 6.84 -36.25 9.56
N PHE K 401 6.11 -35.15 9.66
CA PHE K 401 6.69 -33.82 9.75
C PHE K 401 6.96 -33.43 11.21
N SER K 402 7.55 -34.37 11.93
CA SER K 402 8.05 -34.09 13.28
C SER K 402 9.39 -34.78 13.51
N GLU K 403 10.05 -35.28 12.47
CA GLU K 403 11.26 -36.09 12.58
C GLU K 403 12.46 -35.31 12.07
N ARG K 404 13.61 -35.50 12.71
CA ARG K 404 14.86 -34.98 12.18
C ARG K 404 15.63 -35.99 11.35
N LEU K 405 15.18 -37.26 11.32
CA LEU K 405 15.80 -38.25 10.45
C LEU K 405 15.13 -38.30 9.09
N TYR K 406 13.80 -38.26 9.05
CA TYR K 406 13.08 -38.21 7.79
C TYR K 406 12.80 -36.77 7.37
N LYS K 407 13.86 -35.96 7.39
CA LYS K 407 13.75 -34.56 7.00
C LYS K 407 14.59 -34.26 5.77
N LEU K 408 15.86 -34.62 5.76
CA LEU K 408 16.69 -34.39 4.58
C LEU K 408 16.22 -35.23 3.41
N ARG K 409 15.97 -36.52 3.65
CA ARG K 409 15.66 -37.45 2.57
C ARG K 409 14.18 -37.49 2.24
N LEU K 410 13.34 -36.70 2.90
CA LEU K 410 11.92 -36.71 2.65
C LEU K 410 11.55 -35.69 1.57
N GLN K 411 10.67 -36.11 0.66
CA GLN K 411 10.06 -35.21 -0.31
C GLN K 411 8.56 -35.17 -0.06
N GLU K 412 8.01 -33.96 0.04
CA GLU K 412 6.69 -33.76 0.59
C GLU K 412 5.65 -33.31 -0.42
N PHE K 413 6.06 -32.80 -1.57
CA PHE K 413 5.09 -32.45 -2.60
C PHE K 413 4.53 -33.69 -3.28
N PHE K 414 5.21 -34.83 -3.14
CA PHE K 414 4.73 -36.09 -3.68
C PHE K 414 3.33 -36.38 -3.15
N LEU K 415 2.45 -36.82 -4.04
CA LEU K 415 1.06 -37.04 -3.65
C LEU K 415 0.55 -38.44 -3.95
N GLY K 416 1.36 -39.32 -4.49
CA GLY K 416 0.93 -40.68 -4.76
C GLY K 416 1.67 -41.29 -5.93
N ARG K 417 1.70 -42.61 -5.94
CA ARG K 417 2.36 -43.37 -6.99
C ARG K 417 1.37 -44.32 -7.64
N VAL K 418 1.49 -44.50 -8.94
CA VAL K 418 0.61 -45.37 -9.70
C VAL K 418 1.43 -46.27 -10.62
N PRO K 419 1.11 -47.56 -10.69
CA PRO K 419 1.87 -48.45 -11.57
C PRO K 419 1.71 -48.09 -13.04
N HIS K 420 2.76 -48.37 -13.81
CA HIS K 420 2.81 -48.19 -15.26
C HIS K 420 2.58 -46.76 -15.73
N ILE K 421 2.48 -45.80 -14.83
CA ILE K 421 2.28 -44.43 -15.25
C ILE K 421 3.40 -43.55 -14.72
N GLY K 422 3.52 -43.47 -13.40
CA GLY K 422 4.52 -42.65 -12.76
C GLY K 422 4.02 -42.17 -11.41
N ASP K 423 4.35 -40.92 -11.09
CA ASP K 423 4.02 -40.32 -9.80
C ASP K 423 3.23 -39.04 -10.02
N PHE K 424 2.48 -38.64 -9.00
CA PHE K 424 1.74 -37.38 -9.00
C PHE K 424 2.33 -36.50 -7.91
N TYR K 425 2.99 -35.42 -8.31
CA TYR K 425 3.60 -34.47 -7.40
C TYR K 425 2.73 -33.24 -7.28
N MET K 426 2.71 -32.66 -6.08
CA MET K 426 1.81 -31.58 -5.71
C MET K 426 2.64 -30.45 -5.12
N PRO K 427 3.42 -29.75 -5.95
CA PRO K 427 4.35 -28.74 -5.40
C PRO K 427 3.57 -27.58 -4.83
N ARG K 428 3.48 -27.48 -3.51
CA ARG K 428 2.62 -26.45 -2.95
C ARG K 428 3.39 -25.41 -2.13
N LEU K 429 4.09 -25.77 -1.07
CA LEU K 429 4.81 -24.74 -0.33
C LEU K 429 5.69 -25.37 0.76
N HIS K 430 6.22 -24.48 1.59
CA HIS K 430 6.91 -24.82 2.82
C HIS K 430 5.97 -25.40 3.89
N SER K 431 6.46 -26.43 4.60
CA SER K 431 5.76 -26.98 5.75
C SER K 431 6.71 -27.45 6.86
N TYR K 432 7.87 -26.82 7.03
CA TYR K 432 8.88 -27.35 7.95
C TYR K 432 9.24 -26.32 9.00
N GLY K 433 8.81 -26.55 10.24
CA GLY K 433 9.14 -25.63 11.32
C GLY K 433 8.19 -24.46 11.34
N ASP K 434 8.30 -23.58 10.36
CA ASP K 434 7.39 -22.46 10.24
C ASP K 434 6.31 -22.77 9.21
N SER K 435 5.20 -22.03 9.29
CA SER K 435 4.02 -22.24 8.47
C SER K 435 3.47 -23.66 8.63
N LEU K 436 3.36 -24.09 9.88
CA LEU K 436 2.70 -25.35 10.23
C LEU K 436 1.32 -25.14 10.83
N GLU K 437 0.86 -23.90 10.87
CA GLU K 437 -0.40 -23.60 11.53
C GLU K 437 -1.58 -24.29 10.85
N MET K 438 -1.74 -24.07 9.56
CA MET K 438 -2.72 -24.79 8.76
C MET K 438 -2.08 -25.71 7.72
N SER K 439 -0.83 -26.11 7.93
CA SER K 439 -0.16 -27.01 7.01
C SER K 439 -0.98 -28.25 6.73
N THR K 440 -1.33 -28.47 5.46
CA THR K 440 -1.94 -29.74 5.09
C THR K 440 -0.95 -30.89 5.13
N PHE K 441 0.34 -30.58 5.13
CA PHE K 441 1.36 -31.61 5.33
C PHE K 441 1.37 -32.05 6.80
N THR K 442 0.63 -33.10 7.12
CA THR K 442 0.48 -33.54 8.51
C THR K 442 -0.05 -34.97 8.53
N ASP K 443 -0.30 -35.47 9.74
CA ASP K 443 -0.80 -36.82 9.94
C ASP K 443 -2.19 -37.00 9.33
N LEU K 444 -2.48 -38.25 8.96
CA LEU K 444 -3.72 -38.58 8.28
C LEU K 444 -4.95 -38.12 9.04
N ARG K 445 -4.98 -38.37 10.35
CA ARG K 445 -6.15 -38.04 11.14
C ARG K 445 -6.48 -36.56 11.04
N ASN K 446 -5.58 -35.71 11.52
CA ASN K 446 -5.82 -34.27 11.51
C ASN K 446 -5.82 -33.69 10.11
N LEU K 447 -5.14 -34.33 9.16
CA LEU K 447 -5.25 -33.91 7.75
C LEU K 447 -6.68 -34.04 7.26
N GLN K 448 -7.27 -35.23 7.42
CA GLN K 448 -8.64 -35.43 6.98
C GLN K 448 -9.60 -34.60 7.82
N ALA K 449 -9.22 -34.34 9.07
CA ALA K 449 -10.00 -33.45 9.91
C ALA K 449 -10.10 -32.05 9.31
N LEU K 450 -8.95 -31.48 8.91
CA LEU K 450 -8.96 -30.14 8.32
C LEU K 450 -9.66 -30.12 6.98
N LEU K 451 -9.40 -31.13 6.14
CA LEU K 451 -10.14 -31.19 4.87
C LEU K 451 -11.63 -31.25 5.12
N SER K 452 -12.04 -31.95 6.18
CA SER K 452 -13.45 -31.99 6.56
C SER K 452 -13.95 -30.61 6.97
N LYS K 453 -13.21 -29.91 7.83
CA LYS K 453 -13.61 -28.55 8.17
C LYS K 453 -13.74 -27.67 6.95
N PHE K 454 -13.03 -27.98 5.87
CA PHE K 454 -13.18 -27.15 4.67
C PHE K 454 -14.18 -27.69 3.64
N LYS K 455 -14.65 -28.93 3.75
CA LYS K 455 -15.81 -29.31 2.93
C LYS K 455 -17.05 -28.55 3.38
N ASN K 456 -17.33 -28.61 4.68
CA ASN K 456 -18.38 -27.81 5.29
C ASN K 456 -17.92 -26.39 5.60
N ASN K 457 -16.67 -26.08 5.28
CA ASN K 457 -16.10 -24.73 5.33
C ASN K 457 -16.50 -24.01 6.62
N GLU K 458 -16.09 -24.59 7.74
CA GLU K 458 -16.20 -23.89 9.01
C GLU K 458 -15.20 -22.74 9.07
N TYR K 459 -14.10 -22.87 8.34
CA TYR K 459 -13.11 -21.81 8.21
C TYR K 459 -13.21 -21.22 6.82
N ASN K 460 -13.25 -19.90 6.73
CA ASN K 460 -13.35 -19.24 5.44
C ASN K 460 -12.16 -18.30 5.26
N ALA K 461 -12.17 -17.55 4.16
CA ALA K 461 -11.01 -16.77 3.76
C ALA K 461 -10.54 -15.82 4.85
N PHE K 462 -11.47 -15.20 5.59
CA PHE K 462 -11.05 -14.26 6.63
C PHE K 462 -10.30 -14.98 7.74
N THR K 463 -10.88 -16.06 8.27
CA THR K 463 -10.12 -16.90 9.19
C THR K 463 -8.93 -17.55 8.50
N LEU K 464 -9.06 -17.82 7.20
CA LEU K 464 -7.99 -18.49 6.47
C LEU K 464 -6.70 -17.64 6.47
N PHE K 465 -6.82 -16.35 6.19
CA PHE K 465 -5.64 -15.49 6.22
C PHE K 465 -5.35 -14.95 7.61
N GLU K 466 -6.31 -15.03 8.54
CA GLU K 466 -5.95 -14.79 9.93
C GLU K 466 -5.05 -15.90 10.47
N ASN K 467 -5.32 -17.15 10.07
CA ASN K 467 -4.56 -18.30 10.54
C ASN K 467 -3.34 -18.54 9.66
N ASP K 468 -2.55 -17.48 9.49
CA ASP K 468 -1.30 -17.51 8.72
C ASP K 468 -1.54 -17.88 7.27
N GLY K 469 -2.59 -17.32 6.68
CA GLY K 469 -2.81 -17.50 5.26
C GLY K 469 -1.82 -16.74 4.41
N GLN K 470 -1.26 -15.65 4.95
CA GLN K 470 -0.24 -14.91 4.22
C GLN K 470 1.10 -15.63 4.24
N SER K 471 1.36 -16.42 5.29
CA SER K 471 2.51 -17.30 5.34
C SER K 471 2.27 -18.62 4.64
N MET K 472 1.14 -18.75 3.97
CA MET K 472 0.69 -20.01 3.39
C MET K 472 0.52 -19.79 1.89
N SER K 473 0.93 -20.76 1.08
CA SER K 473 0.96 -20.56 -0.37
C SER K 473 -0.44 -20.32 -0.89
N ALA K 474 -0.61 -19.19 -1.58
CA ALA K 474 -1.93 -18.83 -2.10
C ALA K 474 -2.39 -19.80 -3.18
N GLN K 475 -1.49 -20.22 -4.06
CA GLN K 475 -1.87 -20.99 -5.23
C GLN K 475 -1.09 -22.29 -5.32
N PHE K 476 -1.21 -23.00 -6.44
CA PHE K 476 -0.68 -24.35 -6.56
C PHE K 476 -0.68 -24.77 -8.03
N LYS K 477 -0.10 -25.93 -8.28
CA LYS K 477 -0.23 -26.65 -9.53
C LYS K 477 -0.01 -28.14 -9.26
N LEU K 478 -0.37 -28.98 -10.23
CA LEU K 478 -0.31 -30.42 -10.08
C LEU K 478 0.46 -31.02 -11.24
N PHE K 479 1.39 -31.92 -10.94
CA PHE K 479 2.31 -32.43 -11.95
C PHE K 479 2.34 -33.95 -11.94
N TYR K 480 2.65 -34.52 -13.10
CA TYR K 480 2.86 -35.95 -13.25
C TYR K 480 4.30 -36.18 -13.69
N HIS K 481 5.02 -37.00 -12.95
CA HIS K 481 6.42 -37.28 -13.21
C HIS K 481 6.54 -38.71 -13.72
N ASP K 482 7.05 -38.87 -14.94
CA ASP K 482 7.12 -40.17 -15.59
C ASP K 482 8.37 -40.89 -15.10
N THR K 483 8.27 -41.42 -13.90
CA THR K 483 9.37 -42.21 -13.34
C THR K 483 9.78 -43.39 -14.22
N PRO K 484 8.87 -44.18 -14.81
CA PRO K 484 9.33 -45.35 -15.57
C PRO K 484 10.19 -45.01 -16.77
N SER K 485 9.79 -44.02 -17.57
CA SER K 485 10.54 -43.71 -18.77
C SER K 485 11.96 -43.24 -18.42
N LEU K 486 12.08 -42.36 -17.43
CA LEU K 486 13.41 -41.84 -17.08
C LEU K 486 14.27 -42.91 -16.41
N ALA K 487 13.66 -43.73 -15.55
CA ALA K 487 14.42 -44.81 -14.93
C ALA K 487 14.96 -45.77 -15.99
N HIS K 488 14.12 -46.14 -16.95
CA HIS K 488 14.60 -47.02 -18.00
C HIS K 488 15.65 -46.34 -18.87
N ASP K 489 15.47 -45.05 -19.18
CA ASP K 489 16.46 -44.36 -20.01
C ASP K 489 17.82 -44.33 -19.32
N VAL K 490 17.82 -44.16 -18.00
CA VAL K 490 19.08 -44.24 -17.25
C VAL K 490 19.64 -45.66 -17.33
N ALA K 491 18.79 -46.67 -17.12
CA ALA K 491 19.28 -48.04 -17.06
C ALA K 491 19.67 -48.60 -18.43
N ARG K 492 19.31 -47.92 -19.52
CA ARG K 492 19.41 -48.50 -20.85
C ARG K 492 20.38 -47.78 -21.79
N GLY K 493 20.92 -46.63 -21.39
CA GLY K 493 21.83 -45.93 -22.29
C GLY K 493 21.72 -44.42 -22.30
N ARG K 494 20.89 -43.85 -21.43
CA ARG K 494 20.86 -42.40 -21.18
C ARG K 494 20.61 -41.62 -22.47
N ASN K 495 19.39 -41.81 -23.01
CA ASN K 495 19.00 -41.04 -24.19
C ASN K 495 18.83 -39.55 -23.89
N THR K 496 18.83 -39.14 -22.62
CA THR K 496 18.43 -37.80 -22.25
C THR K 496 19.60 -36.82 -22.27
N SER K 497 19.37 -35.68 -22.91
CA SER K 497 20.21 -34.49 -22.78
C SER K 497 19.29 -33.30 -22.54
N GLY K 498 18.08 -33.38 -23.10
CA GLY K 498 17.07 -32.36 -22.89
C GLY K 498 15.65 -32.90 -22.88
N LYS K 499 15.49 -34.20 -22.66
CA LYS K 499 14.17 -34.81 -22.74
C LYS K 499 13.30 -34.37 -21.56
N VAL K 500 11.99 -34.58 -21.71
CA VAL K 500 11.00 -34.12 -20.75
C VAL K 500 10.44 -35.32 -20.01
N TYR K 501 10.27 -35.17 -18.69
CA TYR K 501 9.65 -36.18 -17.86
C TYR K 501 8.59 -35.62 -16.93
N TRP K 502 8.31 -34.32 -16.98
CA TRP K 502 7.29 -33.69 -16.18
C TRP K 502 6.15 -33.22 -17.07
N TYR K 503 4.93 -33.36 -16.58
CA TYR K 503 3.77 -32.85 -17.29
C TYR K 503 2.83 -32.17 -16.32
N GLU K 504 2.13 -31.15 -16.81
CA GLU K 504 1.23 -30.37 -16.00
C GLU K 504 -0.19 -30.83 -16.19
N LEU K 505 -0.95 -30.87 -15.11
CA LEU K 505 -2.32 -31.36 -15.13
C LEU K 505 -3.33 -30.24 -14.93
N CYS K 506 -3.24 -29.52 -13.82
CA CYS K 506 -4.28 -28.59 -13.45
C CYS K 506 -3.70 -27.50 -12.55
N HIS K 507 -3.93 -26.25 -12.89
CA HIS K 507 -3.37 -25.13 -12.16
C HIS K 507 -4.35 -24.48 -11.20
N ASP K 508 -5.64 -24.58 -11.45
CA ASP K 508 -6.64 -23.96 -10.59
C ASP K 508 -7.81 -24.92 -10.41
N SER K 509 -8.89 -24.41 -9.81
CA SER K 509 -9.99 -25.27 -9.43
C SER K 509 -10.67 -25.88 -10.64
N ALA K 510 -11.01 -25.08 -11.64
CA ALA K 510 -11.76 -25.57 -12.78
C ALA K 510 -11.00 -26.69 -13.48
N THR K 511 -9.70 -26.47 -13.71
CA THR K 511 -8.88 -27.51 -14.30
C THR K 511 -8.72 -28.69 -13.35
N LEU K 512 -8.77 -28.45 -12.04
CA LEU K 512 -8.73 -29.55 -11.08
C LEU K 512 -9.94 -30.46 -11.25
N LEU K 513 -11.13 -29.87 -11.38
CA LEU K 513 -12.34 -30.66 -11.57
C LEU K 513 -12.35 -31.32 -12.94
N GLU K 514 -11.82 -30.65 -13.96
CA GLU K 514 -11.66 -31.29 -15.26
C GLU K 514 -10.76 -32.52 -15.16
N PHE K 515 -9.67 -32.41 -14.41
CA PHE K 515 -8.80 -33.57 -14.24
C PHE K 515 -9.46 -34.66 -13.42
N LEU K 516 -10.26 -34.29 -12.42
CA LEU K 516 -11.02 -35.32 -11.70
C LEU K 516 -11.95 -36.05 -12.64
N GLU K 517 -12.66 -35.30 -13.49
CA GLU K 517 -13.57 -35.90 -14.45
C GLU K 517 -12.84 -36.86 -15.39
N PHE K 518 -11.65 -36.46 -15.85
CA PHE K 518 -10.92 -37.32 -16.78
C PHE K 518 -10.29 -38.51 -16.06
N LEU K 519 -9.82 -38.32 -14.84
CA LEU K 519 -9.13 -39.38 -14.11
C LEU K 519 -10.08 -40.45 -13.60
N ASP K 520 -11.30 -40.07 -13.21
CA ASP K 520 -12.27 -41.08 -12.81
C ASP K 520 -12.52 -42.07 -13.94
N TYR K 521 -12.38 -41.62 -15.19
CA TYR K 521 -12.47 -42.53 -16.32
C TYR K 521 -11.32 -43.54 -16.31
N LYS K 522 -10.13 -43.10 -15.92
CA LYS K 522 -9.04 -44.05 -15.68
C LYS K 522 -9.41 -45.01 -14.57
N ILE K 523 -10.10 -44.51 -13.54
CA ILE K 523 -10.53 -45.38 -12.45
C ILE K 523 -11.56 -46.39 -12.92
N VAL K 524 -12.17 -46.17 -14.08
CA VAL K 524 -13.07 -47.15 -14.67
C VAL K 524 -12.26 -48.40 -15.02
N LYS K 525 -12.56 -49.51 -14.35
CA LYS K 525 -11.89 -50.75 -14.65
C LYS K 525 -12.24 -51.21 -16.07
N PRO K 526 -11.37 -51.98 -16.70
CA PRO K 526 -11.63 -52.38 -18.09
C PRO K 526 -12.78 -53.37 -18.21
N GLN K 527 -14.02 -52.89 -18.29
CA GLN K 527 -15.09 -53.78 -18.73
C GLN K 527 -14.95 -54.07 -20.21
N ASP K 528 -14.19 -53.23 -20.93
CA ASP K 528 -13.77 -53.47 -22.31
C ASP K 528 -12.85 -54.68 -22.43
N GLU K 529 -12.34 -55.18 -21.31
CA GLU K 529 -11.79 -56.54 -21.28
C GLU K 529 -12.82 -57.54 -21.79
N LYS K 530 -14.04 -57.46 -21.28
CA LYS K 530 -15.17 -58.22 -21.81
C LYS K 530 -16.02 -57.30 -22.68
N LYS K 531 -15.45 -56.90 -23.82
CA LYS K 531 -16.06 -55.90 -24.67
C LYS K 531 -17.00 -56.53 -25.69
N GLU K 532 -17.45 -55.72 -26.65
CA GLU K 532 -18.35 -56.16 -27.72
C GLU K 532 -19.62 -56.79 -27.16
N THR K 553 -12.58 -45.46 -22.38
CA THR K 553 -13.73 -45.45 -21.49
C THR K 553 -14.86 -44.63 -22.10
N THR K 554 -14.51 -43.81 -23.10
CA THR K 554 -15.46 -42.97 -23.81
C THR K 554 -15.08 -43.01 -25.29
N ASP K 555 -15.66 -42.09 -26.06
CA ASP K 555 -15.45 -42.06 -27.50
C ASP K 555 -14.37 -41.04 -27.87
N ASN K 556 -13.85 -41.19 -29.10
CA ASN K 556 -12.78 -40.32 -29.63
C ASN K 556 -11.55 -40.33 -28.72
N ASN K 557 -11.24 -41.50 -28.17
CA ASN K 557 -10.12 -41.65 -27.25
C ASN K 557 -8.77 -41.84 -27.94
N PRO K 558 -8.66 -42.68 -29.00
CA PRO K 558 -7.35 -42.83 -29.66
C PRO K 558 -6.83 -41.55 -30.30
N SER K 559 -7.56 -40.45 -30.15
CA SER K 559 -7.25 -39.20 -30.84
C SER K 559 -6.91 -38.06 -29.90
N ILE K 560 -7.56 -37.95 -28.73
CA ILE K 560 -7.28 -36.81 -27.86
C ILE K 560 -6.92 -37.26 -26.45
N ASN K 561 -7.41 -38.42 -26.01
CA ASN K 561 -7.10 -38.90 -24.67
C ASN K 561 -7.41 -40.40 -24.57
N THR K 562 -6.37 -41.21 -24.36
CA THR K 562 -6.50 -42.67 -24.37
C THR K 562 -7.20 -43.10 -23.07
N ASN K 563 -8.52 -42.92 -23.05
CA ASN K 563 -9.30 -43.34 -21.90
C ASN K 563 -9.25 -44.84 -21.64
N PRO K 564 -9.43 -45.73 -22.63
CA PRO K 564 -9.45 -47.16 -22.31
C PRO K 564 -8.05 -47.70 -22.04
N LEU K 565 -7.75 -47.96 -20.77
CA LEU K 565 -6.49 -48.59 -20.43
C LEU K 565 -6.46 -50.00 -21.04
N PRO K 566 -5.28 -50.48 -21.42
CA PRO K 566 -5.20 -51.80 -22.07
C PRO K 566 -5.92 -52.87 -21.27
N LYS K 567 -6.82 -53.58 -21.94
CA LYS K 567 -7.71 -54.51 -21.26
C LYS K 567 -6.91 -55.67 -20.67
N ASP K 568 -6.75 -55.65 -19.34
CA ASP K 568 -6.04 -56.68 -18.60
C ASP K 568 -6.24 -56.38 -17.12
N ALA K 569 -5.64 -57.20 -16.26
CA ALA K 569 -5.80 -57.09 -14.82
C ALA K 569 -4.64 -56.38 -14.14
N LYS K 570 -3.83 -55.64 -14.89
CA LYS K 570 -2.67 -54.97 -14.30
C LYS K 570 -3.06 -53.75 -13.47
N TYR K 571 -4.10 -53.02 -13.87
CA TYR K 571 -4.41 -51.71 -13.30
C TYR K 571 -5.37 -51.78 -12.13
N ASN K 572 -5.75 -52.98 -11.68
CA ASN K 572 -6.76 -53.11 -10.64
C ASN K 572 -6.30 -52.47 -9.33
N THR K 573 -5.11 -52.83 -8.84
CA THR K 573 -4.57 -52.12 -7.69
C THR K 573 -4.19 -50.68 -8.05
N ALA K 574 -3.74 -50.48 -9.29
CA ALA K 574 -3.49 -49.13 -9.76
C ALA K 574 -4.77 -48.31 -9.71
N ARG K 575 -5.90 -48.92 -10.04
CA ARG K 575 -7.17 -48.20 -9.98
C ARG K 575 -7.68 -48.03 -8.56
N LYS K 576 -7.36 -48.93 -7.64
CA LYS K 576 -7.67 -48.65 -6.24
C LYS K 576 -6.92 -47.41 -5.76
N LYS K 577 -5.62 -47.35 -6.09
CA LYS K 577 -4.84 -46.17 -5.75
C LYS K 577 -5.38 -44.92 -6.46
N LEU K 578 -5.81 -45.07 -7.71
CA LEU K 578 -6.40 -43.95 -8.44
C LEU K 578 -7.69 -43.49 -7.78
N GLN K 579 -8.46 -44.45 -7.25
CA GLN K 579 -9.67 -44.09 -6.51
C GLN K 579 -9.32 -43.28 -5.28
N ILE K 580 -8.27 -43.68 -4.56
CA ILE K 580 -7.87 -42.93 -3.37
C ILE K 580 -7.31 -41.56 -3.75
N LEU K 581 -6.58 -41.48 -4.87
CA LEU K 581 -6.09 -40.18 -5.34
C LEU K 581 -7.25 -39.27 -5.73
N LYS K 582 -8.27 -39.82 -6.39
CA LYS K 582 -9.46 -39.04 -6.70
C LYS K 582 -10.12 -38.55 -5.41
N GLU K 583 -10.21 -39.43 -4.42
CA GLU K 583 -10.77 -39.02 -3.12
C GLU K 583 -9.96 -37.87 -2.53
N PHE K 584 -8.64 -38.02 -2.49
CA PHE K 584 -7.79 -37.01 -1.86
C PHE K 584 -7.86 -35.69 -2.61
N LEU K 585 -7.92 -35.75 -3.95
CA LEU K 585 -7.96 -34.52 -4.73
C LEU K 585 -9.30 -33.82 -4.60
N SER K 586 -10.40 -34.58 -4.56
CA SER K 586 -11.70 -33.98 -4.30
C SER K 586 -11.78 -33.40 -2.89
N ASP K 587 -11.11 -34.05 -1.93
CA ASP K 587 -11.05 -33.51 -0.57
C ASP K 587 -10.22 -32.24 -0.54
N TYR K 588 -9.14 -32.20 -1.33
CA TYR K 588 -8.33 -30.99 -1.45
C TYR K 588 -9.13 -29.86 -2.09
N TYR K 589 -9.91 -30.16 -3.12
CA TYR K 589 -10.58 -29.18 -3.95
C TYR K 589 -11.21 -28.06 -3.11
N PHE K 590 -11.80 -28.42 -1.97
CA PHE K 590 -12.37 -27.41 -1.08
C PHE K 590 -11.31 -26.43 -0.59
N ILE K 591 -10.29 -26.92 0.12
CA ILE K 591 -9.26 -26.03 0.67
C ILE K 591 -8.48 -25.32 -0.44
N LEU K 592 -8.30 -25.98 -1.59
CA LEU K 592 -7.53 -25.37 -2.66
C LEU K 592 -8.28 -24.20 -3.30
N ARG K 593 -9.55 -24.39 -3.64
CA ARG K 593 -10.30 -23.23 -4.11
C ARG K 593 -10.49 -22.22 -2.99
N GLN K 594 -10.45 -22.66 -1.73
CA GLN K 594 -10.49 -21.73 -0.61
C GLN K 594 -9.32 -20.75 -0.66
N PHE K 595 -8.10 -21.28 -0.79
CA PHE K 595 -6.96 -20.37 -0.95
C PHE K 595 -7.04 -19.57 -2.24
N GLU K 596 -7.46 -20.23 -3.33
CA GLU K 596 -7.52 -19.54 -4.61
C GLU K 596 -8.53 -18.40 -4.62
N GLN K 597 -9.46 -18.39 -3.67
CA GLN K 597 -10.33 -17.24 -3.54
C GLN K 597 -9.89 -16.30 -2.43
N MET K 598 -9.27 -16.82 -1.37
CA MET K 598 -8.76 -15.95 -0.32
C MET K 598 -7.72 -14.99 -0.85
N LYS K 599 -6.84 -15.47 -1.72
CA LYS K 599 -5.83 -14.57 -2.29
C LYS K 599 -6.49 -13.43 -3.02
N VAL K 600 -7.50 -13.74 -3.85
CA VAL K 600 -8.19 -12.70 -4.60
C VAL K 600 -8.88 -11.73 -3.66
N GLN K 601 -9.50 -12.25 -2.60
CA GLN K 601 -10.18 -11.39 -1.63
C GLN K 601 -9.20 -10.50 -0.89
N PHE K 602 -8.08 -11.06 -0.44
CA PHE K 602 -7.15 -10.37 0.47
C PHE K 602 -5.71 -10.53 0.01
N ALA K 603 -5.46 -10.21 -1.27
CA ALA K 603 -4.09 -10.23 -1.78
C ALA K 603 -3.21 -9.23 -1.04
N ASP K 604 -3.72 -8.03 -0.82
CA ASP K 604 -2.98 -7.02 -0.07
C ASP K 604 -3.30 -7.12 1.41
N MET K 605 -2.29 -6.81 2.23
CA MET K 605 -2.55 -6.56 3.64
C MET K 605 -3.42 -5.31 3.75
N LYS K 606 -4.65 -5.47 4.22
CA LYS K 606 -5.63 -4.39 4.19
C LYS K 606 -6.42 -4.38 5.48
N PRO K 607 -6.97 -3.24 5.87
CA PRO K 607 -7.78 -3.19 7.09
C PRO K 607 -9.13 -3.86 6.92
N GLY K 608 -9.14 -5.19 7.03
CA GLY K 608 -10.36 -5.97 6.90
C GLY K 608 -11.40 -5.71 7.97
N LYS K 609 -11.06 -4.92 8.99
CA LYS K 609 -12.07 -4.50 9.95
C LYS K 609 -13.19 -3.75 9.25
N ARG K 610 -12.85 -2.86 8.31
CA ARG K 610 -13.87 -2.20 7.51
C ARG K 610 -14.58 -3.18 6.58
N GLN K 611 -13.86 -4.20 6.10
CA GLN K 611 -14.49 -5.19 5.23
C GLN K 611 -15.58 -5.95 5.95
N LEU K 612 -15.35 -6.34 7.21
CA LEU K 612 -16.39 -6.97 7.99
C LEU K 612 -17.43 -5.95 8.45
N ARG K 613 -17.03 -4.68 8.54
CA ARG K 613 -18.00 -3.61 8.80
C ARG K 613 -18.97 -3.48 7.65
N ARG K 614 -18.56 -3.84 6.43
CA ARG K 614 -19.52 -3.94 5.32
C ARG K 614 -20.66 -4.89 5.69
N ILE K 615 -20.32 -6.10 6.12
CA ILE K 615 -21.34 -7.11 6.37
C ILE K 615 -22.20 -6.72 7.56
N GLN K 616 -21.58 -6.20 8.62
CA GLN K 616 -22.37 -5.78 9.78
C GLN K 616 -23.23 -4.57 9.44
N ARG K 617 -22.79 -3.74 8.50
CA ARG K 617 -23.53 -2.54 8.13
C ARG K 617 -24.77 -2.88 7.29
N GLN K 618 -24.62 -3.79 6.35
CA GLN K 618 -25.72 -4.17 5.46
C GLN K 618 -26.85 -4.83 6.24
#